data_2IDB
#
_entry.id   2IDB
#
_cell.length_a   194.295
_cell.length_b   194.295
_cell.length_c   106.051
_cell.angle_alpha   90.00
_cell.angle_beta   90.00
_cell.angle_gamma   90.00
#
_symmetry.space_group_name_H-M   'P 43 21 2'
#
loop_
_entity.id
_entity.type
_entity.pdbx_description
1 polymer '3-octaprenyl-4-hydroxybenzoate carboxy-lyase'
2 non-polymer 'PENTAETHYLENE GLYCOL'
3 non-polymer 1,2-ETHANEDIOL
4 water water
#
_entity_poly.entity_id   1
_entity_poly.type   'polypeptide(L)'
_entity_poly.pdbx_seq_one_letter_code
;(MSE)DA(MSE)KYNDLRDFLTLLEQQGELKRITLPVDPHLEITEIADRTLRAGGPALLFENPKGYS(MSE)PVLCNLFG
TPKRVA(MSE)G(MSE)GQEDVSALREVGKLLAFLKEPEPPKGFRDLFDKLPQFKQVLN(MSE)PTKRLRGAPCQQKIVS
GDDVDLNRIPI(MSE)TCWPEDAAPLITWGLTVTRGPHKERQNLGIYRQQLIGKNKLI(MSE)RWLSHRGGALDYQEWCA
AHPGERFPVSVALGADPATILGAVTPVPDTLSEYAFAGLLRGTKTEVVKCISNDLEVPASAEIVLEGYIEQGETAPEGPY
GDHTGYYNEVDSFPVFTVTHITQREDAIYHSTYTGRPPDEPAVLGVALNEVFVPILQKQFPEIVDFYLPPEGCSYRLAVV
TIKKQYAGHAKRV(MSE)(MSE)GVWSFLRQF(MSE)YTKFVIVCDDDVNARDWNDVIWAITTR(MSE)DPARDTVLVEN
TPIDYLDFASPVSGLGSK(MSE)GLDATNKWPGETQREWGRPIKKDPDVVAHIDAIWDELAIFNNGKSALEHHHHHH
;
_entity_poly.pdbx_strand_id   A,B,C
#
loop_
_chem_comp.id
_chem_comp.type
_chem_comp.name
_chem_comp.formula
1PE non-polymer 'PENTAETHYLENE GLYCOL' 'C10 H22 O6'
EDO non-polymer 1,2-ETHANEDIOL 'C2 H6 O2'
#
# COMPACT_ATOMS: atom_id res chain seq x y z
N TYR A 6 34.25 20.86 -25.71
CA TYR A 6 35.58 21.18 -25.08
C TYR A 6 35.84 22.65 -24.72
N ASN A 7 35.77 23.56 -25.68
CA ASN A 7 35.99 24.97 -25.37
C ASN A 7 34.67 25.69 -25.08
N ASP A 8 33.66 25.42 -25.91
CA ASP A 8 32.36 26.03 -25.72
C ASP A 8 31.23 25.06 -26.02
N LEU A 9 30.00 25.46 -25.75
CA LEU A 9 28.84 24.61 -25.99
C LEU A 9 28.78 24.08 -27.40
N ARG A 10 29.01 24.95 -28.38
CA ARG A 10 28.95 24.59 -29.79
C ARG A 10 29.80 23.37 -30.04
N ASP A 11 31.02 23.38 -29.54
CA ASP A 11 31.90 22.27 -29.74
C ASP A 11 31.37 21.03 -29.06
N PHE A 12 30.70 21.18 -27.93
CA PHE A 12 30.16 20.02 -27.23
C PHE A 12 29.04 19.38 -28.05
N LEU A 13 28.25 20.21 -28.73
CA LEU A 13 27.15 19.69 -29.52
C LEU A 13 27.60 19.04 -30.82
N THR A 14 28.69 19.51 -31.39
CA THR A 14 29.17 18.92 -32.63
C THR A 14 29.72 17.54 -32.29
N LEU A 15 30.31 17.43 -31.10
CA LEU A 15 30.87 16.18 -30.60
C LEU A 15 29.75 15.18 -30.37
N LEU A 16 28.72 15.62 -29.66
CA LEU A 16 27.58 14.77 -29.36
C LEU A 16 26.86 14.35 -30.63
N GLU A 17 26.68 15.28 -31.55
CA GLU A 17 25.98 14.96 -32.79
C GLU A 17 26.71 13.90 -33.60
N GLN A 18 28.03 13.87 -33.44
CA GLN A 18 28.85 12.88 -34.14
C GLN A 18 28.63 11.53 -33.49
N GLN A 19 28.61 11.53 -32.16
CA GLN A 19 28.43 10.32 -31.39
C GLN A 19 26.96 9.90 -31.29
N GLY A 20 26.11 10.46 -32.14
CA GLY A 20 24.70 10.11 -32.14
C GLY A 20 23.94 10.48 -30.88
N GLU A 21 24.56 11.31 -30.04
CA GLU A 21 23.95 11.77 -28.78
C GLU A 21 23.12 13.05 -28.94
N LEU A 22 23.00 13.55 -30.17
CA LEU A 22 22.23 14.76 -30.42
C LEU A 22 21.27 14.57 -31.60
N LYS A 23 20.06 15.13 -31.49
CA LYS A 23 19.02 15.04 -32.53
C LYS A 23 18.39 16.40 -32.78
N ARG A 24 18.24 16.76 -34.06
CA ARG A 24 17.66 18.05 -34.43
C ARG A 24 16.21 17.98 -34.93
N ILE A 25 15.29 18.55 -34.15
CA ILE A 25 13.88 18.56 -34.49
C ILE A 25 13.51 19.78 -35.31
N THR A 26 13.72 19.69 -36.62
CA THR A 26 13.39 20.79 -37.49
C THR A 26 11.88 20.97 -37.59
N LEU A 27 11.11 20.03 -37.08
CA LEU A 27 9.66 20.16 -37.16
C LEU A 27 9.20 21.26 -36.23
N PRO A 28 8.10 21.93 -36.58
CA PRO A 28 7.58 23.00 -35.72
C PRO A 28 7.09 22.54 -34.34
N VAL A 29 7.74 23.05 -33.30
CA VAL A 29 7.41 22.70 -31.91
C VAL A 29 7.26 23.95 -31.05
N ASP A 30 6.26 23.92 -30.17
CA ASP A 30 5.96 25.04 -29.30
C ASP A 30 6.70 24.99 -27.97
N PRO A 31 7.43 26.06 -27.63
CA PRO A 31 8.15 26.04 -26.36
C PRO A 31 7.19 26.07 -25.16
N HIS A 32 5.90 26.26 -25.43
CA HIS A 32 4.88 26.27 -24.38
C HIS A 32 4.51 24.81 -24.12
N LEU A 33 5.04 24.28 -23.03
CA LEU A 33 4.84 22.89 -22.61
C LEU A 33 4.93 21.74 -23.65
N GLU A 34 5.11 22.06 -24.92
CA GLU A 34 5.26 21.00 -25.92
C GLU A 34 6.69 20.42 -25.91
N ILE A 35 7.69 21.28 -25.77
CA ILE A 35 9.09 20.84 -25.73
C ILE A 35 9.34 19.92 -24.54
N THR A 36 8.66 20.21 -23.44
CA THR A 36 8.82 19.39 -22.25
C THR A 36 8.35 17.98 -22.55
N GLU A 37 7.17 17.88 -23.15
CA GLU A 37 6.58 16.58 -23.47
C GLU A 37 7.53 15.74 -24.29
N ILE A 38 8.05 16.32 -25.37
CA ILE A 38 8.99 15.61 -26.22
C ILE A 38 10.25 15.26 -25.45
N ALA A 39 10.75 16.21 -24.67
CA ALA A 39 11.95 15.98 -23.87
C ALA A 39 11.69 14.90 -22.82
N ASP A 40 10.55 15.00 -22.15
CA ASP A 40 10.21 14.03 -21.12
C ASP A 40 10.27 12.61 -21.69
N ARG A 41 9.49 12.34 -22.73
CA ARG A 41 9.50 11.00 -23.33
C ARG A 41 10.93 10.61 -23.70
N THR A 42 11.65 11.55 -24.30
CA THR A 42 13.02 11.31 -24.74
C THR A 42 13.93 10.88 -23.60
N LEU A 43 13.86 11.62 -22.50
CA LEU A 43 14.68 11.35 -21.34
C LEU A 43 14.23 10.08 -20.65
N ARG A 44 12.93 9.81 -20.73
CA ARG A 44 12.39 8.63 -20.09
C ARG A 44 12.81 7.34 -20.80
N ALA A 45 13.53 7.47 -21.90
CA ALA A 45 13.96 6.31 -22.65
C ALA A 45 15.39 6.44 -23.18
N GLY A 46 16.29 6.97 -22.35
CA GLY A 46 17.67 7.15 -22.80
C GLY A 46 17.70 8.48 -23.53
N GLY A 47 17.45 8.41 -24.83
CA GLY A 47 17.38 9.61 -25.66
C GLY A 47 18.52 10.62 -25.67
N PRO A 48 18.81 11.15 -26.86
CA PRO A 48 19.88 12.14 -27.03
C PRO A 48 19.44 13.52 -26.57
N ALA A 49 20.38 14.46 -26.62
CA ALA A 49 20.06 15.83 -26.27
C ALA A 49 19.20 16.25 -27.45
N LEU A 50 18.24 17.14 -27.22
CA LEU A 50 17.35 17.62 -28.30
C LEU A 50 17.64 19.07 -28.66
N LEU A 51 17.60 19.37 -29.95
CA LEU A 51 17.84 20.73 -30.41
C LEU A 51 16.73 21.13 -31.37
N PHE A 52 15.73 21.84 -30.86
CA PHE A 52 14.60 22.27 -31.67
C PHE A 52 14.98 23.56 -32.38
N GLU A 53 15.09 23.50 -33.70
CA GLU A 53 15.45 24.69 -34.42
C GLU A 53 14.28 25.34 -35.13
N ASN A 54 13.07 25.02 -34.67
CA ASN A 54 11.90 25.60 -35.29
C ASN A 54 10.84 25.85 -34.21
N PRO A 55 11.21 26.57 -33.14
CA PRO A 55 10.23 26.83 -32.09
C PRO A 55 9.11 27.75 -32.60
N LYS A 56 7.86 27.35 -32.39
CA LYS A 56 6.73 28.16 -32.86
C LYS A 56 6.73 29.60 -32.34
N GLY A 57 7.08 30.53 -33.22
CA GLY A 57 7.09 31.93 -32.86
C GLY A 57 8.40 32.49 -32.36
N TYR A 58 9.51 31.78 -32.56
CA TYR A 58 10.83 32.27 -32.11
C TYR A 58 11.93 31.95 -33.10
N SER A 59 13.00 32.76 -33.11
CA SER A 59 14.10 32.53 -34.05
C SER A 59 15.26 31.75 -33.44
N MSE A 60 15.24 31.64 -32.13
CA MSE A 60 16.28 30.93 -31.41
C MSE A 60 16.01 29.47 -31.21
O MSE A 60 15.00 29.08 -30.61
CB MSE A 60 16.47 31.55 -30.05
CG MSE A 60 17.26 32.79 -30.05
SE MSE A 60 17.71 33.19 -28.25
CE MSE A 60 16.75 34.88 -28.15
N PRO A 61 16.90 28.61 -31.68
CA PRO A 61 16.61 27.19 -31.47
C PRO A 61 16.76 26.89 -29.97
N VAL A 62 15.84 26.06 -29.47
CA VAL A 62 15.84 25.69 -28.07
C VAL A 62 16.56 24.36 -27.85
N LEU A 63 17.60 24.39 -27.03
CA LEU A 63 18.40 23.20 -26.74
C LEU A 63 18.11 22.65 -25.35
N CYS A 64 17.64 21.41 -25.27
CA CYS A 64 17.35 20.82 -23.97
C CYS A 64 17.68 19.33 -23.82
N ASN A 65 17.60 18.83 -22.60
CA ASN A 65 17.89 17.43 -22.33
C ASN A 65 19.36 17.15 -22.64
N LEU A 66 20.18 18.18 -22.49
CA LEU A 66 21.61 18.06 -22.75
C LEU A 66 22.23 16.99 -21.84
N PHE A 67 22.00 17.10 -20.53
CA PHE A 67 22.54 16.12 -19.59
C PHE A 67 21.47 15.12 -19.20
N GLY A 68 20.76 14.62 -20.21
CA GLY A 68 19.68 13.66 -19.99
C GLY A 68 20.13 12.23 -19.81
N THR A 69 21.45 12.01 -19.86
CA THR A 69 22.05 10.68 -19.68
C THR A 69 23.34 10.81 -18.89
N PRO A 70 23.63 9.84 -18.00
CA PRO A 70 24.84 9.85 -17.18
C PRO A 70 26.08 9.89 -18.06
N LYS A 71 25.98 9.24 -19.22
CA LYS A 71 27.08 9.21 -20.17
C LYS A 71 27.44 10.66 -20.56
N ARG A 72 26.43 11.38 -21.06
CA ARG A 72 26.60 12.77 -21.47
C ARG A 72 27.02 13.70 -20.34
N VAL A 73 26.64 13.38 -19.12
CA VAL A 73 27.05 14.21 -18.00
C VAL A 73 28.55 14.02 -17.83
N ALA A 74 28.96 12.76 -17.84
CA ALA A 74 30.36 12.41 -17.70
C ALA A 74 31.19 13.14 -18.76
N MSE A 75 30.77 13.00 -20.02
CA MSE A 75 31.46 13.63 -21.14
C MSE A 75 31.60 15.12 -20.94
O MSE A 75 32.65 15.70 -21.22
CB MSE A 75 30.68 13.37 -22.44
CG MSE A 75 30.58 11.91 -22.82
SE MSE A 75 29.59 11.63 -24.48
CE MSE A 75 30.99 12.22 -25.72
N GLY A 76 30.53 15.74 -20.46
CA GLY A 76 30.55 17.16 -20.23
C GLY A 76 31.62 17.57 -19.25
N MSE A 77 32.20 16.60 -18.54
CA MSE A 77 33.24 16.90 -17.57
C MSE A 77 34.61 16.43 -18.03
O MSE A 77 35.51 16.21 -17.22
CB MSE A 77 32.91 16.27 -16.22
CG MSE A 77 32.09 17.18 -15.31
SE MSE A 77 31.40 16.28 -13.73
CE MSE A 77 32.27 17.30 -12.34
N GLY A 78 34.79 16.29 -19.35
CA GLY A 78 36.06 15.85 -19.89
C GLY A 78 36.50 14.51 -19.32
N GLN A 79 35.58 13.56 -19.30
CA GLN A 79 35.86 12.23 -18.78
C GLN A 79 35.35 11.12 -19.71
N GLU A 80 34.24 11.41 -20.40
CA GLU A 80 33.62 10.46 -21.33
C GLU A 80 33.40 9.07 -20.70
N ASP A 81 33.20 9.04 -19.39
CA ASP A 81 32.95 7.77 -18.70
C ASP A 81 32.35 8.00 -17.32
N VAL A 82 31.14 7.49 -17.12
CA VAL A 82 30.45 7.66 -15.85
C VAL A 82 31.32 7.28 -14.67
N SER A 83 32.15 6.27 -14.86
CA SER A 83 33.03 5.80 -13.80
C SER A 83 34.07 6.85 -13.43
N ALA A 84 34.63 7.47 -14.46
CA ALA A 84 35.66 8.50 -14.29
C ALA A 84 35.26 9.58 -13.28
N LEU A 85 33.96 9.77 -13.11
CA LEU A 85 33.47 10.76 -12.18
C LEU A 85 34.13 10.57 -10.83
N ARG A 86 34.50 9.33 -10.50
CA ARG A 86 35.16 9.05 -9.22
C ARG A 86 36.46 9.85 -9.08
N GLU A 87 37.19 9.95 -10.18
CA GLU A 87 38.43 10.70 -10.19
C GLU A 87 38.15 12.15 -9.82
N VAL A 88 36.98 12.63 -10.21
CA VAL A 88 36.57 14.01 -9.91
C VAL A 88 36.26 14.15 -8.42
N GLY A 89 35.88 13.03 -7.79
CA GLY A 89 35.60 13.05 -6.38
C GLY A 89 36.90 13.12 -5.61
N LYS A 90 37.87 12.32 -6.05
CA LYS A 90 39.20 12.27 -5.45
C LYS A 90 39.81 13.68 -5.48
N LEU A 91 39.65 14.34 -6.63
CA LEU A 91 40.16 15.69 -6.82
C LEU A 91 39.49 16.63 -5.83
N LEU A 92 38.17 16.61 -5.80
CA LEU A 92 37.43 17.48 -4.90
C LEU A 92 37.91 17.35 -3.47
N ALA A 93 38.17 16.12 -3.04
CA ALA A 93 38.62 15.90 -1.67
C ALA A 93 39.95 16.60 -1.42
N PHE A 94 40.89 16.33 -2.31
CA PHE A 94 42.23 16.88 -2.25
C PHE A 94 42.28 18.40 -2.29
N LEU A 95 41.36 19.01 -3.01
CA LEU A 95 41.33 20.46 -3.14
C LEU A 95 40.99 21.14 -1.82
N LYS A 96 40.30 20.43 -0.94
CA LYS A 96 39.91 21.02 0.34
C LYS A 96 41.07 21.47 1.22
N GLU A 97 42.11 20.64 1.33
CA GLU A 97 43.27 20.96 2.14
C GLU A 97 44.51 21.12 1.26
N PRO A 98 44.70 22.30 0.67
CA PRO A 98 45.86 22.54 -0.20
C PRO A 98 47.18 22.80 0.52
N GLU A 99 47.18 23.70 1.50
CA GLU A 99 48.40 24.04 2.24
C GLU A 99 48.27 23.84 3.74
N PRO A 100 49.40 23.52 4.40
CA PRO A 100 49.50 23.30 5.85
C PRO A 100 49.59 24.57 6.67
N PRO A 101 49.37 24.48 7.99
CA PRO A 101 49.42 25.65 8.87
C PRO A 101 50.81 26.29 8.89
N LYS A 102 50.88 27.54 9.33
CA LYS A 102 52.16 28.25 9.40
C LYS A 102 53.16 27.48 10.25
N GLY A 103 52.68 26.94 11.36
CA GLY A 103 53.55 26.19 12.25
C GLY A 103 54.50 25.23 11.54
N PHE A 104 53.94 24.30 10.79
CA PHE A 104 54.77 23.29 10.11
C PHE A 104 54.89 23.50 8.62
N ARG A 105 54.69 24.74 8.16
CA ARG A 105 54.79 25.00 6.73
C ARG A 105 56.22 25.01 6.23
N ASP A 106 57.17 25.18 7.14
CA ASP A 106 58.56 25.19 6.72
C ASP A 106 59.08 23.77 6.56
N LEU A 107 58.55 23.07 5.54
CA LEU A 107 58.94 21.70 5.21
C LEU A 107 58.01 21.05 4.16
N MSE A 120 45.78 27.92 -11.84
CA MSE A 120 44.55 27.84 -12.62
C MSE A 120 43.75 29.16 -12.61
O MSE A 120 42.61 29.22 -12.14
CB MSE A 120 43.67 26.71 -12.06
CG MSE A 120 42.58 26.28 -13.04
SE MSE A 120 43.34 25.88 -14.78
CE MSE A 120 43.45 23.93 -14.62
N PRO A 121 44.36 30.24 -13.15
CA PRO A 121 43.71 31.56 -13.19
C PRO A 121 42.71 31.73 -14.34
N THR A 122 41.76 32.63 -14.14
CA THR A 122 40.74 32.93 -15.14
C THR A 122 41.30 33.83 -16.25
N LYS A 123 41.38 33.30 -17.47
CA LYS A 123 41.90 34.06 -18.61
C LYS A 123 40.84 35.01 -19.15
N ARG A 124 40.94 36.28 -18.75
CA ARG A 124 40.00 37.29 -19.19
C ARG A 124 40.36 37.75 -20.59
N LEU A 125 39.36 37.83 -21.47
CA LEU A 125 39.61 38.27 -22.82
C LEU A 125 39.11 39.70 -22.93
N ARG A 126 39.37 40.34 -24.07
CA ARG A 126 38.90 41.70 -24.27
C ARG A 126 37.57 41.62 -25.02
N GLY A 127 37.54 40.81 -26.07
CA GLY A 127 36.32 40.64 -26.84
C GLY A 127 35.76 39.28 -26.51
N ALA A 128 34.49 39.06 -26.84
CA ALA A 128 33.86 37.78 -26.54
C ALA A 128 32.66 37.56 -27.43
N PRO A 129 32.54 36.35 -27.99
CA PRO A 129 31.39 36.08 -28.85
C PRO A 129 30.04 36.30 -28.17
N CYS A 130 30.00 36.19 -26.85
CA CYS A 130 28.73 36.40 -26.13
C CYS A 130 28.28 37.87 -26.14
N GLN A 131 29.12 38.73 -26.71
CA GLN A 131 28.82 40.15 -26.81
C GLN A 131 28.78 40.61 -28.28
N GLN A 132 28.55 39.66 -29.17
CA GLN A 132 28.47 39.94 -30.59
C GLN A 132 27.25 40.76 -30.89
N LYS A 133 26.12 40.38 -30.30
CA LYS A 133 24.88 41.12 -30.49
C LYS A 133 24.50 41.69 -29.13
N ILE A 134 24.08 42.94 -29.12
CA ILE A 134 23.73 43.58 -27.86
C ILE A 134 22.54 44.54 -27.97
N VAL A 135 21.71 44.56 -26.93
CA VAL A 135 20.57 45.45 -26.82
C VAL A 135 20.49 45.80 -25.35
N SER A 136 20.03 47.01 -25.05
CA SER A 136 19.96 47.45 -23.67
C SER A 136 18.80 48.39 -23.39
N GLY A 137 18.51 48.55 -22.09
CA GLY A 137 17.45 49.43 -21.61
C GLY A 137 16.18 49.51 -22.42
N ASP A 138 16.02 50.61 -23.13
CA ASP A 138 14.84 50.87 -23.93
C ASP A 138 14.28 49.63 -24.60
N ASP A 139 15.15 48.86 -25.25
CA ASP A 139 14.73 47.64 -25.96
C ASP A 139 15.42 46.37 -25.50
N VAL A 140 14.95 45.77 -24.40
CA VAL A 140 15.55 44.52 -23.93
C VAL A 140 14.48 43.49 -23.78
N ASP A 141 13.63 43.37 -24.78
CA ASP A 141 12.52 42.42 -24.76
C ASP A 141 12.93 40.96 -24.50
N LEU A 142 12.55 40.42 -23.34
CA LEU A 142 12.84 39.04 -22.98
C LEU A 142 11.91 38.11 -23.75
N ASN A 143 10.86 38.70 -24.32
CA ASN A 143 9.88 37.98 -25.10
C ASN A 143 10.43 37.47 -26.41
N ARG A 144 11.60 37.97 -26.79
CA ARG A 144 12.21 37.51 -28.02
C ARG A 144 12.84 36.13 -27.77
N ILE A 145 13.31 35.90 -26.54
CA ILE A 145 13.93 34.61 -26.18
C ILE A 145 12.84 33.54 -26.01
N PRO A 146 13.03 32.35 -26.63
CA PRO A 146 12.07 31.24 -26.54
C PRO A 146 12.01 30.57 -25.16
N ILE A 147 11.87 31.38 -24.12
CA ILE A 147 11.78 30.86 -22.76
C ILE A 147 10.59 29.92 -22.74
N MSE A 148 10.77 28.69 -22.26
CA MSE A 148 9.68 27.72 -22.25
C MSE A 148 8.86 27.56 -20.97
O MSE A 148 9.31 27.85 -19.87
CB MSE A 148 10.19 26.35 -22.71
CG MSE A 148 11.48 25.91 -22.11
SE MSE A 148 12.15 24.22 -22.78
CE MSE A 148 11.48 23.03 -21.39
N THR A 149 7.60 27.16 -21.15
CA THR A 149 6.68 26.91 -20.04
C THR A 149 6.71 25.38 -19.91
N CYS A 150 6.80 24.87 -18.69
CA CYS A 150 6.91 23.43 -18.48
C CYS A 150 5.64 22.62 -18.25
N TRP A 151 4.81 23.02 -17.30
CA TRP A 151 3.57 22.31 -17.01
C TRP A 151 2.34 23.20 -17.12
N PRO A 152 1.19 22.60 -17.47
CA PRO A 152 -0.08 23.31 -17.63
C PRO A 152 -0.50 24.30 -16.56
N GLU A 153 -0.10 24.06 -15.32
CA GLU A 153 -0.50 24.98 -14.26
C GLU A 153 0.62 25.93 -13.88
N ASP A 154 1.69 25.94 -14.66
CA ASP A 154 2.80 26.82 -14.36
C ASP A 154 2.38 28.27 -14.51
N ALA A 155 2.99 29.14 -13.71
CA ALA A 155 2.63 30.56 -13.76
C ALA A 155 2.91 31.19 -15.12
N ALA A 156 4.17 31.18 -15.53
CA ALA A 156 4.55 31.77 -16.81
C ALA A 156 5.88 31.18 -17.28
N PRO A 157 6.38 31.60 -18.45
CA PRO A 157 7.67 31.08 -18.94
C PRO A 157 8.69 31.24 -17.82
N LEU A 158 9.61 30.28 -17.74
CA LEU A 158 10.60 30.26 -16.68
C LEU A 158 11.97 29.88 -17.20
N ILE A 159 12.98 30.71 -16.96
CA ILE A 159 14.36 30.42 -17.39
C ILE A 159 14.81 29.35 -16.43
N THR A 160 15.33 28.25 -16.92
CA THR A 160 15.73 27.19 -16.02
C THR A 160 17.22 26.96 -15.89
N TRP A 161 17.98 27.18 -16.96
CA TRP A 161 19.42 27.01 -16.87
C TRP A 161 20.07 28.38 -16.67
N GLY A 162 21.28 28.52 -17.16
CA GLY A 162 21.90 29.82 -16.99
C GLY A 162 22.36 30.02 -15.56
N LEU A 163 23.67 30.22 -15.43
CA LEU A 163 24.30 30.43 -14.15
C LEU A 163 24.25 31.90 -13.80
N THR A 164 23.68 32.17 -12.63
CA THR A 164 23.57 33.52 -12.10
C THR A 164 24.90 33.85 -11.41
N VAL A 165 25.47 34.99 -11.80
CA VAL A 165 26.75 35.45 -11.25
C VAL A 165 26.54 36.68 -10.38
N THR A 166 27.05 36.63 -9.15
CA THR A 166 26.95 37.76 -8.23
C THR A 166 28.25 37.87 -7.45
N ARG A 167 28.46 39.02 -6.82
CA ARG A 167 29.68 39.24 -6.05
C ARG A 167 29.32 39.87 -4.71
N GLY A 168 30.02 39.47 -3.65
CA GLY A 168 29.76 40.01 -2.33
C GLY A 168 30.15 41.48 -2.22
N PRO A 169 29.69 42.20 -1.19
CA PRO A 169 30.01 43.62 -1.01
C PRO A 169 31.45 43.86 -0.56
N HIS A 170 32.18 42.79 -0.29
CA HIS A 170 33.57 42.91 0.13
C HIS A 170 34.51 41.79 -0.31
N LYS A 171 33.96 40.64 -0.72
CA LYS A 171 34.80 39.53 -1.16
C LYS A 171 35.04 39.62 -2.66
N GLU A 172 36.29 39.48 -3.07
CA GLU A 172 36.66 39.57 -4.47
C GLU A 172 36.07 38.40 -5.28
N ARG A 173 35.95 37.25 -4.65
CA ARG A 173 35.43 36.08 -5.35
C ARG A 173 33.95 36.20 -5.72
N GLN A 174 33.58 35.57 -6.82
CA GLN A 174 32.19 35.62 -7.26
C GLN A 174 31.55 34.25 -7.26
N ASN A 175 30.23 34.20 -7.18
CA ASN A 175 29.50 32.93 -7.14
C ASN A 175 28.67 32.63 -8.38
N LEU A 176 28.55 31.35 -8.68
CA LEU A 176 27.76 30.88 -9.79
C LEU A 176 26.57 30.15 -9.20
N GLY A 177 25.37 30.51 -9.61
CA GLY A 177 24.22 29.84 -9.06
C GLY A 177 23.16 29.45 -10.06
N ILE A 178 22.46 28.36 -9.77
CA ILE A 178 21.38 27.93 -10.64
C ILE A 178 20.08 28.26 -9.93
N TYR A 179 19.44 29.36 -10.32
CA TYR A 179 18.17 29.76 -9.71
C TYR A 179 17.14 29.88 -10.83
N ARG A 180 15.97 29.29 -10.68
CA ARG A 180 15.00 29.41 -11.76
C ARG A 180 14.47 30.83 -11.81
N GLN A 181 14.21 31.33 -13.01
CA GLN A 181 13.74 32.71 -13.12
C GLN A 181 12.46 32.88 -13.91
N GLN A 182 11.44 33.38 -13.22
CA GLN A 182 10.11 33.60 -13.77
C GLN A 182 10.05 34.87 -14.59
N LEU A 183 9.35 34.81 -15.71
CA LEU A 183 9.21 35.95 -16.60
C LEU A 183 8.04 36.82 -16.18
N ILE A 184 8.32 37.96 -15.56
CA ILE A 184 7.23 38.81 -15.13
C ILE A 184 7.12 40.10 -15.92
N GLY A 185 8.01 40.28 -16.89
CA GLY A 185 7.95 41.49 -17.68
C GLY A 185 8.82 41.48 -18.90
N LYS A 186 8.69 42.50 -19.74
CA LYS A 186 9.49 42.59 -20.95
C LYS A 186 10.96 42.62 -20.57
N ASN A 187 11.24 42.99 -19.32
CA ASN A 187 12.62 43.05 -18.85
C ASN A 187 12.77 42.81 -17.35
N LYS A 188 11.83 42.07 -16.78
CA LYS A 188 11.84 41.73 -15.35
C LYS A 188 11.69 40.21 -15.16
N LEU A 189 12.59 39.63 -14.35
CA LEU A 189 12.52 38.20 -14.06
C LEU A 189 12.48 38.12 -12.54
N ILE A 190 12.15 36.95 -12.01
CA ILE A 190 12.13 36.79 -10.57
C ILE A 190 13.36 35.97 -10.22
N MSE A 191 14.11 36.44 -9.23
CA MSE A 191 15.32 35.78 -8.77
C MSE A 191 14.97 34.89 -7.56
O MSE A 191 14.87 35.39 -6.44
CB MSE A 191 16.34 36.84 -8.36
CG MSE A 191 17.69 36.30 -8.00
SE MSE A 191 18.46 35.28 -9.44
CE MSE A 191 18.95 36.77 -10.61
N ARG A 192 14.80 33.60 -7.79
CA ARG A 192 14.44 32.67 -6.72
C ARG A 192 15.62 32.03 -5.98
N TRP A 193 16.23 32.81 -5.11
CA TRP A 193 17.37 32.37 -4.29
C TRP A 193 16.92 31.56 -3.08
N LEU A 194 16.50 30.32 -3.32
CA LEU A 194 16.04 29.47 -2.22
C LEU A 194 17.01 29.43 -1.04
N SER A 195 18.22 28.93 -1.29
CA SER A 195 19.23 28.82 -0.26
C SER A 195 19.45 30.10 0.52
N HIS A 196 20.27 29.99 1.55
CA HIS A 196 20.61 31.10 2.42
C HIS A 196 22.07 31.42 2.13
N ARG A 197 22.56 30.85 1.05
CA ARG A 197 23.94 31.02 0.63
C ARG A 197 23.97 31.51 -0.82
N GLY A 198 25.13 31.34 -1.47
CA GLY A 198 25.28 31.77 -2.85
C GLY A 198 24.86 33.19 -3.12
N GLY A 199 24.15 33.39 -4.22
CA GLY A 199 23.68 34.72 -4.58
C GLY A 199 22.79 35.33 -3.53
N ALA A 200 22.01 34.52 -2.84
CA ALA A 200 21.12 35.05 -1.81
C ALA A 200 21.91 35.71 -0.68
N LEU A 201 23.09 35.18 -0.40
CA LEU A 201 23.92 35.73 0.66
C LEU A 201 24.58 37.03 0.22
N ASP A 202 25.08 37.06 -1.02
CA ASP A 202 25.74 38.26 -1.56
C ASP A 202 24.77 39.43 -1.62
N TYR A 203 23.48 39.13 -1.75
CA TYR A 203 22.49 40.18 -1.84
C TYR A 203 22.20 40.74 -0.43
N GLN A 204 21.82 39.88 0.50
CA GLN A 204 21.53 40.33 1.87
C GLN A 204 22.76 40.96 2.50
N GLU A 205 23.90 40.75 1.87
CA GLU A 205 25.14 41.29 2.39
C GLU A 205 25.40 42.66 1.76
N TRP A 206 25.10 42.77 0.48
CA TRP A 206 25.27 44.02 -0.25
C TRP A 206 24.32 45.03 0.35
N CYS A 207 23.11 44.57 0.66
CA CYS A 207 22.11 45.45 1.24
C CYS A 207 22.66 46.12 2.50
N ALA A 208 23.49 45.39 3.26
CA ALA A 208 24.08 45.93 4.48
C ALA A 208 25.14 46.97 4.11
N ALA A 209 26.21 46.51 3.48
CA ALA A 209 27.32 47.36 3.06
C ALA A 209 26.90 48.61 2.28
N HIS A 210 25.96 48.48 1.35
CA HIS A 210 25.52 49.64 0.59
C HIS A 210 24.01 49.64 0.49
N PRO A 211 23.33 49.90 1.61
CA PRO A 211 21.87 49.92 1.56
C PRO A 211 21.30 50.85 0.49
N GLY A 212 20.18 50.44 -0.09
CA GLY A 212 19.53 51.25 -1.12
C GLY A 212 20.09 51.15 -2.52
N GLU A 213 21.42 50.99 -2.63
CA GLU A 213 22.06 50.88 -3.94
C GLU A 213 21.76 49.52 -4.56
N ARG A 214 21.41 49.56 -5.85
CA ARG A 214 21.07 48.38 -6.61
C ARG A 214 22.16 47.32 -6.63
N PHE A 215 21.73 46.06 -6.53
CA PHE A 215 22.67 44.96 -6.51
C PHE A 215 22.90 44.41 -7.90
N PRO A 216 24.16 44.42 -8.35
CA PRO A 216 24.50 43.91 -9.68
C PRO A 216 24.33 42.41 -9.81
N VAL A 217 23.74 42.00 -10.93
CA VAL A 217 23.52 40.59 -11.19
C VAL A 217 23.60 40.27 -12.69
N SER A 218 24.18 39.10 -13.01
CA SER A 218 24.31 38.63 -14.39
C SER A 218 24.04 37.14 -14.52
N VAL A 219 23.33 36.79 -15.58
CA VAL A 219 23.01 35.39 -15.85
C VAL A 219 23.57 34.98 -17.21
N ALA A 220 24.30 33.88 -17.23
CA ALA A 220 24.87 33.40 -18.48
C ALA A 220 24.17 32.11 -18.92
N LEU A 221 23.55 32.16 -20.10
CA LEU A 221 22.87 31.01 -20.67
C LEU A 221 23.72 30.34 -21.74
N GLY A 222 23.82 29.02 -21.69
CA GLY A 222 24.60 28.29 -22.67
C GLY A 222 26.12 28.44 -22.60
N ALA A 223 26.70 28.20 -21.43
CA ALA A 223 28.15 28.28 -21.26
C ALA A 223 28.78 26.91 -21.52
N ASP A 224 30.10 26.80 -21.50
CA ASP A 224 30.75 25.50 -21.74
C ASP A 224 30.30 24.49 -20.68
N PRO A 225 30.12 23.22 -21.08
CA PRO A 225 29.68 22.18 -20.13
C PRO A 225 30.42 22.20 -18.80
N ALA A 226 31.70 22.53 -18.83
CA ALA A 226 32.49 22.56 -17.61
C ALA A 226 32.03 23.67 -16.66
N THR A 227 31.91 24.89 -17.15
CA THR A 227 31.48 25.97 -16.29
C THR A 227 30.10 25.64 -15.76
N ILE A 228 29.28 25.01 -16.58
CA ILE A 228 27.94 24.62 -16.16
C ILE A 228 28.07 23.58 -15.05
N LEU A 229 28.69 22.44 -15.37
CA LEU A 229 28.88 21.38 -14.38
C LEU A 229 29.66 21.84 -13.15
N GLY A 230 30.54 22.81 -13.33
CA GLY A 230 31.29 23.30 -12.20
C GLY A 230 30.30 24.00 -11.28
N ALA A 231 29.39 24.77 -11.86
CA ALA A 231 28.41 25.47 -11.06
C ALA A 231 27.52 24.47 -10.32
N VAL A 232 27.37 23.28 -10.90
CA VAL A 232 26.54 22.24 -10.32
C VAL A 232 27.23 21.49 -9.20
N THR A 233 28.39 20.94 -9.50
CA THR A 233 29.11 20.20 -8.49
C THR A 233 29.54 21.17 -7.39
N PRO A 234 29.45 20.73 -6.13
CA PRO A 234 29.86 21.59 -5.01
C PRO A 234 31.38 21.56 -4.85
N VAL A 235 31.97 22.74 -4.78
CA VAL A 235 33.42 22.86 -4.64
C VAL A 235 33.81 23.59 -3.36
N PRO A 236 34.97 23.24 -2.78
CA PRO A 236 35.44 23.86 -1.54
C PRO A 236 35.74 25.35 -1.73
N ASP A 237 35.44 26.14 -0.71
CA ASP A 237 35.67 27.58 -0.77
C ASP A 237 37.15 27.93 -1.00
N THR A 238 37.99 26.92 -1.10
CA THR A 238 39.42 27.14 -1.33
C THR A 238 39.72 27.17 -2.83
N LEU A 239 38.67 27.36 -3.61
CA LEU A 239 38.79 27.37 -5.07
C LEU A 239 37.59 28.05 -5.74
N SER A 240 37.86 28.85 -6.76
CA SER A 240 36.79 29.54 -7.47
C SER A 240 36.08 28.63 -8.48
N GLU A 241 34.76 28.78 -8.56
CA GLU A 241 33.93 28.01 -9.48
C GLU A 241 34.59 27.89 -10.84
N TYR A 242 34.97 29.02 -11.43
CA TYR A 242 35.61 28.98 -12.74
C TYR A 242 36.87 28.13 -12.75
N ALA A 243 37.67 28.26 -11.69
CA ALA A 243 38.93 27.52 -11.53
C ALA A 243 38.71 26.02 -11.65
N PHE A 244 37.72 25.53 -10.92
CA PHE A 244 37.39 24.12 -10.95
C PHE A 244 37.11 23.71 -12.39
N ALA A 245 36.32 24.52 -13.08
CA ALA A 245 35.97 24.23 -14.46
C ALA A 245 37.23 24.01 -15.29
N GLY A 246 38.29 24.72 -14.95
CA GLY A 246 39.55 24.59 -15.66
C GLY A 246 40.12 23.18 -15.54
N LEU A 247 40.18 22.68 -14.32
CA LEU A 247 40.69 21.33 -14.09
C LEU A 247 39.88 20.33 -14.91
N LEU A 248 38.56 20.40 -14.80
CA LEU A 248 37.66 19.52 -15.54
C LEU A 248 37.90 19.62 -17.02
N ARG A 249 37.85 20.83 -17.56
CA ARG A 249 38.04 21.08 -18.98
C ARG A 249 39.46 20.75 -19.44
N GLY A 250 40.44 21.02 -18.58
CA GLY A 250 41.83 20.77 -18.92
C GLY A 250 42.56 22.08 -19.10
N THR A 251 41.84 23.06 -19.60
CA THR A 251 42.39 24.39 -19.83
C THR A 251 41.65 25.45 -19.00
N LYS A 252 42.29 26.59 -18.77
CA LYS A 252 41.69 27.68 -17.99
C LYS A 252 40.45 28.18 -18.69
N THR A 253 39.40 28.50 -17.93
CA THR A 253 38.17 28.95 -18.54
C THR A 253 38.27 30.42 -18.95
N GLU A 254 37.85 30.70 -20.18
CA GLU A 254 37.90 32.04 -20.71
C GLU A 254 36.66 32.84 -20.39
N VAL A 255 36.83 33.79 -19.50
CA VAL A 255 35.74 34.65 -19.09
C VAL A 255 35.88 36.01 -19.77
N VAL A 256 34.93 36.91 -19.51
CA VAL A 256 34.97 38.25 -20.08
C VAL A 256 34.16 39.22 -19.25
N LYS A 257 34.66 40.45 -19.14
CA LYS A 257 33.99 41.47 -18.34
C LYS A 257 32.58 41.78 -18.86
N CYS A 258 31.66 42.09 -17.95
CA CYS A 258 30.31 42.43 -18.37
C CYS A 258 30.27 43.85 -18.89
N ILE A 259 29.09 44.36 -19.19
CA ILE A 259 28.98 45.73 -19.70
C ILE A 259 28.55 46.71 -18.62
N SER A 260 27.49 46.37 -17.89
CA SER A 260 26.95 47.22 -16.83
C SER A 260 27.48 46.90 -15.43
N ASN A 261 28.51 46.07 -15.36
CA ASN A 261 29.10 45.70 -14.08
C ASN A 261 30.43 45.03 -14.25
N ASP A 262 31.08 44.76 -13.12
CA ASP A 262 32.38 44.14 -13.16
C ASP A 262 32.36 42.62 -13.10
N LEU A 263 31.17 42.05 -12.93
CA LEU A 263 31.04 40.60 -12.89
C LEU A 263 31.69 40.00 -14.12
N GLU A 264 32.10 38.74 -14.03
CA GLU A 264 32.72 38.06 -15.17
C GLU A 264 31.88 36.86 -15.59
N VAL A 265 31.55 36.81 -16.87
CA VAL A 265 30.75 35.72 -17.40
C VAL A 265 31.57 34.99 -18.45
N PRO A 266 31.31 33.69 -18.65
CA PRO A 266 32.09 32.96 -19.67
C PRO A 266 31.92 33.56 -21.07
N ALA A 267 33.04 33.88 -21.71
CA ALA A 267 33.06 34.50 -23.02
C ALA A 267 32.39 33.70 -24.13
N SER A 268 32.38 32.39 -23.99
CA SER A 268 31.76 31.50 -24.97
C SER A 268 30.27 31.33 -24.69
N ALA A 269 29.77 31.95 -23.63
CA ALA A 269 28.36 31.82 -23.32
C ALA A 269 27.53 32.14 -24.56
N GLU A 270 26.34 31.55 -24.64
CA GLU A 270 25.46 31.75 -25.79
C GLU A 270 24.70 33.08 -25.66
N ILE A 271 24.12 33.29 -24.49
CA ILE A 271 23.35 34.50 -24.20
C ILE A 271 23.73 34.93 -22.79
N VAL A 272 23.83 36.23 -22.58
CA VAL A 272 24.15 36.73 -21.23
C VAL A 272 23.20 37.87 -20.86
N LEU A 273 22.62 37.76 -19.68
CA LEU A 273 21.70 38.75 -19.19
C LEU A 273 22.30 39.57 -18.05
N GLU A 274 22.48 40.87 -18.28
CA GLU A 274 23.03 41.75 -17.27
C GLU A 274 21.96 42.66 -16.73
N GLY A 275 22.04 42.97 -15.45
CA GLY A 275 21.04 43.84 -14.88
C GLY A 275 21.28 43.97 -13.41
N TYR A 276 20.24 44.35 -12.70
CA TYR A 276 20.36 44.52 -11.26
C TYR A 276 19.10 44.09 -10.53
N ILE A 277 19.18 44.20 -9.21
CA ILE A 277 18.07 43.87 -8.32
C ILE A 277 17.86 45.09 -7.41
N GLU A 278 16.72 45.74 -7.64
CA GLU A 278 16.27 46.93 -6.94
C GLU A 278 15.90 46.59 -5.51
N GLN A 279 16.75 46.98 -4.56
CA GLN A 279 16.48 46.68 -3.18
C GLN A 279 15.01 46.88 -2.84
N GLY A 280 14.46 45.87 -2.16
CA GLY A 280 13.06 45.89 -1.76
C GLY A 280 12.08 45.37 -2.79
N GLU A 281 12.41 45.52 -4.07
CA GLU A 281 11.53 45.07 -5.15
C GLU A 281 11.36 43.55 -5.13
N THR A 282 10.14 43.09 -4.94
CA THR A 282 9.90 41.66 -4.91
C THR A 282 8.67 41.34 -5.73
N ALA A 283 8.43 40.04 -5.92
CA ALA A 283 7.31 39.59 -6.70
C ALA A 283 6.96 38.15 -6.39
N PRO A 284 5.65 37.83 -6.40
CA PRO A 284 5.20 36.48 -6.10
C PRO A 284 5.50 35.50 -7.24
N GLU A 285 6.36 34.52 -6.93
CA GLU A 285 6.76 33.47 -7.87
C GLU A 285 5.61 32.50 -7.98
N GLY A 286 4.77 32.73 -8.99
CA GLY A 286 3.58 31.92 -9.22
C GLY A 286 3.91 30.45 -9.12
N PRO A 287 2.89 29.60 -8.96
CA PRO A 287 3.11 28.16 -8.84
C PRO A 287 3.96 27.60 -9.98
N TYR A 288 4.72 26.57 -9.64
CA TYR A 288 5.61 25.86 -10.55
C TYR A 288 5.80 24.44 -10.07
N GLY A 289 5.88 23.49 -11.00
CA GLY A 289 6.11 22.12 -10.58
C GLY A 289 7.62 21.88 -10.59
N ASP A 290 8.18 21.28 -9.53
CA ASP A 290 9.62 21.00 -9.51
C ASP A 290 9.93 19.53 -9.40
N HIS A 291 11.18 19.19 -9.06
CA HIS A 291 11.63 17.79 -8.98
C HIS A 291 10.76 16.82 -8.23
N THR A 292 10.10 17.30 -7.20
CA THR A 292 9.24 16.44 -6.40
C THR A 292 8.07 15.87 -7.21
N GLY A 293 7.69 16.55 -8.29
CA GLY A 293 6.57 16.08 -9.10
C GLY A 293 5.26 16.76 -8.71
N TYR A 294 5.37 17.77 -7.84
CA TYR A 294 4.22 18.55 -7.36
C TYR A 294 4.46 20.05 -7.65
N TYR A 295 3.38 20.82 -7.62
CA TYR A 295 3.45 22.26 -7.86
C TYR A 295 3.85 23.00 -6.61
N ASN A 296 4.77 23.94 -6.76
CA ASN A 296 5.21 24.75 -5.65
C ASN A 296 4.15 25.80 -5.45
N GLU A 297 3.93 26.18 -4.21
CA GLU A 297 2.94 27.20 -3.93
C GLU A 297 3.57 28.59 -4.06
N VAL A 298 2.75 29.56 -4.46
CA VAL A 298 3.20 30.93 -4.66
C VAL A 298 4.01 31.44 -3.49
N ASP A 299 5.07 32.19 -3.80
CA ASP A 299 5.93 32.78 -2.79
C ASP A 299 6.61 34.04 -3.33
N SER A 300 6.96 34.95 -2.45
CA SER A 300 7.61 36.19 -2.88
C SER A 300 9.12 36.05 -3.01
N PHE A 301 9.69 36.73 -3.99
CA PHE A 301 11.12 36.68 -4.22
C PHE A 301 11.58 37.96 -4.91
N PRO A 302 12.89 38.22 -4.87
CA PRO A 302 13.47 39.42 -5.50
C PRO A 302 13.23 39.45 -7.02
N VAL A 303 13.11 40.65 -7.59
CA VAL A 303 12.89 40.75 -9.02
C VAL A 303 14.11 41.34 -9.74
N PHE A 304 14.62 40.54 -10.68
CA PHE A 304 15.78 40.89 -11.51
C PHE A 304 15.35 41.77 -12.66
N THR A 305 16.03 42.91 -12.79
CA THR A 305 15.74 43.84 -13.86
C THR A 305 16.84 43.70 -14.89
N VAL A 306 16.45 43.29 -16.09
CA VAL A 306 17.42 43.12 -17.15
C VAL A 306 17.58 44.42 -17.92
N THR A 307 18.77 44.98 -17.84
CA THR A 307 19.05 46.24 -18.51
C THR A 307 19.85 45.95 -19.74
N HIS A 308 20.39 44.74 -19.82
CA HIS A 308 21.22 44.36 -20.96
C HIS A 308 21.11 42.91 -21.35
N ILE A 309 20.96 42.67 -22.66
CA ILE A 309 20.93 41.32 -23.18
C ILE A 309 22.02 41.23 -24.23
N THR A 310 23.02 40.39 -23.98
CA THR A 310 24.11 40.22 -24.93
C THR A 310 24.12 38.76 -25.37
N GLN A 311 24.33 38.53 -26.65
CA GLN A 311 24.36 37.18 -27.19
C GLN A 311 25.28 36.96 -28.38
N ARG A 312 25.35 35.71 -28.84
CA ARG A 312 26.18 35.39 -29.96
C ARG A 312 25.36 35.45 -31.24
N GLU A 313 26.06 35.35 -32.37
CA GLU A 313 25.42 35.33 -33.67
C GLU A 313 24.85 33.93 -33.75
N ASP A 314 23.59 33.80 -34.16
CA ASP A 314 22.99 32.49 -34.28
C ASP A 314 23.12 31.72 -32.98
N ALA A 315 22.85 32.43 -31.88
CA ALA A 315 22.92 31.85 -30.55
C ALA A 315 21.75 30.92 -30.29
N ILE A 316 21.99 29.82 -29.58
CA ILE A 316 20.91 28.89 -29.27
C ILE A 316 20.57 29.03 -27.79
N TYR A 317 19.29 28.86 -27.46
CA TYR A 317 18.82 28.97 -26.08
C TYR A 317 18.85 27.62 -25.36
N HIS A 318 19.64 27.54 -24.30
CA HIS A 318 19.74 26.31 -23.55
C HIS A 318 18.67 26.34 -22.49
N SER A 319 17.86 25.29 -22.42
CA SER A 319 16.85 25.26 -21.37
C SER A 319 16.52 23.87 -20.92
N THR A 320 15.86 23.75 -19.79
CA THR A 320 15.48 22.44 -19.27
C THR A 320 14.15 22.51 -18.52
N TYR A 321 13.92 21.55 -17.64
CA TYR A 321 12.69 21.53 -16.87
C TYR A 321 12.80 20.57 -15.68
N THR A 322 11.86 20.68 -14.75
CA THR A 322 11.81 19.81 -13.59
C THR A 322 10.38 19.30 -13.37
N GLY A 323 10.29 18.02 -13.01
CA GLY A 323 9.00 17.42 -12.77
C GLY A 323 9.22 16.07 -12.11
N ARG A 324 8.19 15.24 -12.09
CA ARG A 324 8.33 13.94 -11.46
C ARG A 324 9.55 13.28 -12.10
N PRO A 325 10.48 12.78 -11.28
CA PRO A 325 11.67 12.13 -11.82
C PRO A 325 11.31 10.79 -12.47
N PRO A 326 12.15 10.29 -13.39
CA PRO A 326 13.41 10.79 -13.93
C PRO A 326 13.28 12.16 -14.55
N ASP A 327 14.20 13.04 -14.12
CA ASP A 327 14.24 14.43 -14.52
C ASP A 327 15.59 14.76 -15.14
N GLU A 328 15.64 15.85 -15.89
CA GLU A 328 16.89 16.30 -16.47
C GLU A 328 17.88 16.47 -15.30
N PRO A 329 17.46 17.17 -14.23
CA PRO A 329 18.37 17.36 -13.09
C PRO A 329 18.58 16.09 -12.27
N ALA A 330 17.56 15.24 -12.26
CA ALA A 330 17.61 13.99 -11.54
C ALA A 330 18.78 13.17 -12.02
N VAL A 331 18.95 13.08 -13.34
CA VAL A 331 20.06 12.30 -13.89
C VAL A 331 21.37 13.00 -13.61
N LEU A 332 21.36 14.32 -13.65
CA LEU A 332 22.57 15.05 -13.36
C LEU A 332 23.02 14.67 -11.95
N GLY A 333 22.05 14.53 -11.05
CA GLY A 333 22.36 14.19 -9.67
C GLY A 333 22.91 12.78 -9.48
N VAL A 334 22.48 11.87 -10.34
CA VAL A 334 22.92 10.49 -10.26
C VAL A 334 24.38 10.47 -10.65
N ALA A 335 24.68 11.27 -11.68
CA ALA A 335 26.03 11.37 -12.19
C ALA A 335 26.90 12.11 -11.18
N LEU A 336 26.30 13.04 -10.46
CA LEU A 336 27.02 13.82 -9.47
C LEU A 336 27.25 13.06 -8.19
N ASN A 337 26.41 12.05 -7.94
CA ASN A 337 26.57 11.27 -6.74
C ASN A 337 27.70 10.30 -6.94
N GLU A 338 28.05 10.05 -8.20
CA GLU A 338 29.11 9.12 -8.45
C GLU A 338 30.44 9.72 -8.02
N VAL A 339 30.47 11.05 -7.88
CA VAL A 339 31.70 11.73 -7.47
C VAL A 339 31.85 11.77 -5.95
N PHE A 340 30.72 11.77 -5.26
CA PHE A 340 30.71 11.80 -3.80
C PHE A 340 31.14 10.46 -3.20
N VAL A 341 30.83 9.38 -3.93
CA VAL A 341 31.17 8.06 -3.45
C VAL A 341 32.59 7.98 -2.90
N PRO A 342 33.60 8.34 -3.72
CA PRO A 342 34.98 8.28 -3.22
C PRO A 342 35.17 9.22 -2.03
N ILE A 343 34.54 10.40 -2.07
CA ILE A 343 34.70 11.35 -0.96
C ILE A 343 34.08 10.76 0.29
N LEU A 344 33.07 9.93 0.10
CA LEU A 344 32.36 9.29 1.18
C LEU A 344 33.19 8.12 1.70
N GLN A 345 33.77 7.36 0.77
CA GLN A 345 34.59 6.19 1.11
C GLN A 345 35.87 6.55 1.87
N LYS A 346 36.53 7.62 1.44
CA LYS A 346 37.74 8.06 2.10
C LYS A 346 37.45 8.21 3.59
N GLN A 347 36.23 8.61 3.91
CA GLN A 347 35.84 8.79 5.30
C GLN A 347 35.41 7.48 5.96
N PHE A 348 34.62 6.68 5.24
CA PHE A 348 34.17 5.39 5.75
C PHE A 348 34.60 4.28 4.79
N PRO A 349 35.85 3.81 4.93
CA PRO A 349 36.38 2.75 4.06
C PRO A 349 35.49 1.52 3.96
N GLU A 350 34.55 1.38 4.88
CA GLU A 350 33.68 0.22 4.85
C GLU A 350 32.64 0.32 3.73
N ILE A 351 32.40 1.54 3.27
CA ILE A 351 31.42 1.76 2.21
C ILE A 351 31.87 1.26 0.85
N VAL A 352 31.11 0.32 0.31
CA VAL A 352 31.39 -0.27 -0.99
C VAL A 352 30.74 0.58 -2.08
N ASP A 353 29.43 0.72 -1.98
CA ASP A 353 28.70 1.54 -2.93
C ASP A 353 27.70 2.44 -2.20
N PHE A 354 27.50 3.64 -2.74
CA PHE A 354 26.60 4.61 -2.12
C PHE A 354 25.70 5.11 -3.22
N TYR A 355 24.41 4.81 -3.16
CA TYR A 355 23.52 5.24 -4.24
C TYR A 355 22.21 5.90 -3.78
N LEU A 356 21.82 6.93 -4.52
CA LEU A 356 20.59 7.68 -4.24
C LEU A 356 19.67 7.62 -5.45
N PRO A 357 18.69 6.70 -5.44
CA PRO A 357 17.76 6.55 -6.54
C PRO A 357 16.96 7.79 -6.87
N PRO A 358 16.79 8.10 -8.16
CA PRO A 358 16.04 9.26 -8.62
C PRO A 358 14.59 9.24 -8.12
N GLU A 359 13.92 8.08 -8.27
CA GLU A 359 12.53 7.90 -7.82
C GLU A 359 12.34 8.54 -6.46
N GLY A 360 13.41 8.58 -5.68
CA GLY A 360 13.36 9.15 -4.35
C GLY A 360 13.69 10.63 -4.39
N CYS A 361 13.39 11.26 -5.52
CA CYS A 361 13.60 12.68 -5.74
C CYS A 361 15.04 13.13 -5.61
N SER A 362 15.94 12.33 -6.18
CA SER A 362 17.37 12.62 -6.19
C SER A 362 18.11 12.67 -4.86
N TYR A 363 17.40 12.93 -3.76
CA TYR A 363 18.09 13.02 -2.49
C TYR A 363 17.31 12.56 -1.28
N ARG A 364 16.02 12.30 -1.46
CA ARG A 364 15.18 11.88 -0.34
C ARG A 364 15.50 10.48 0.21
N LEU A 365 16.16 9.63 -0.56
CA LEU A 365 16.49 8.30 -0.07
C LEU A 365 17.86 7.83 -0.55
N ALA A 366 18.58 7.11 0.32
CA ALA A 366 19.89 6.60 -0.03
C ALA A 366 20.06 5.14 0.40
N VAL A 367 20.76 4.39 -0.44
CA VAL A 367 21.06 3.00 -0.14
C VAL A 367 22.58 2.90 -0.01
N VAL A 368 23.02 2.34 1.11
CA VAL A 368 24.44 2.18 1.38
C VAL A 368 24.76 0.72 1.57
N THR A 369 25.82 0.26 0.93
CA THR A 369 26.24 -1.12 1.08
C THR A 369 27.67 -1.13 1.61
N ILE A 370 27.87 -1.65 2.81
CA ILE A 370 29.21 -1.69 3.38
C ILE A 370 29.70 -3.10 3.70
N LYS A 371 30.95 -3.21 4.13
CA LYS A 371 31.52 -4.50 4.51
C LYS A 371 31.49 -4.52 6.03
N LYS A 372 30.38 -4.97 6.58
CA LYS A 372 30.16 -5.03 8.01
C LYS A 372 31.26 -5.78 8.72
N GLN A 373 31.94 -5.10 9.64
CA GLN A 373 33.02 -5.73 10.38
C GLN A 373 32.78 -5.86 11.90
N TYR A 374 31.59 -5.51 12.36
CA TYR A 374 31.28 -5.64 13.78
C TYR A 374 29.83 -5.25 14.03
N ALA A 375 29.22 -5.85 15.06
CA ALA A 375 27.83 -5.56 15.39
C ALA A 375 27.58 -4.08 15.60
N GLY A 376 26.42 -3.63 15.14
CA GLY A 376 26.04 -2.23 15.29
C GLY A 376 26.63 -1.30 14.25
N HIS A 377 27.51 -1.84 13.41
CA HIS A 377 28.17 -1.05 12.38
C HIS A 377 27.22 -0.22 11.50
N ALA A 378 26.10 -0.82 11.10
CA ALA A 378 25.12 -0.15 10.24
C ALA A 378 24.71 1.22 10.75
N LYS A 379 24.56 1.34 12.06
CA LYS A 379 24.17 2.62 12.62
C LYS A 379 25.21 3.70 12.38
N ARG A 380 26.49 3.34 12.31
CA ARG A 380 27.52 4.35 12.12
C ARG A 380 27.44 5.00 10.73
N VAL A 381 27.29 4.17 9.71
CA VAL A 381 27.19 4.67 8.34
C VAL A 381 25.92 5.51 8.25
N MSE A 382 24.93 5.15 9.05
CA MSE A 382 23.66 5.87 9.09
C MSE A 382 23.90 7.32 9.49
O MSE A 382 23.60 8.23 8.74
CB MSE A 382 22.74 5.22 10.09
CG MSE A 382 21.37 4.90 9.55
SE MSE A 382 20.47 3.71 10.75
CE MSE A 382 20.54 2.12 9.64
N MSE A 383 24.42 7.49 10.71
CA MSE A 383 24.73 8.82 11.24
C MSE A 383 25.65 9.50 10.22
O MSE A 383 25.54 10.71 9.97
CB MSE A 383 25.50 8.69 12.56
CG MSE A 383 25.13 7.53 13.46
SE MSE A 383 23.59 7.88 14.58
CE MSE A 383 22.21 7.46 13.28
N GLY A 384 26.59 8.72 9.68
CA GLY A 384 27.55 9.21 8.71
C GLY A 384 26.89 9.91 7.55
N VAL A 385 25.91 9.26 6.96
CA VAL A 385 25.20 9.84 5.84
C VAL A 385 24.47 11.14 6.21
N TRP A 386 23.77 11.15 7.34
CA TRP A 386 23.02 12.35 7.75
C TRP A 386 23.88 13.50 8.29
N SER A 387 25.19 13.33 8.33
CA SER A 387 26.04 14.39 8.88
C SER A 387 27.28 14.78 8.09
N PHE A 388 27.93 13.79 7.50
CA PHE A 388 29.15 14.06 6.76
C PHE A 388 29.05 15.20 5.76
N LEU A 389 28.43 14.95 4.61
CA LEU A 389 28.27 15.97 3.56
C LEU A 389 26.95 16.72 3.74
N ARG A 390 26.91 17.98 3.30
CA ARG A 390 25.73 18.81 3.42
C ARG A 390 24.63 18.44 2.43
N GLN A 391 25.00 17.75 1.35
CA GLN A 391 24.03 17.35 0.32
C GLN A 391 23.21 16.12 0.71
N PHE A 392 23.38 15.65 1.94
CA PHE A 392 22.63 14.49 2.38
C PHE A 392 22.05 14.72 3.78
N MSE A 393 21.81 15.98 4.12
CA MSE A 393 21.27 16.28 5.44
C MSE A 393 19.75 16.22 5.40
O MSE A 393 19.10 16.08 6.44
CB MSE A 393 21.71 17.67 5.91
CG MSE A 393 21.21 18.83 5.03
SE MSE A 393 21.12 20.56 5.95
CE MSE A 393 22.93 20.56 6.69
N TYR A 394 19.18 16.34 4.21
CA TYR A 394 17.74 16.31 4.07
C TYR A 394 17.18 14.94 3.68
N THR A 395 18.05 13.97 3.36
CA THR A 395 17.52 12.67 3.00
C THR A 395 16.91 12.05 4.27
N LYS A 396 15.67 11.63 4.17
CA LYS A 396 14.97 11.07 5.33
C LYS A 396 14.85 9.55 5.33
N PHE A 397 15.49 8.90 4.38
CA PHE A 397 15.46 7.46 4.31
C PHE A 397 16.84 6.90 3.97
N VAL A 398 17.34 5.99 4.80
CA VAL A 398 18.64 5.37 4.54
C VAL A 398 18.58 3.88 4.81
N ILE A 399 18.97 3.10 3.81
CA ILE A 399 18.99 1.65 3.93
C ILE A 399 20.44 1.19 3.90
N VAL A 400 20.85 0.46 4.94
CA VAL A 400 22.20 -0.05 4.98
C VAL A 400 22.22 -1.54 4.72
N CYS A 401 23.04 -1.93 3.73
CA CYS A 401 23.17 -3.33 3.31
C CYS A 401 24.61 -3.79 3.21
N ASP A 402 24.79 -5.10 3.05
CA ASP A 402 26.13 -5.67 2.92
C ASP A 402 26.59 -5.60 1.46
N ASP A 403 27.83 -6.02 1.22
CA ASP A 403 28.40 -5.98 -0.13
C ASP A 403 27.91 -7.05 -1.10
N ASP A 404 26.98 -7.90 -0.67
CA ASP A 404 26.46 -8.96 -1.53
C ASP A 404 25.11 -8.56 -2.11
N VAL A 405 24.85 -7.25 -2.14
CA VAL A 405 23.60 -6.74 -2.68
C VAL A 405 23.89 -5.53 -3.55
N ASN A 406 23.17 -5.41 -4.65
CA ASN A 406 23.36 -4.30 -5.55
C ASN A 406 22.52 -3.12 -5.10
N ALA A 407 23.18 -2.08 -4.59
CA ALA A 407 22.49 -0.91 -4.11
C ALA A 407 21.66 -0.26 -5.19
N ARG A 408 21.99 -0.54 -6.46
CA ARG A 408 21.25 0.06 -7.55
C ARG A 408 20.20 -0.85 -8.16
N ASP A 409 19.91 -1.97 -7.50
CA ASP A 409 18.89 -2.89 -8.00
C ASP A 409 17.84 -3.15 -6.92
N TRP A 410 16.66 -2.54 -7.07
CA TRP A 410 15.59 -2.71 -6.10
C TRP A 410 15.29 -4.16 -5.77
N ASN A 411 15.58 -5.08 -6.68
CA ASN A 411 15.31 -6.47 -6.37
C ASN A 411 16.24 -6.91 -5.24
N ASP A 412 17.50 -6.49 -5.32
CA ASP A 412 18.48 -6.84 -4.30
C ASP A 412 18.15 -6.14 -2.98
N VAL A 413 17.86 -4.85 -3.06
CA VAL A 413 17.59 -4.13 -1.84
C VAL A 413 16.34 -4.65 -1.14
N ILE A 414 15.23 -4.81 -1.84
CA ILE A 414 14.01 -5.32 -1.21
C ILE A 414 14.22 -6.71 -0.60
N TRP A 415 15.00 -7.54 -1.28
CA TRP A 415 15.32 -8.87 -0.80
C TRP A 415 15.98 -8.73 0.58
N ALA A 416 17.00 -7.87 0.67
CA ALA A 416 17.74 -7.60 1.92
C ALA A 416 16.81 -7.15 3.04
N ILE A 417 16.05 -6.08 2.77
CA ILE A 417 15.09 -5.55 3.71
C ILE A 417 14.21 -6.67 4.23
N THR A 418 13.66 -7.45 3.32
CA THR A 418 12.75 -8.52 3.69
C THR A 418 13.31 -9.80 4.28
N THR A 419 14.59 -10.10 4.06
CA THR A 419 15.12 -11.36 4.59
C THR A 419 16.05 -11.21 5.79
N ARG A 420 16.79 -10.11 5.84
CA ARG A 420 17.72 -9.92 6.92
C ARG A 420 17.39 -8.75 7.81
N MSE A 421 16.11 -8.54 8.08
CA MSE A 421 15.69 -7.43 8.91
C MSE A 421 14.44 -7.66 9.76
O MSE A 421 13.51 -8.36 9.33
CB MSE A 421 15.49 -6.20 8.03
CG MSE A 421 15.16 -4.94 8.79
SE MSE A 421 15.08 -3.43 7.58
CE MSE A 421 13.20 -3.05 7.73
N ASP A 422 14.44 -7.10 10.97
CA ASP A 422 13.29 -7.19 11.89
C ASP A 422 12.86 -5.74 12.12
N PRO A 423 11.78 -5.32 11.43
CA PRO A 423 11.22 -3.97 11.50
C PRO A 423 11.49 -3.24 12.82
N ALA A 424 10.78 -3.62 13.86
CA ALA A 424 10.95 -2.95 15.13
C ALA A 424 12.39 -2.99 15.59
N ARG A 425 13.03 -4.15 15.50
CA ARG A 425 14.39 -4.24 15.97
C ARG A 425 15.46 -3.53 15.17
N ASP A 426 15.40 -3.63 13.85
CA ASP A 426 16.41 -3.04 13.00
C ASP A 426 16.07 -1.69 12.33
N THR A 427 15.13 -0.94 12.89
CA THR A 427 14.79 0.37 12.31
C THR A 427 15.16 1.45 13.31
N VAL A 428 15.79 2.51 12.80
CA VAL A 428 16.19 3.62 13.63
C VAL A 428 15.43 4.87 13.24
N LEU A 429 14.61 5.36 14.17
CA LEU A 429 13.83 6.56 13.91
C LEU A 429 14.37 7.65 14.81
N VAL A 430 14.71 8.80 14.22
CA VAL A 430 15.19 9.94 14.99
C VAL A 430 14.30 11.11 14.58
N GLU A 431 13.77 11.84 15.56
CA GLU A 431 12.86 12.95 15.27
C GLU A 431 13.41 14.38 15.39
N ASN A 432 12.66 15.33 14.86
CA ASN A 432 13.05 16.73 14.90
C ASN A 432 14.39 17.02 14.29
N THR A 433 14.60 16.49 13.10
CA THR A 433 15.85 16.73 12.42
C THR A 433 15.52 17.78 11.39
N PRO A 434 16.54 18.46 10.85
CA PRO A 434 16.27 19.49 9.86
C PRO A 434 15.83 18.85 8.56
N ILE A 435 14.85 19.47 7.91
CA ILE A 435 14.27 18.99 6.64
C ILE A 435 13.85 20.11 5.69
N ASP A 436 13.88 19.82 4.40
CA ASP A 436 13.54 20.77 3.33
C ASP A 436 12.24 21.54 3.59
N TYR A 437 12.35 22.86 3.60
CA TYR A 437 11.19 23.73 3.85
C TYR A 437 9.99 23.45 2.97
N LEU A 438 10.24 22.86 1.80
CA LEU A 438 9.16 22.58 0.89
C LEU A 438 8.62 21.18 0.99
N ASP A 439 9.21 20.35 1.85
CA ASP A 439 8.72 18.97 1.99
C ASP A 439 7.39 18.94 2.76
N PHE A 440 6.30 19.29 2.08
CA PHE A 440 4.99 19.32 2.71
C PHE A 440 4.60 18.09 3.52
N ALA A 441 5.22 16.95 3.22
CA ALA A 441 4.89 15.72 3.93
C ALA A 441 5.35 15.69 5.39
N SER A 442 6.13 16.69 5.80
CA SER A 442 6.64 16.79 7.17
C SER A 442 5.61 17.44 8.10
N PRO A 443 5.70 17.15 9.41
CA PRO A 443 4.74 17.73 10.35
C PRO A 443 4.79 19.24 10.46
N VAL A 444 5.99 19.79 10.27
CA VAL A 444 6.19 21.22 10.36
C VAL A 444 7.33 21.60 9.42
N SER A 445 7.11 22.69 8.69
CA SER A 445 8.06 23.21 7.73
C SER A 445 9.48 23.34 8.31
N GLY A 446 10.44 22.73 7.64
CA GLY A 446 11.82 22.80 8.09
C GLY A 446 12.16 21.89 9.25
N LEU A 447 11.22 21.04 9.63
CA LEU A 447 11.45 20.15 10.75
C LEU A 447 10.72 18.85 10.48
N GLY A 448 11.45 17.73 10.55
CA GLY A 448 10.83 16.42 10.32
C GLY A 448 11.67 15.28 10.85
N SER A 449 11.26 14.04 10.61
CA SER A 449 12.00 12.90 11.10
C SER A 449 12.68 12.11 10.00
N LYS A 450 13.68 11.32 10.38
CA LYS A 450 14.40 10.49 9.44
C LYS A 450 14.31 9.06 9.88
N MSE A 451 14.38 8.16 8.91
CA MSE A 451 14.31 6.76 9.22
C MSE A 451 15.49 6.03 8.62
O MSE A 451 15.81 6.18 7.43
CB MSE A 451 13.01 6.17 8.69
CG MSE A 451 12.86 4.68 8.98
SE MSE A 451 11.20 4.00 8.26
CE MSE A 451 11.76 3.69 6.44
N GLY A 452 16.15 5.25 9.45
CA GLY A 452 17.29 4.47 9.01
C GLY A 452 16.87 3.04 9.21
N LEU A 453 17.10 2.20 8.20
CA LEU A 453 16.75 0.81 8.35
C LEU A 453 17.92 -0.03 7.90
N ASP A 454 18.62 -0.66 8.82
CA ASP A 454 19.72 -1.46 8.35
C ASP A 454 19.24 -2.86 8.08
N ALA A 455 19.61 -3.35 6.90
CA ALA A 455 19.25 -4.69 6.49
C ALA A 455 20.55 -5.42 6.32
N THR A 456 21.44 -5.27 7.29
CA THR A 456 22.70 -5.99 7.21
C THR A 456 22.55 -7.29 7.97
N ASN A 457 23.35 -8.29 7.60
CA ASN A 457 23.29 -9.55 8.30
C ASN A 457 23.57 -9.23 9.76
N LYS A 458 22.78 -9.83 10.64
CA LYS A 458 22.93 -9.63 12.07
C LYS A 458 23.98 -10.58 12.62
N TRP A 459 24.82 -10.04 13.49
CA TRP A 459 25.89 -10.81 14.08
C TRP A 459 25.52 -11.23 15.50
N PRO A 460 26.25 -12.20 16.08
CA PRO A 460 25.88 -12.58 17.44
C PRO A 460 25.90 -11.34 18.30
N GLY A 461 24.82 -11.14 19.06
CA GLY A 461 24.68 -9.96 19.91
C GLY A 461 23.50 -9.19 19.33
N GLU A 462 23.53 -8.97 18.02
CA GLU A 462 22.47 -8.29 17.31
C GLU A 462 21.33 -9.27 17.22
N THR A 463 21.67 -10.55 17.33
CA THR A 463 20.69 -11.63 17.29
C THR A 463 21.18 -12.85 18.07
N GLN A 464 20.25 -13.75 18.39
CA GLN A 464 20.60 -14.94 19.12
C GLN A 464 20.20 -16.15 18.28
N ARG A 465 19.90 -15.90 17.01
CA ARG A 465 19.52 -16.98 16.13
C ARG A 465 20.55 -17.27 15.09
N GLU A 466 20.50 -18.47 14.54
CA GLU A 466 21.44 -18.89 13.51
C GLU A 466 21.05 -18.19 12.22
N TRP A 467 21.88 -17.26 11.77
CA TRP A 467 21.63 -16.51 10.55
C TRP A 467 21.74 -17.38 9.29
N GLY A 468 21.02 -17.03 8.24
CA GLY A 468 21.07 -17.82 7.03
C GLY A 468 22.34 -17.72 6.20
N ARG A 469 22.71 -18.83 5.57
CA ARG A 469 23.88 -18.89 4.69
C ARG A 469 23.38 -18.44 3.33
N PRO A 470 23.77 -17.25 2.89
CA PRO A 470 23.34 -16.70 1.61
C PRO A 470 23.90 -17.39 0.39
N ILE A 471 23.08 -17.45 -0.65
CA ILE A 471 23.48 -18.05 -1.92
C ILE A 471 24.43 -17.07 -2.58
N LYS A 472 25.59 -17.57 -2.96
CA LYS A 472 26.62 -16.76 -3.60
C LYS A 472 26.90 -17.42 -4.95
N LYS A 473 26.75 -16.65 -6.02
CA LYS A 473 27.00 -17.18 -7.35
C LYS A 473 28.46 -17.57 -7.57
N ASP A 474 28.69 -18.51 -8.48
CA ASP A 474 30.05 -18.93 -8.77
C ASP A 474 30.69 -17.93 -9.70
N PRO A 475 31.79 -17.30 -9.26
CA PRO A 475 32.51 -16.31 -10.07
C PRO A 475 32.90 -16.76 -11.46
N ASP A 476 33.34 -18.02 -11.59
CA ASP A 476 33.74 -18.55 -12.88
C ASP A 476 32.55 -18.76 -13.81
N VAL A 477 31.41 -19.18 -13.26
CA VAL A 477 30.25 -19.37 -14.10
C VAL A 477 29.74 -18.03 -14.61
N VAL A 478 29.53 -17.10 -13.68
CA VAL A 478 29.05 -15.77 -14.05
C VAL A 478 30.03 -15.19 -15.07
N ALA A 479 31.26 -15.70 -15.05
CA ALA A 479 32.30 -15.25 -15.98
C ALA A 479 32.20 -15.96 -17.32
N HIS A 480 31.87 -17.25 -17.31
CA HIS A 480 31.77 -17.97 -18.56
C HIS A 480 30.58 -17.51 -19.37
N ILE A 481 29.38 -17.59 -18.80
CA ILE A 481 28.22 -17.19 -19.56
C ILE A 481 28.32 -15.72 -19.87
N ASP A 482 29.23 -15.03 -19.20
CA ASP A 482 29.40 -13.61 -19.43
C ASP A 482 29.98 -13.36 -20.81
N ALA A 483 30.82 -14.29 -21.26
CA ALA A 483 31.48 -14.22 -22.56
C ALA A 483 30.61 -14.81 -23.66
N ILE A 484 30.02 -15.96 -23.37
CA ILE A 484 29.18 -16.62 -24.34
C ILE A 484 27.85 -15.90 -24.45
N TRP A 485 27.60 -14.94 -23.54
CA TRP A 485 26.33 -14.22 -23.55
C TRP A 485 25.91 -13.66 -24.90
N ASP A 486 26.77 -12.86 -25.53
CA ASP A 486 26.43 -12.28 -26.84
C ASP A 486 26.21 -13.33 -27.92
N GLU A 487 26.88 -14.47 -27.79
CA GLU A 487 26.73 -15.56 -28.74
C GLU A 487 25.32 -16.13 -28.58
N LEU A 488 24.79 -16.09 -27.35
CA LEU A 488 23.44 -16.56 -27.06
C LEU A 488 22.51 -15.43 -27.46
N ALA A 489 22.08 -15.43 -28.71
CA ALA A 489 21.19 -14.38 -29.18
C ALA A 489 19.82 -14.45 -28.53
N ILE A 490 19.77 -14.20 -27.22
CA ILE A 490 18.51 -14.25 -26.49
C ILE A 490 17.66 -13.03 -26.82
N PHE A 491 18.30 -11.87 -26.97
CA PHE A 491 17.58 -10.64 -27.28
C PHE A 491 18.02 -10.01 -28.61
N ASN B 7 -3.00 -27.03 -25.90
CA ASN B 7 -3.20 -28.50 -25.71
C ASN B 7 -2.29 -29.08 -24.64
N ASP B 8 -1.08 -29.49 -25.05
CA ASP B 8 -0.09 -30.05 -24.14
C ASP B 8 1.14 -29.15 -24.07
N LEU B 9 2.21 -29.62 -23.44
CA LEU B 9 3.42 -28.83 -23.31
C LEU B 9 4.03 -28.51 -24.68
N ARG B 10 4.27 -29.56 -25.47
CA ARG B 10 4.84 -29.42 -26.80
C ARG B 10 4.09 -28.38 -27.63
N ASP B 11 2.77 -28.34 -27.48
CA ASP B 11 1.91 -27.40 -28.20
C ASP B 11 2.00 -26.00 -27.64
N PHE B 12 2.08 -25.88 -26.32
CA PHE B 12 2.19 -24.58 -25.68
C PHE B 12 3.50 -23.92 -26.09
N LEU B 13 4.54 -24.71 -26.30
CA LEU B 13 5.82 -24.16 -26.71
C LEU B 13 5.77 -23.62 -28.12
N THR B 14 4.98 -24.24 -28.96
CA THR B 14 4.85 -23.80 -30.34
C THR B 14 4.32 -22.37 -30.39
N LEU B 15 3.14 -22.17 -29.82
CA LEU B 15 2.51 -20.85 -29.80
C LEU B 15 3.43 -19.83 -29.14
N LEU B 16 4.02 -20.22 -28.03
CA LEU B 16 4.92 -19.37 -27.28
C LEU B 16 6.03 -18.86 -28.18
N GLU B 17 6.52 -19.73 -29.04
CA GLU B 17 7.61 -19.37 -29.95
C GLU B 17 7.03 -18.57 -31.10
N GLN B 18 5.77 -18.84 -31.41
CA GLN B 18 5.09 -18.14 -32.49
C GLN B 18 4.95 -16.66 -32.11
N GLN B 19 5.07 -16.37 -30.82
CA GLN B 19 4.95 -15.00 -30.35
C GLN B 19 6.30 -14.41 -29.99
N GLY B 20 7.37 -15.12 -30.37
CA GLY B 20 8.70 -14.66 -30.07
C GLY B 20 8.95 -14.65 -28.58
N GLU B 21 8.43 -15.67 -27.90
CA GLU B 21 8.59 -15.75 -26.46
C GLU B 21 9.31 -17.03 -26.08
N LEU B 22 9.97 -17.64 -27.06
CA LEU B 22 10.72 -18.87 -26.81
C LEU B 22 11.95 -18.94 -27.70
N LYS B 23 13.11 -18.88 -27.06
CA LYS B 23 14.38 -18.92 -27.77
C LYS B 23 15.12 -20.21 -27.55
N ARG B 24 15.43 -20.89 -28.65
CA ARG B 24 16.17 -22.14 -28.59
C ARG B 24 17.65 -21.80 -28.52
N ILE B 25 18.37 -22.48 -27.62
CA ILE B 25 19.80 -22.26 -27.42
C ILE B 25 20.62 -23.44 -27.96
N THR B 26 21.25 -23.21 -29.11
CA THR B 26 22.04 -24.23 -29.76
C THR B 26 23.43 -24.43 -29.15
N LEU B 27 23.99 -23.38 -28.57
CA LEU B 27 25.30 -23.50 -27.94
C LEU B 27 25.25 -24.51 -26.81
N PRO B 28 26.38 -25.20 -26.57
CA PRO B 28 26.45 -26.20 -25.49
C PRO B 28 26.54 -25.52 -24.13
N VAL B 29 25.53 -25.77 -23.31
CA VAL B 29 25.43 -25.20 -21.98
C VAL B 29 25.32 -26.34 -20.99
N ASP B 30 26.03 -26.20 -19.86
CA ASP B 30 26.04 -27.24 -18.84
C ASP B 30 24.87 -27.10 -17.87
N PRO B 31 24.04 -28.16 -17.73
CA PRO B 31 22.91 -28.08 -16.79
C PRO B 31 23.42 -27.87 -15.37
N HIS B 32 24.71 -28.07 -15.16
CA HIS B 32 25.34 -27.88 -13.86
C HIS B 32 25.53 -26.38 -13.65
N LEU B 33 24.59 -25.78 -12.93
CA LEU B 33 24.57 -24.36 -12.61
C LEU B 33 24.85 -23.32 -13.74
N GLU B 34 25.16 -23.76 -14.94
CA GLU B 34 25.37 -22.82 -16.03
C GLU B 34 24.02 -22.39 -16.60
N ILE B 35 23.06 -23.33 -16.68
CA ILE B 35 21.73 -23.00 -17.19
C ILE B 35 21.09 -22.00 -16.26
N THR B 36 21.24 -22.25 -14.96
CA THR B 36 20.67 -21.37 -13.96
C THR B 36 21.19 -19.95 -14.15
N GLU B 37 22.51 -19.81 -14.21
CA GLU B 37 23.08 -18.48 -14.38
C GLU B 37 22.51 -17.75 -15.59
N ILE B 38 22.22 -18.51 -16.64
CA ILE B 38 21.67 -17.92 -17.86
C ILE B 38 20.18 -17.61 -17.69
N ALA B 39 19.42 -18.59 -17.20
CA ALA B 39 17.98 -18.42 -17.01
C ALA B 39 17.69 -17.27 -16.04
N ASP B 40 18.54 -17.18 -15.01
CA ASP B 40 18.45 -16.15 -13.97
C ASP B 40 18.65 -14.74 -14.51
N ARG B 41 19.50 -14.59 -15.51
CA ARG B 41 19.72 -13.28 -16.07
C ARG B 41 18.53 -12.99 -16.97
N THR B 42 18.17 -14.00 -17.76
CA THR B 42 17.06 -13.90 -18.70
C THR B 42 15.77 -13.48 -18.01
N LEU B 43 15.46 -14.12 -16.87
CA LEU B 43 14.23 -13.78 -16.15
C LEU B 43 14.23 -12.37 -15.57
N ARG B 44 15.32 -12.00 -14.91
CA ARG B 44 15.48 -10.70 -14.28
C ARG B 44 15.35 -9.55 -15.27
N ALA B 45 15.59 -9.83 -16.53
CA ALA B 45 15.51 -8.81 -17.56
C ALA B 45 14.51 -9.21 -18.63
N GLY B 46 13.25 -9.40 -18.26
CA GLY B 46 12.24 -9.80 -19.21
C GLY B 46 12.54 -11.22 -19.66
N GLY B 47 13.13 -11.35 -20.83
CA GLY B 47 13.51 -12.65 -21.35
C GLY B 47 12.46 -13.72 -21.53
N PRO B 48 12.41 -14.31 -22.73
CA PRO B 48 11.46 -15.36 -23.07
C PRO B 48 11.83 -16.68 -22.42
N ALA B 49 10.98 -17.69 -22.63
CA ALA B 49 11.21 -19.04 -22.10
C ALA B 49 12.47 -19.54 -22.77
N LEU B 50 13.14 -20.50 -22.15
CA LEU B 50 14.38 -20.98 -22.73
C LEU B 50 14.42 -22.48 -23.03
N LEU B 51 14.79 -22.82 -24.26
CA LEU B 51 14.89 -24.22 -24.63
C LEU B 51 16.34 -24.56 -24.96
N PHE B 52 17.05 -25.09 -23.97
CA PHE B 52 18.44 -25.47 -24.14
C PHE B 52 18.51 -26.80 -24.88
N GLU B 53 18.64 -26.70 -26.20
CA GLU B 53 18.71 -27.87 -27.05
C GLU B 53 20.00 -28.65 -26.94
N ASN B 54 21.09 -27.95 -26.69
CA ASN B 54 22.37 -28.62 -26.60
C ASN B 54 22.96 -28.59 -25.21
N PRO B 55 22.46 -29.47 -24.32
CA PRO B 55 22.96 -29.53 -22.94
C PRO B 55 24.25 -30.34 -22.83
N LYS B 56 25.27 -29.77 -22.21
CA LYS B 56 26.54 -30.47 -22.07
C LYS B 56 26.44 -31.82 -21.34
N GLY B 57 27.04 -32.85 -21.93
CA GLY B 57 27.04 -34.17 -21.32
C GLY B 57 25.68 -34.85 -21.32
N TYR B 58 24.73 -34.33 -22.08
CA TYR B 58 23.40 -34.91 -22.13
C TYR B 58 22.77 -34.90 -23.52
N SER B 59 21.76 -35.75 -23.70
CA SER B 59 21.07 -35.89 -24.97
C SER B 59 19.86 -34.98 -25.11
N MSE B 60 18.84 -35.22 -24.29
CA MSE B 60 17.61 -34.42 -24.35
C MSE B 60 17.79 -32.97 -23.90
O MSE B 60 18.52 -32.67 -22.95
CB MSE B 60 16.51 -35.09 -23.51
CG MSE B 60 16.79 -35.17 -22.02
SE MSE B 60 15.39 -36.11 -21.07
CE MSE B 60 16.41 -37.58 -20.30
N PRO B 61 17.10 -32.03 -24.57
CA PRO B 61 17.17 -30.60 -24.27
C PRO B 61 16.53 -30.25 -22.93
N VAL B 62 16.73 -29.01 -22.49
CA VAL B 62 16.21 -28.54 -21.21
C VAL B 62 15.31 -27.33 -21.36
N LEU B 63 14.07 -27.44 -20.87
CA LEU B 63 13.12 -26.31 -20.89
C LEU B 63 13.28 -25.58 -19.57
N CYS B 64 13.38 -24.24 -19.63
CA CYS B 64 13.57 -23.47 -18.42
C CYS B 64 13.01 -22.06 -18.52
N ASN B 65 12.52 -21.53 -17.40
CA ASN B 65 12.00 -20.17 -17.36
C ASN B 65 10.75 -19.92 -18.21
N LEU B 66 9.87 -20.91 -18.37
CA LEU B 66 8.69 -20.67 -19.23
C LEU B 66 7.66 -19.82 -18.52
N PHE B 67 7.81 -19.69 -17.22
CA PHE B 67 6.91 -18.90 -16.40
C PHE B 67 7.64 -17.71 -15.81
N GLY B 68 8.77 -17.36 -16.41
CA GLY B 68 9.56 -16.24 -15.92
C GLY B 68 8.96 -14.87 -16.20
N THR B 69 7.78 -14.86 -16.82
CA THR B 69 7.10 -13.61 -17.14
C THR B 69 5.59 -13.80 -16.98
N PRO B 70 4.92 -12.84 -16.32
CA PRO B 70 3.48 -12.92 -16.11
C PRO B 70 2.69 -13.05 -17.41
N LYS B 71 3.28 -12.70 -18.55
CA LYS B 71 2.58 -12.81 -19.81
C LYS B 71 2.58 -14.25 -20.28
N ARG B 72 3.62 -15.00 -19.90
CA ARG B 72 3.73 -16.40 -20.27
C ARG B 72 2.80 -17.23 -19.41
N VAL B 73 2.67 -16.84 -18.14
CA VAL B 73 1.79 -17.57 -17.25
C VAL B 73 0.35 -17.34 -17.71
N ALA B 74 0.14 -16.22 -18.38
CA ALA B 74 -1.18 -15.86 -18.89
C ALA B 74 -1.52 -16.69 -20.11
N MSE B 75 -0.56 -16.82 -21.02
CA MSE B 75 -0.76 -17.59 -22.22
C MSE B 75 -0.84 -19.06 -21.87
O MSE B 75 -1.35 -19.88 -22.65
CB MSE B 75 0.40 -17.34 -23.19
CG MSE B 75 0.64 -15.89 -23.52
SE MSE B 75 2.02 -15.70 -24.87
CE MSE B 75 0.92 -15.16 -26.39
N GLY B 76 -0.35 -19.42 -20.68
CA GLY B 76 -0.37 -20.80 -20.23
C GLY B 76 -1.76 -21.24 -19.85
N MSE B 77 -2.76 -20.65 -20.51
CA MSE B 77 -4.16 -20.96 -20.24
C MSE B 77 -5.03 -20.24 -21.26
O MSE B 77 -6.24 -20.09 -21.05
CB MSE B 77 -4.52 -20.51 -18.83
CG MSE B 77 -4.05 -19.11 -18.52
SE MSE B 77 -4.45 -18.59 -16.72
CE MSE B 77 -2.91 -19.38 -15.83
N GLY B 78 -4.41 -19.78 -22.33
CA GLY B 78 -5.12 -19.08 -23.39
C GLY B 78 -5.94 -17.90 -22.93
N GLN B 79 -5.78 -17.52 -21.68
CA GLN B 79 -6.52 -16.39 -21.14
C GLN B 79 -5.88 -15.11 -21.63
N GLU B 80 -4.58 -15.16 -21.90
CA GLU B 80 -3.83 -14.01 -22.38
C GLU B 80 -3.91 -12.84 -21.40
N ASP B 81 -4.72 -13.01 -20.36
CA ASP B 81 -4.91 -11.98 -19.35
C ASP B 81 -4.32 -12.40 -18.01
N VAL B 82 -3.21 -11.78 -17.65
CA VAL B 82 -2.53 -12.07 -16.39
C VAL B 82 -3.48 -11.85 -15.23
N SER B 83 -4.27 -10.78 -15.32
CA SER B 83 -5.24 -10.44 -14.30
C SER B 83 -6.59 -11.10 -14.52
N ALA B 84 -6.58 -12.26 -15.16
CA ALA B 84 -7.81 -13.00 -15.43
C ALA B 84 -8.05 -14.01 -14.32
N LEU B 85 -7.05 -14.25 -13.48
CA LEU B 85 -7.21 -15.22 -12.39
C LEU B 85 -8.12 -14.67 -11.30
N ARG B 86 -8.42 -13.38 -11.38
CA ARG B 86 -9.28 -12.72 -10.42
C ARG B 86 -10.67 -13.37 -10.47
N GLU B 87 -11.11 -13.70 -11.68
CA GLU B 87 -12.42 -14.33 -11.84
C GLU B 87 -12.40 -15.73 -11.29
N VAL B 88 -11.22 -16.34 -11.26
CA VAL B 88 -11.07 -17.69 -10.74
C VAL B 88 -11.25 -17.64 -9.22
N GLY B 89 -10.72 -16.58 -8.61
CA GLY B 89 -10.82 -16.42 -7.18
C GLY B 89 -12.27 -16.23 -6.78
N LYS B 90 -13.00 -15.48 -7.59
CA LYS B 90 -14.41 -15.23 -7.31
C LYS B 90 -15.15 -16.56 -7.46
N LEU B 91 -14.65 -17.40 -8.37
CA LEU B 91 -15.26 -18.70 -8.63
C LEU B 91 -15.36 -19.54 -7.36
N LEU B 92 -14.36 -19.42 -6.50
CA LEU B 92 -14.35 -20.16 -5.25
C LEU B 92 -15.59 -19.87 -4.40
N ALA B 93 -16.59 -20.73 -4.57
CA ALA B 93 -17.85 -20.62 -3.84
C ALA B 93 -18.08 -21.91 -3.07
N MSE B 120 -16.28 -32.10 -12.55
CA MSE B 120 -15.54 -32.08 -13.82
C MSE B 120 -14.21 -32.84 -13.64
O MSE B 120 -13.23 -32.27 -13.17
CB MSE B 120 -15.29 -30.64 -14.25
CG MSE B 120 -15.44 -30.36 -15.75
SE MSE B 120 -13.77 -30.31 -16.83
CE MSE B 120 -13.19 -28.45 -16.45
N PRO B 121 -14.18 -34.13 -14.02
CA PRO B 121 -13.00 -35.00 -13.91
C PRO B 121 -11.91 -34.89 -14.99
N THR B 122 -11.43 -36.06 -15.40
CA THR B 122 -10.36 -36.18 -16.38
C THR B 122 -10.79 -37.04 -17.56
N LYS B 123 -9.83 -37.47 -18.36
CA LYS B 123 -10.13 -38.31 -19.51
C LYS B 123 -9.01 -39.32 -19.59
N ARG B 124 -9.13 -40.38 -18.80
CA ARG B 124 -8.10 -41.42 -18.73
C ARG B 124 -7.80 -42.15 -20.03
N LEU B 125 -6.90 -41.58 -20.82
CA LEU B 125 -6.48 -42.15 -22.08
C LEU B 125 -5.85 -43.52 -21.87
N ARG B 126 -5.94 -44.36 -22.90
CA ARG B 126 -5.37 -45.70 -22.88
C ARG B 126 -4.13 -45.69 -23.76
N GLY B 127 -2.97 -45.63 -23.12
CA GLY B 127 -1.72 -45.58 -23.84
C GLY B 127 -1.45 -44.15 -24.26
N ALA B 128 -0.60 -43.46 -23.49
CA ALA B 128 -0.25 -42.08 -23.78
C ALA B 128 1.13 -41.99 -24.45
N PRO B 129 1.41 -40.84 -25.10
CA PRO B 129 2.72 -40.68 -25.76
C PRO B 129 3.88 -40.72 -24.76
N CYS B 130 3.62 -40.26 -23.55
CA CYS B 130 4.62 -40.24 -22.50
C CYS B 130 5.00 -41.67 -22.11
N GLN B 131 4.65 -42.63 -22.96
CA GLN B 131 4.98 -44.02 -22.69
C GLN B 131 5.56 -44.68 -23.93
N GLN B 132 5.99 -43.85 -24.88
CA GLN B 132 6.60 -44.33 -26.12
C GLN B 132 7.91 -45.06 -25.82
N LYS B 133 8.48 -44.78 -24.65
CA LYS B 133 9.72 -45.41 -24.20
C LYS B 133 9.55 -45.80 -22.75
N ILE B 134 10.04 -46.98 -22.38
CA ILE B 134 9.91 -47.48 -21.02
C ILE B 134 11.12 -48.28 -20.60
N VAL B 135 11.58 -48.07 -19.37
CA VAL B 135 12.72 -48.79 -18.83
C VAL B 135 12.39 -49.21 -17.40
N SER B 136 13.15 -50.18 -16.88
CA SER B 136 12.91 -50.64 -15.52
C SER B 136 14.11 -51.38 -14.91
N GLY B 137 13.93 -51.87 -13.69
CA GLY B 137 15.00 -52.57 -13.02
C GLY B 137 16.26 -51.75 -12.94
N ASP B 138 17.40 -52.40 -13.10
CA ASP B 138 18.68 -51.70 -13.05
C ASP B 138 18.98 -50.96 -14.35
N ASP B 139 17.93 -50.67 -15.11
CA ASP B 139 18.07 -49.95 -16.36
C ASP B 139 17.52 -48.53 -16.22
N VAL B 140 17.15 -48.18 -14.98
CA VAL B 140 16.62 -46.85 -14.71
C VAL B 140 17.62 -45.77 -15.08
N ASP B 141 18.60 -45.56 -14.23
CA ASP B 141 19.62 -44.56 -14.49
C ASP B 141 19.09 -43.15 -14.71
N LEU B 142 19.05 -42.38 -13.63
CA LEU B 142 18.58 -41.01 -13.67
C LEU B 142 19.73 -40.10 -14.14
N ASN B 143 20.95 -40.61 -14.13
CA ASN B 143 22.09 -39.83 -14.56
C ASN B 143 21.99 -39.50 -16.04
N ARG B 144 21.14 -40.22 -16.75
CA ARG B 144 20.94 -40.02 -18.17
C ARG B 144 20.07 -38.78 -18.44
N ILE B 145 19.28 -38.40 -17.44
CA ILE B 145 18.42 -37.22 -17.52
C ILE B 145 19.25 -35.99 -17.16
N PRO B 146 19.09 -34.89 -17.90
CA PRO B 146 19.84 -33.66 -17.66
C PRO B 146 19.43 -32.84 -16.45
N ILE B 147 18.96 -33.51 -15.40
CA ILE B 147 18.55 -32.82 -14.17
C ILE B 147 19.66 -31.87 -13.76
N MSE B 148 19.30 -30.61 -13.57
CA MSE B 148 20.28 -29.57 -13.26
C MSE B 148 20.62 -29.30 -11.79
O MSE B 148 19.94 -29.74 -10.87
CB MSE B 148 19.88 -28.27 -13.96
CG MSE B 148 18.43 -27.82 -13.77
SE MSE B 148 17.93 -26.20 -14.81
CE MSE B 148 18.21 -24.84 -13.47
N THR B 149 21.75 -28.62 -11.60
CA THR B 149 22.21 -28.21 -10.29
C THR B 149 21.98 -26.71 -10.37
N CYS B 150 21.40 -26.13 -9.32
CA CYS B 150 21.12 -24.71 -9.35
C CYS B 150 22.19 -23.82 -8.74
N TRP B 151 22.69 -24.16 -7.56
CA TRP B 151 23.73 -23.32 -6.92
C TRP B 151 24.99 -24.07 -6.53
N PRO B 152 26.15 -23.40 -6.64
CA PRO B 152 27.46 -23.99 -6.32
C PRO B 152 27.62 -24.71 -5.00
N GLU B 153 26.71 -24.53 -4.06
CA GLU B 153 26.84 -25.21 -2.79
C GLU B 153 25.73 -26.22 -2.56
N ASP B 154 24.93 -26.44 -3.59
CA ASP B 154 23.83 -27.38 -3.52
C ASP B 154 24.31 -28.82 -3.41
N ALA B 155 23.67 -29.57 -2.53
CA ALA B 155 24.00 -30.97 -2.29
C ALA B 155 24.18 -31.80 -3.57
N ALA B 156 23.20 -31.76 -4.46
CA ALA B 156 23.28 -32.54 -5.67
C ALA B 156 22.27 -32.03 -6.68
N PRO B 157 22.16 -32.69 -7.85
CA PRO B 157 21.17 -32.18 -8.79
C PRO B 157 19.80 -32.32 -8.11
N LEU B 158 18.86 -31.49 -8.52
CA LEU B 158 17.55 -31.53 -7.92
C LEU B 158 16.46 -31.39 -8.96
N ILE B 159 15.31 -32.01 -8.74
CA ILE B 159 14.20 -31.91 -9.69
C ILE B 159 13.21 -30.90 -9.09
N THR B 160 13.27 -29.67 -9.60
CA THR B 160 12.42 -28.59 -9.14
C THR B 160 10.94 -28.81 -9.46
N TRP B 161 10.63 -29.13 -10.72
CA TRP B 161 9.23 -29.38 -11.11
C TRP B 161 8.84 -30.82 -10.83
N GLY B 162 7.99 -31.36 -11.70
CA GLY B 162 7.58 -32.73 -11.52
C GLY B 162 6.29 -32.81 -10.73
N LEU B 163 5.30 -33.46 -11.33
CA LEU B 163 4.01 -33.60 -10.70
C LEU B 163 3.95 -34.91 -9.92
N THR B 164 4.23 -34.83 -8.63
CA THR B 164 4.22 -36.01 -7.78
C THR B 164 2.78 -36.46 -7.49
N VAL B 165 2.48 -37.69 -7.85
CA VAL B 165 1.14 -38.24 -7.65
C VAL B 165 1.14 -39.32 -6.57
N THR B 166 0.14 -39.27 -5.70
CA THR B 166 0.01 -40.24 -4.62
C THR B 166 -1.45 -40.49 -4.31
N ARG B 167 -1.78 -41.76 -4.10
CA ARG B 167 -3.15 -42.14 -3.78
C ARG B 167 -3.17 -42.65 -2.36
N GLY B 168 -4.00 -42.05 -1.51
CA GLY B 168 -4.09 -42.50 -0.13
C GLY B 168 -4.62 -43.93 -0.07
N PRO B 169 -4.39 -44.64 1.06
CA PRO B 169 -4.86 -46.03 1.24
C PRO B 169 -6.37 -46.13 1.49
N HIS B 170 -7.03 -44.98 1.53
CA HIS B 170 -8.46 -44.90 1.78
C HIS B 170 -9.23 -44.46 0.53
N LYS B 171 -9.51 -43.15 0.43
CA LYS B 171 -10.24 -42.60 -0.70
C LYS B 171 -9.62 -42.94 -2.04
N GLU B 172 -10.40 -42.80 -3.11
CA GLU B 172 -9.95 -43.09 -4.46
C GLU B 172 -9.60 -41.78 -5.17
N ARG B 173 -9.22 -40.79 -4.37
CA ARG B 173 -8.85 -39.48 -4.89
C ARG B 173 -7.37 -39.27 -4.65
N GLN B 174 -6.61 -39.14 -5.72
CA GLN B 174 -5.17 -38.94 -5.61
C GLN B 174 -4.78 -37.48 -5.43
N ASN B 175 -3.56 -37.26 -4.97
CA ASN B 175 -3.04 -35.91 -4.73
C ASN B 175 -1.91 -35.58 -5.69
N LEU B 176 -1.65 -34.28 -5.86
CA LEU B 176 -0.59 -33.80 -6.74
C LEU B 176 0.54 -33.17 -5.93
N GLY B 177 0.59 -31.83 -5.91
CA GLY B 177 1.63 -31.15 -5.16
C GLY B 177 3.00 -31.25 -5.81
N ILE B 178 3.76 -30.16 -5.71
CA ILE B 178 5.11 -30.09 -6.26
C ILE B 178 6.10 -30.22 -5.11
N TYR B 179 7.02 -31.17 -5.22
CA TYR B 179 8.03 -31.36 -4.18
C TYR B 179 9.37 -31.56 -4.87
N ARG B 180 10.39 -30.90 -4.36
CA ARG B 180 11.70 -31.04 -4.95
C ARG B 180 12.29 -32.37 -4.53
N GLN B 181 12.94 -33.07 -5.47
CA GLN B 181 13.57 -34.35 -5.15
C GLN B 181 15.05 -34.37 -5.47
N GLN B 182 15.87 -34.54 -4.43
CA GLN B 182 17.32 -34.58 -4.57
C GLN B 182 17.84 -35.90 -5.13
N LEU B 183 18.73 -35.84 -6.11
CA LEU B 183 19.27 -37.04 -6.69
C LEU B 183 20.32 -37.68 -5.77
N ILE B 184 20.10 -38.94 -5.40
CA ILE B 184 21.04 -39.66 -4.52
C ILE B 184 21.30 -41.11 -4.94
N GLY B 185 21.13 -41.43 -6.22
CA GLY B 185 21.35 -42.78 -6.69
C GLY B 185 20.90 -42.97 -8.13
N LYS B 186 21.37 -44.04 -8.76
CA LYS B 186 20.99 -44.30 -10.15
C LYS B 186 19.46 -44.38 -10.30
N ASN B 187 18.76 -44.67 -9.19
CA ASN B 187 17.30 -44.77 -9.19
C ASN B 187 16.76 -44.44 -7.79
N LYS B 188 17.23 -43.34 -7.23
CA LYS B 188 16.84 -42.90 -5.90
C LYS B 188 16.80 -41.37 -5.84
N LEU B 189 15.68 -40.84 -5.36
CA LEU B 189 15.48 -39.40 -5.22
C LEU B 189 14.95 -39.18 -3.80
N ILE B 190 15.31 -38.05 -3.18
CA ILE B 190 14.83 -37.74 -1.85
C ILE B 190 13.50 -37.00 -2.00
N MSE B 191 12.44 -37.58 -1.46
CA MSE B 191 11.09 -37.00 -1.53
C MSE B 191 10.87 -36.00 -0.38
O MSE B 191 10.33 -36.36 0.66
CB MSE B 191 10.03 -38.10 -1.44
CG MSE B 191 8.60 -37.64 -1.67
SE MSE B 191 8.25 -36.99 -3.47
CE MSE B 191 8.24 -38.69 -4.41
N ARG B 192 11.26 -34.75 -0.58
CA ARG B 192 11.12 -33.74 0.44
C ARG B 192 9.71 -33.20 0.62
N TRP B 193 8.90 -33.91 1.40
CA TRP B 193 7.53 -33.49 1.66
C TRP B 193 7.53 -32.40 2.69
N LEU B 194 7.22 -31.18 2.25
CA LEU B 194 7.19 -30.01 3.12
C LEU B 194 6.19 -30.13 4.27
N SER B 195 4.98 -29.60 4.12
CA SER B 195 4.00 -29.69 5.21
C SER B 195 3.68 -31.15 5.57
N HIS B 196 2.74 -31.34 6.49
CA HIS B 196 2.37 -32.68 6.92
C HIS B 196 1.04 -33.07 6.31
N ARG B 197 0.55 -32.22 5.41
CA ARG B 197 -0.72 -32.48 4.74
C ARG B 197 -0.50 -32.63 3.23
N GLY B 198 -1.34 -33.45 2.60
CA GLY B 198 -1.21 -33.65 1.16
C GLY B 198 -0.46 -34.93 0.84
N GLY B 199 0.43 -34.85 -0.15
CA GLY B 199 1.20 -36.02 -0.54
C GLY B 199 1.80 -36.75 0.64
N ALA B 200 2.35 -36.01 1.59
CA ALA B 200 2.97 -36.60 2.76
C ALA B 200 1.98 -37.34 3.65
N LEU B 201 0.77 -36.80 3.76
CA LEU B 201 -0.26 -37.40 4.58
C LEU B 201 -0.56 -38.81 4.12
N ASP B 202 -0.63 -39.00 2.80
CA ASP B 202 -0.89 -40.31 2.21
C ASP B 202 0.07 -41.34 2.79
N TYR B 203 1.36 -41.14 2.50
CA TYR B 203 2.39 -42.07 2.97
C TYR B 203 2.22 -42.39 4.44
N GLN B 204 1.82 -41.40 5.23
CA GLN B 204 1.63 -41.62 6.66
C GLN B 204 0.52 -42.62 6.92
N GLU B 205 -0.69 -42.29 6.48
CA GLU B 205 -1.83 -43.18 6.66
C GLU B 205 -1.53 -44.55 6.08
N TRP B 206 -0.97 -44.56 4.87
CA TRP B 206 -0.62 -45.80 4.21
C TRP B 206 0.23 -46.71 5.09
N CYS B 207 1.20 -46.14 5.78
CA CYS B 207 2.04 -46.93 6.66
C CYS B 207 1.19 -47.49 7.78
N ALA B 208 0.14 -46.76 8.15
CA ALA B 208 -0.76 -47.18 9.21
C ALA B 208 -1.66 -48.34 8.76
N ALA B 209 -2.39 -48.11 7.68
CA ALA B 209 -3.29 -49.13 7.13
C ALA B 209 -2.50 -50.33 6.63
N HIS B 210 -1.48 -50.06 5.82
CA HIS B 210 -0.64 -51.11 5.25
C HIS B 210 0.79 -51.01 5.78
N PRO B 211 1.00 -51.34 7.07
CA PRO B 211 2.33 -51.28 7.70
C PRO B 211 3.36 -52.24 7.08
N GLY B 212 4.48 -51.69 6.65
CA GLY B 212 5.54 -52.48 6.05
C GLY B 212 5.46 -52.67 4.55
N GLU B 213 4.42 -52.12 3.92
CA GLU B 213 4.25 -52.25 2.47
C GLU B 213 4.74 -51.00 1.72
N ARG B 214 5.36 -51.19 0.55
CA ARG B 214 5.87 -50.08 -0.25
C ARG B 214 4.73 -49.16 -0.70
N PHE B 215 4.94 -47.86 -0.56
CA PHE B 215 3.93 -46.88 -0.95
C PHE B 215 4.13 -46.36 -2.37
N PRO B 216 3.20 -46.71 -3.28
CA PRO B 216 3.25 -46.29 -4.68
C PRO B 216 3.40 -44.79 -4.83
N VAL B 217 4.22 -44.38 -5.78
CA VAL B 217 4.47 -42.97 -6.08
C VAL B 217 4.93 -42.83 -7.55
N SER B 218 4.61 -41.70 -8.14
CA SER B 218 5.00 -41.42 -9.52
C SER B 218 5.16 -39.94 -9.68
N VAL B 219 6.00 -39.53 -10.62
CA VAL B 219 6.27 -38.12 -10.86
C VAL B 219 6.27 -37.80 -12.33
N ALA B 220 5.40 -36.91 -12.74
CA ALA B 220 5.32 -36.53 -14.13
C ALA B 220 6.13 -35.28 -14.40
N LEU B 221 6.90 -35.31 -15.49
CA LEU B 221 7.73 -34.19 -15.89
C LEU B 221 7.34 -33.73 -17.28
N GLY B 222 6.67 -32.59 -17.38
CA GLY B 222 6.30 -32.09 -18.69
C GLY B 222 4.82 -31.94 -18.98
N ALA B 223 3.99 -32.16 -17.97
CA ALA B 223 2.56 -32.03 -18.15
C ALA B 223 2.29 -30.67 -18.81
N ASP B 224 1.13 -30.53 -19.46
CA ASP B 224 0.75 -29.26 -20.12
C ASP B 224 0.73 -28.12 -19.12
N PRO B 225 0.80 -26.86 -19.62
CA PRO B 225 0.79 -25.68 -18.73
C PRO B 225 -0.39 -25.64 -17.79
N ALA B 226 -1.57 -25.93 -18.33
CA ALA B 226 -2.80 -25.95 -17.55
C ALA B 226 -2.71 -26.92 -16.38
N THR B 227 -2.12 -28.08 -16.63
CA THR B 227 -1.98 -29.09 -15.59
C THR B 227 -1.02 -28.69 -14.49
N ILE B 228 0.22 -28.38 -14.87
CA ILE B 228 1.25 -27.98 -13.91
C ILE B 228 0.80 -26.76 -13.11
N LEU B 229 0.28 -25.75 -13.81
CA LEU B 229 -0.20 -24.55 -13.14
C LEU B 229 -1.23 -24.90 -12.08
N GLY B 230 -2.34 -25.51 -12.49
CA GLY B 230 -3.37 -25.89 -11.54
C GLY B 230 -2.82 -26.64 -10.36
N ALA B 231 -1.69 -27.30 -10.57
CA ALA B 231 -1.03 -28.08 -9.53
C ALA B 231 -0.55 -27.20 -8.39
N VAL B 232 -0.24 -25.94 -8.71
CA VAL B 232 0.26 -24.98 -7.74
C VAL B 232 -0.76 -23.93 -7.30
N THR B 233 -1.95 -24.38 -6.90
CA THR B 233 -3.00 -23.47 -6.46
C THR B 233 -3.85 -24.13 -5.38
N PRO B 234 -4.13 -23.40 -4.28
CA PRO B 234 -4.93 -23.85 -3.14
C PRO B 234 -6.42 -23.87 -3.44
N VAL B 235 -7.06 -25.03 -3.30
CA VAL B 235 -8.49 -25.16 -3.58
C VAL B 235 -9.22 -25.85 -2.42
N GLU B 241 -8.05 -30.53 -7.44
CA GLU B 241 -6.66 -30.52 -7.89
C GLU B 241 -6.56 -30.68 -9.40
N TYR B 242 -6.99 -31.83 -9.91
CA TYR B 242 -6.97 -32.11 -11.34
C TYR B 242 -8.13 -31.38 -12.03
N ALA B 243 -9.15 -31.08 -11.23
CA ALA B 243 -10.32 -30.39 -11.75
C ALA B 243 -9.99 -28.92 -12.03
N PHE B 244 -9.30 -28.29 -11.09
CA PHE B 244 -8.92 -26.89 -11.23
C PHE B 244 -8.19 -26.67 -12.55
N ALA B 245 -7.23 -27.55 -12.85
CA ALA B 245 -6.48 -27.45 -14.08
C ALA B 245 -7.46 -27.48 -15.24
N GLY B 246 -8.48 -28.32 -15.09
CA GLY B 246 -9.49 -28.45 -16.13
C GLY B 246 -10.15 -27.12 -16.44
N LEU B 247 -10.75 -26.52 -15.42
CA LEU B 247 -11.42 -25.24 -15.59
C LEU B 247 -10.49 -24.20 -16.19
N LEU B 248 -9.19 -24.33 -15.94
CA LEU B 248 -8.24 -23.38 -16.48
C LEU B 248 -8.20 -23.41 -18.00
N ARG B 249 -8.59 -24.54 -18.58
CA ARG B 249 -8.59 -24.68 -20.05
C ARG B 249 -9.98 -25.08 -20.57
N GLY B 250 -10.94 -25.19 -19.66
CA GLY B 250 -12.29 -25.56 -20.06
C GLY B 250 -12.49 -27.06 -20.12
N THR B 251 -11.83 -27.71 -21.06
CA THR B 251 -11.94 -29.15 -21.23
C THR B 251 -11.14 -29.90 -20.16
N LYS B 252 -11.71 -30.97 -19.61
CA LYS B 252 -11.02 -31.74 -18.58
C LYS B 252 -9.62 -32.16 -19.02
N THR B 253 -8.75 -32.48 -18.05
CA THR B 253 -7.37 -32.88 -18.36
C THR B 253 -7.28 -34.38 -18.65
N GLU B 254 -6.33 -34.76 -19.49
CA GLU B 254 -6.14 -36.15 -19.84
C GLU B 254 -5.04 -36.81 -19.00
N VAL B 255 -5.37 -37.97 -18.43
CA VAL B 255 -4.45 -38.74 -17.59
C VAL B 255 -4.25 -40.12 -18.21
N VAL B 256 -3.31 -40.89 -17.66
CA VAL B 256 -3.01 -42.24 -18.15
C VAL B 256 -2.46 -43.11 -17.04
N LYS B 257 -3.01 -44.30 -16.91
CA LYS B 257 -2.60 -45.26 -15.91
C LYS B 257 -1.10 -45.51 -16.01
N CYS B 258 -0.43 -45.62 -14.86
CA CYS B 258 1.01 -45.86 -14.85
C CYS B 258 1.30 -47.35 -15.05
N ILE B 259 2.41 -47.65 -15.71
CA ILE B 259 2.82 -49.03 -15.99
C ILE B 259 3.17 -49.90 -14.78
N SER B 260 3.47 -49.28 -13.64
CA SER B 260 3.87 -50.01 -12.44
C SER B 260 2.90 -49.88 -11.26
N ASN B 261 1.95 -48.96 -11.38
CA ASN B 261 0.98 -48.75 -10.32
C ASN B 261 -0.31 -48.19 -10.87
N ASP B 262 -1.25 -47.92 -9.97
CA ASP B 262 -2.55 -47.40 -10.33
C ASP B 262 -2.62 -45.88 -10.53
N LEU B 263 -1.58 -45.16 -10.08
CA LEU B 263 -1.58 -43.72 -10.21
C LEU B 263 -1.79 -43.25 -11.64
N GLU B 264 -2.52 -42.15 -11.78
CA GLU B 264 -2.83 -41.57 -13.09
C GLU B 264 -2.11 -40.26 -13.33
N VAL B 265 -1.07 -40.31 -14.13
CA VAL B 265 -0.28 -39.13 -14.43
C VAL B 265 -0.75 -38.51 -15.74
N PRO B 266 -0.49 -37.21 -15.94
CA PRO B 266 -0.94 -36.57 -17.17
C PRO B 266 -0.35 -37.21 -18.43
N ALA B 267 -1.22 -37.42 -19.42
CA ALA B 267 -0.83 -38.04 -20.68
C ALA B 267 0.17 -37.20 -21.47
N SER B 268 0.05 -35.89 -21.34
CA SER B 268 0.92 -34.94 -22.03
C SER B 268 2.35 -34.89 -21.47
N ALA B 269 2.57 -35.58 -20.36
CA ALA B 269 3.89 -35.62 -19.72
C ALA B 269 5.01 -35.99 -20.68
N GLU B 270 6.20 -35.46 -20.42
CA GLU B 270 7.37 -35.74 -21.24
C GLU B 270 8.08 -36.97 -20.72
N ILE B 271 8.00 -37.19 -19.42
CA ILE B 271 8.63 -38.34 -18.80
C ILE B 271 8.06 -38.61 -17.40
N VAL B 272 7.80 -39.88 -17.11
CA VAL B 272 7.23 -40.26 -15.82
C VAL B 272 8.16 -41.13 -14.99
N LEU B 273 8.25 -40.83 -13.70
CA LEU B 273 9.08 -41.62 -12.79
C LEU B 273 8.18 -42.47 -11.92
N GLU B 274 7.92 -43.70 -12.33
CA GLU B 274 7.07 -44.58 -11.55
C GLU B 274 7.95 -45.40 -10.63
N GLY B 275 7.72 -45.28 -9.34
CA GLY B 275 8.49 -46.03 -8.37
C GLY B 275 7.72 -46.15 -7.07
N TYR B 276 8.46 -46.29 -5.98
CA TYR B 276 7.83 -46.42 -4.69
C TYR B 276 8.71 -45.83 -3.60
N ILE B 277 8.14 -45.66 -2.42
CA ILE B 277 8.88 -45.13 -1.30
C ILE B 277 8.87 -46.19 -0.21
N GLU B 278 9.93 -46.98 -0.16
CA GLU B 278 10.09 -48.04 0.82
C GLU B 278 9.88 -47.51 2.24
N GLN B 279 8.99 -48.15 3.00
CA GLN B 279 8.71 -47.71 4.37
C GLN B 279 9.95 -47.73 5.25
N GLY B 280 10.17 -46.63 5.98
CA GLY B 280 11.31 -46.58 6.86
C GLY B 280 12.60 -46.07 6.23
N GLU B 281 12.68 -46.16 4.90
CA GLU B 281 13.88 -45.71 4.18
C GLU B 281 13.89 -44.20 4.09
N THR B 282 14.83 -43.59 4.80
CA THR B 282 14.92 -42.14 4.82
C THR B 282 16.38 -41.69 4.64
N ALA B 283 16.61 -40.82 3.66
CA ALA B 283 17.97 -40.32 3.40
C ALA B 283 18.04 -38.83 3.72
N PRO B 284 19.22 -38.36 4.17
CA PRO B 284 19.43 -36.94 4.52
C PRO B 284 19.56 -36.01 3.30
N GLU B 285 18.67 -35.03 3.22
CA GLU B 285 18.71 -34.11 2.10
C GLU B 285 19.69 -32.96 2.34
N GLY B 286 20.85 -33.07 1.72
CA GLY B 286 21.88 -32.06 1.84
C GLY B 286 21.30 -30.68 1.66
N PRO B 287 22.04 -29.62 2.06
CA PRO B 287 21.59 -28.24 1.93
C PRO B 287 21.32 -27.78 0.49
N TYR B 288 20.20 -27.10 0.29
CA TYR B 288 19.80 -26.59 -1.02
C TYR B 288 19.37 -25.14 -0.90
N GLY B 289 19.74 -24.32 -1.88
CA GLY B 289 19.31 -22.94 -1.84
C GLY B 289 17.85 -22.91 -2.22
N ASP B 290 17.05 -22.02 -1.62
CA ASP B 290 15.62 -21.93 -1.94
C ASP B 290 15.20 -20.52 -2.38
N HIS B 291 13.89 -20.34 -2.52
CA HIS B 291 13.34 -19.05 -2.94
C HIS B 291 13.74 -17.85 -2.12
N THR B 292 14.14 -18.06 -0.86
CA THR B 292 14.54 -16.95 0.01
C THR B 292 15.95 -16.49 -0.30
N GLY B 293 16.69 -17.31 -1.03
CA GLY B 293 18.04 -16.94 -1.40
C GLY B 293 19.08 -17.34 -0.37
N TYR B 294 18.78 -18.36 0.43
CA TYR B 294 19.67 -18.88 1.46
C TYR B 294 19.66 -20.41 1.39
N TYR B 295 20.70 -21.06 1.91
CA TYR B 295 20.78 -22.51 1.92
C TYR B 295 19.99 -23.08 3.10
N ASN B 296 19.14 -24.05 2.84
CA ASN B 296 18.35 -24.70 3.89
C ASN B 296 19.19 -25.76 4.57
N GLU B 297 19.25 -25.72 5.90
CA GLU B 297 20.01 -26.70 6.67
C GLU B 297 19.59 -28.15 6.35
N VAL B 298 20.47 -29.11 6.62
CA VAL B 298 20.20 -30.53 6.35
C VAL B 298 18.94 -31.01 7.06
N ASP B 299 18.37 -32.10 6.57
CA ASP B 299 17.18 -32.70 7.17
C ASP B 299 16.83 -33.99 6.43
N SER B 300 16.35 -34.98 7.18
CA SER B 300 16.00 -36.28 6.61
C SER B 300 14.60 -36.35 5.99
N PHE B 301 14.50 -37.06 4.87
CA PHE B 301 13.24 -37.23 4.12
C PHE B 301 13.16 -38.60 3.44
N PRO B 302 11.93 -39.04 3.10
CA PRO B 302 11.69 -40.33 2.44
C PRO B 302 12.42 -40.44 1.11
N VAL B 303 12.85 -41.64 0.77
CA VAL B 303 13.55 -41.85 -0.49
C VAL B 303 12.71 -42.60 -1.53
N PHE B 304 12.51 -41.92 -2.66
CA PHE B 304 11.74 -42.43 -3.79
C PHE B 304 12.62 -43.38 -4.61
N THR B 305 12.21 -44.63 -4.71
CA THR B 305 12.95 -45.62 -5.49
C THR B 305 12.28 -45.75 -6.88
N VAL B 306 13.01 -45.35 -7.92
CA VAL B 306 12.51 -45.40 -9.30
C VAL B 306 12.65 -46.79 -9.91
N THR B 307 11.51 -47.36 -10.31
CA THR B 307 11.50 -48.70 -10.91
C THR B 307 11.24 -48.59 -12.40
N HIS B 308 10.67 -47.47 -12.81
CA HIS B 308 10.36 -47.28 -14.22
C HIS B 308 10.55 -45.83 -14.66
N ILE B 309 10.89 -45.65 -15.93
CA ILE B 309 11.04 -44.32 -16.47
C ILE B 309 10.37 -44.31 -17.83
N THR B 310 9.05 -44.13 -17.79
CA THR B 310 8.25 -44.07 -19.01
C THR B 310 8.31 -42.66 -19.57
N GLN B 311 8.98 -42.51 -20.71
CA GLN B 311 9.12 -41.21 -21.36
C GLN B 311 8.58 -41.30 -22.79
N ARG B 312 8.95 -40.33 -23.62
CA ARG B 312 8.49 -40.34 -25.00
C ARG B 312 9.65 -40.03 -25.92
N GLU B 313 9.54 -40.49 -27.15
CA GLU B 313 10.57 -40.24 -28.15
C GLU B 313 10.77 -38.75 -28.30
N ASP B 314 12.03 -38.32 -28.29
CA ASP B 314 12.38 -36.91 -28.43
C ASP B 314 11.75 -36.10 -27.30
N ALA B 315 11.82 -36.63 -26.10
CA ALA B 315 11.28 -35.98 -24.93
C ALA B 315 12.26 -34.92 -24.42
N ILE B 316 11.73 -33.84 -23.85
CA ILE B 316 12.55 -32.75 -23.31
C ILE B 316 12.47 -32.72 -21.79
N TYR B 317 13.47 -32.14 -21.13
CA TYR B 317 13.42 -32.07 -19.67
C TYR B 317 12.97 -30.70 -19.21
N HIS B 318 12.02 -30.66 -18.29
CA HIS B 318 11.49 -29.40 -17.79
C HIS B 318 11.80 -29.20 -16.32
N SER B 319 12.45 -28.08 -16.01
CA SER B 319 12.81 -27.75 -14.63
C SER B 319 12.96 -26.24 -14.46
N THR B 320 13.09 -25.83 -13.22
CA THR B 320 13.24 -24.42 -12.89
C THR B 320 14.36 -24.26 -11.87
N TYR B 321 14.44 -23.10 -11.25
CA TYR B 321 15.48 -22.85 -10.26
C TYR B 321 14.91 -21.92 -9.19
N THR B 322 15.31 -22.14 -7.94
CA THR B 322 14.84 -21.31 -6.86
C THR B 322 16.01 -20.75 -6.08
N GLY B 323 16.30 -19.47 -6.29
CA GLY B 323 17.40 -18.84 -5.60
C GLY B 323 16.96 -17.46 -5.11
N ARG B 324 17.92 -16.58 -4.90
CA ARG B 324 17.59 -15.25 -4.44
C ARG B 324 16.51 -14.66 -5.37
N PRO B 325 15.38 -14.23 -4.81
CA PRO B 325 14.29 -13.67 -5.61
C PRO B 325 14.73 -12.44 -6.39
N PRO B 326 14.07 -12.19 -7.53
CA PRO B 326 12.97 -12.99 -8.05
C PRO B 326 13.45 -14.21 -8.83
N ASP B 327 12.58 -15.21 -8.94
CA ASP B 327 12.86 -16.44 -9.66
C ASP B 327 11.58 -17.02 -10.28
N GLU B 328 11.74 -17.96 -11.21
CA GLU B 328 10.60 -18.58 -11.90
C GLU B 328 9.40 -18.82 -10.98
N PRO B 329 9.61 -19.48 -9.84
CA PRO B 329 8.47 -19.72 -8.94
C PRO B 329 7.85 -18.45 -8.33
N ALA B 330 8.68 -17.48 -7.96
CA ALA B 330 8.16 -16.24 -7.35
C ALA B 330 7.27 -15.46 -8.30
N VAL B 331 7.73 -15.26 -9.53
CA VAL B 331 6.96 -14.52 -10.53
C VAL B 331 5.74 -15.29 -10.95
N LEU B 332 5.66 -16.54 -10.51
CA LEU B 332 4.54 -17.38 -10.85
C LEU B 332 3.50 -17.28 -9.75
N GLY B 333 3.95 -17.15 -8.51
CA GLY B 333 3.03 -17.03 -7.40
C GLY B 333 2.39 -15.66 -7.46
N VAL B 334 3.08 -14.74 -8.11
CA VAL B 334 2.58 -13.39 -8.25
C VAL B 334 1.27 -13.44 -9.02
N ALA B 335 1.24 -14.28 -10.04
CA ALA B 335 0.04 -14.42 -10.84
C ALA B 335 -1.00 -15.20 -10.06
N LEU B 336 -0.56 -16.23 -9.35
CA LEU B 336 -1.50 -17.03 -8.56
C LEU B 336 -2.11 -16.20 -7.45
N ASN B 337 -1.33 -15.25 -6.95
CA ASN B 337 -1.78 -14.37 -5.87
C ASN B 337 -2.89 -13.42 -6.28
N GLU B 338 -3.20 -13.44 -7.57
CA GLU B 338 -4.23 -12.59 -8.14
C GLU B 338 -5.61 -13.15 -7.79
N VAL B 339 -5.69 -14.40 -7.40
CA VAL B 339 -6.98 -14.99 -7.07
C VAL B 339 -7.47 -14.53 -5.69
N PHE B 340 -6.59 -13.85 -4.95
CA PHE B 340 -6.94 -13.37 -3.64
C PHE B 340 -7.38 -11.93 -3.70
N VAL B 341 -6.90 -11.20 -4.69
CA VAL B 341 -7.27 -9.79 -4.83
C VAL B 341 -8.79 -9.59 -4.73
N PRO B 342 -9.58 -10.35 -5.52
CA PRO B 342 -11.05 -10.21 -5.49
C PRO B 342 -11.68 -10.58 -4.16
N ILE B 343 -10.98 -11.37 -3.37
CA ILE B 343 -11.50 -11.78 -2.08
C ILE B 343 -11.24 -10.69 -1.07
N LEU B 344 -10.19 -9.91 -1.31
CA LEU B 344 -9.81 -8.84 -0.41
C LEU B 344 -10.66 -7.60 -0.71
N GLN B 345 -11.08 -7.50 -1.96
CA GLN B 345 -11.90 -6.39 -2.41
C GLN B 345 -13.34 -6.50 -1.94
N LYS B 346 -13.81 -7.72 -1.74
CA LYS B 346 -15.17 -7.93 -1.28
C LYS B 346 -15.28 -7.39 0.14
N GLN B 347 -14.20 -7.52 0.91
CA GLN B 347 -14.19 -7.06 2.29
C GLN B 347 -13.67 -5.64 2.48
N PHE B 348 -12.81 -5.20 1.56
CA PHE B 348 -12.24 -3.86 1.62
C PHE B 348 -12.34 -3.24 0.23
N PRO B 349 -13.55 -2.84 -0.16
CA PRO B 349 -13.89 -2.23 -1.44
C PRO B 349 -12.97 -1.14 -1.90
N GLU B 350 -12.34 -0.44 -0.96
CA GLU B 350 -11.45 0.63 -1.33
C GLU B 350 -10.14 0.16 -1.91
N ILE B 351 -9.78 -1.10 -1.69
CA ILE B 351 -8.51 -1.57 -2.22
C ILE B 351 -8.52 -1.58 -3.73
N VAL B 352 -7.61 -0.83 -4.33
CA VAL B 352 -7.51 -0.76 -5.78
C VAL B 352 -6.58 -1.81 -6.35
N ASP B 353 -5.52 -2.11 -5.62
CA ASP B 353 -4.61 -3.13 -6.08
C ASP B 353 -3.80 -3.67 -4.92
N PHE B 354 -3.71 -4.98 -4.85
CA PHE B 354 -2.95 -5.63 -3.81
C PHE B 354 -1.80 -6.32 -4.50
N TYR B 355 -0.57 -6.04 -4.08
CA TYR B 355 0.60 -6.63 -4.71
C TYR B 355 1.64 -7.14 -3.70
N LEU B 356 2.29 -8.23 -4.04
CA LEU B 356 3.31 -8.85 -3.22
C LEU B 356 4.48 -9.19 -4.13
N PRO B 357 5.29 -8.19 -4.43
CA PRO B 357 6.46 -8.33 -5.30
C PRO B 357 7.34 -9.49 -4.92
N PRO B 358 7.84 -10.20 -5.94
CA PRO B 358 8.72 -11.37 -5.84
C PRO B 358 9.93 -11.12 -4.97
N GLU B 359 10.52 -9.94 -5.11
CA GLU B 359 11.71 -9.55 -4.34
C GLU B 359 11.49 -9.72 -2.85
N GLY B 360 10.23 -9.73 -2.42
CA GLY B 360 9.93 -9.89 -1.02
C GLY B 360 9.57 -11.34 -0.73
N CYS B 361 10.08 -12.24 -1.54
CA CYS B 361 9.82 -13.67 -1.39
C CYS B 361 8.39 -13.97 -1.77
N SER B 362 7.80 -13.05 -2.53
CA SER B 362 6.44 -13.19 -3.01
C SER B 362 5.42 -13.43 -1.88
N TYR B 363 5.68 -12.87 -0.70
CA TYR B 363 4.78 -13.02 0.44
C TYR B 363 5.17 -12.21 1.66
N ARG B 364 6.41 -11.75 1.73
CA ARG B 364 6.83 -11.00 2.90
C ARG B 364 6.50 -9.52 2.84
N LEU B 365 6.49 -8.94 1.65
CA LEU B 365 6.17 -7.51 1.58
C LEU B 365 4.99 -7.26 0.68
N ALA B 366 4.08 -6.41 1.12
CA ALA B 366 2.90 -6.11 0.33
C ALA B 366 2.78 -4.62 0.04
N VAL B 367 2.18 -4.30 -1.11
CA VAL B 367 1.98 -2.93 -1.50
C VAL B 367 0.50 -2.82 -1.90
N VAL B 368 -0.24 -2.00 -1.17
CA VAL B 368 -1.65 -1.85 -1.45
C VAL B 368 -1.99 -0.42 -1.80
N THR B 369 -2.67 -0.25 -2.92
CA THR B 369 -3.11 1.06 -3.36
C THR B 369 -4.61 1.11 -3.10
N ILE B 370 -5.08 2.24 -2.56
CA ILE B 370 -6.50 2.39 -2.27
C ILE B 370 -7.03 3.79 -2.55
N LYS B 371 -8.36 3.89 -2.53
CA LYS B 371 -9.07 5.14 -2.73
C LYS B 371 -9.40 5.66 -1.32
N LYS B 372 -8.47 6.39 -0.71
CA LYS B 372 -8.66 6.92 0.65
C LYS B 372 -9.93 7.76 0.75
N GLN B 373 -10.64 7.63 1.86
CA GLN B 373 -11.90 8.35 2.03
C GLN B 373 -12.02 9.13 3.34
N TYR B 374 -11.00 9.03 4.18
CA TYR B 374 -11.00 9.71 5.47
C TYR B 374 -9.67 9.54 6.20
N ALA B 375 -9.43 10.35 7.22
CA ALA B 375 -8.19 10.27 7.95
C ALA B 375 -8.03 8.91 8.62
N GLY B 376 -6.82 8.36 8.56
CA GLY B 376 -6.53 7.08 9.19
C GLY B 376 -6.95 5.86 8.40
N HIS B 377 -7.56 6.09 7.26
CA HIS B 377 -8.03 5.01 6.41
C HIS B 377 -6.96 3.96 6.12
N ALA B 378 -5.75 4.43 5.85
CA ALA B 378 -4.62 3.56 5.57
C ALA B 378 -4.36 2.55 6.69
N LYS B 379 -4.57 2.93 7.94
CA LYS B 379 -4.35 2.00 9.05
C LYS B 379 -5.34 0.84 9.05
N ARG B 380 -6.59 1.11 8.72
CA ARG B 380 -7.62 0.08 8.67
C ARG B 380 -7.22 -0.96 7.65
N VAL B 381 -6.71 -0.51 6.51
CA VAL B 381 -6.32 -1.46 5.46
C VAL B 381 -5.13 -2.28 5.92
N MSE B 382 -4.20 -1.59 6.57
CA MSE B 382 -2.99 -2.21 7.08
C MSE B 382 -3.32 -3.46 7.88
O MSE B 382 -2.89 -4.57 7.57
CB MSE B 382 -2.30 -1.22 7.99
CG MSE B 382 -0.84 -1.07 7.78
SE MSE B 382 -0.32 0.54 8.71
CE MSE B 382 -0.20 1.71 7.18
N MSE B 383 -4.08 -3.26 8.95
CA MSE B 383 -4.43 -4.35 9.81
C MSE B 383 -5.34 -5.30 9.10
O MSE B 383 -5.45 -6.46 9.49
CB MSE B 383 -5.05 -3.80 11.07
CG MSE B 383 -4.04 -2.93 11.80
SE MSE B 383 -4.96 -1.85 13.04
CE MSE B 383 -6.24 -1.09 11.80
N GLY B 384 -6.00 -4.81 8.06
CA GLY B 384 -6.86 -5.67 7.28
C GLY B 384 -5.97 -6.68 6.58
N VAL B 385 -4.81 -6.22 6.12
CA VAL B 385 -3.89 -7.11 5.43
C VAL B 385 -3.33 -8.15 6.41
N TRP B 386 -2.97 -7.70 7.60
CA TRP B 386 -2.39 -8.60 8.59
C TRP B 386 -3.39 -9.51 9.30
N SER B 387 -4.66 -9.49 8.92
CA SER B 387 -5.59 -10.32 9.65
C SER B 387 -6.69 -10.98 8.85
N PHE B 388 -7.14 -10.32 7.80
CA PHE B 388 -8.23 -10.87 7.01
C PHE B 388 -7.95 -12.28 6.55
N LEU B 389 -7.08 -12.40 5.54
CA LEU B 389 -6.74 -13.72 5.04
C LEU B 389 -5.58 -14.27 5.84
N ARG B 390 -5.53 -15.59 5.93
CA ARG B 390 -4.49 -16.30 6.66
C ARG B 390 -3.17 -16.30 5.87
N GLN B 391 -3.25 -16.51 4.56
CA GLN B 391 -2.04 -16.53 3.73
C GLN B 391 -1.34 -15.19 3.70
N PHE B 392 -1.94 -14.16 4.29
CA PHE B 392 -1.31 -12.85 4.28
C PHE B 392 -0.90 -12.36 5.66
N MSE B 393 -1.35 -13.02 6.70
CA MSE B 393 -1.05 -12.61 8.07
C MSE B 393 0.44 -12.69 8.44
O MSE B 393 0.80 -12.41 9.58
CB MSE B 393 -1.85 -13.46 9.05
CG MSE B 393 -1.45 -14.93 9.01
SE MSE B 393 -2.15 -15.98 10.48
CE MSE B 393 -0.71 -15.74 11.77
N TYR B 394 1.28 -13.10 7.49
CA TYR B 394 2.71 -13.20 7.77
C TYR B 394 3.50 -12.19 6.95
N THR B 395 2.79 -11.27 6.33
CA THR B 395 3.45 -10.25 5.55
C THR B 395 4.11 -9.32 6.56
N LYS B 396 5.43 -9.22 6.50
CA LYS B 396 6.15 -8.37 7.43
C LYS B 396 6.02 -6.90 7.13
N PHE B 397 6.06 -6.55 5.85
CA PHE B 397 5.97 -5.16 5.41
C PHE B 397 4.75 -4.86 4.55
N VAL B 398 3.99 -3.85 4.98
CA VAL B 398 2.81 -3.39 4.25
C VAL B 398 2.96 -1.91 3.91
N ILE B 399 2.77 -1.57 2.62
CA ILE B 399 2.87 -0.19 2.14
C ILE B 399 1.56 0.19 1.48
N VAL B 400 0.84 1.14 2.10
CA VAL B 400 -0.43 1.60 1.56
C VAL B 400 -0.24 2.91 0.83
N CYS B 401 -0.73 2.95 -0.39
CA CYS B 401 -0.63 4.11 -1.25
C CYS B 401 -1.96 4.45 -1.87
N ASP B 402 -1.99 5.60 -2.55
CA ASP B 402 -3.19 6.05 -3.23
C ASP B 402 -3.30 5.40 -4.62
N ASP B 403 -4.51 5.41 -5.18
CA ASP B 403 -4.79 4.79 -6.47
C ASP B 403 -4.03 5.38 -7.65
N ASP B 404 -3.34 6.50 -7.43
CA ASP B 404 -2.59 7.14 -8.51
C ASP B 404 -1.15 6.63 -8.53
N VAL B 405 -0.96 5.49 -7.88
CA VAL B 405 0.32 4.85 -7.77
C VAL B 405 0.21 3.44 -8.30
N ASN B 406 1.25 3.01 -8.99
CA ASN B 406 1.28 1.68 -9.54
C ASN B 406 2.07 0.77 -8.59
N ALA B 407 1.33 0.05 -7.76
CA ALA B 407 1.91 -0.85 -6.76
C ALA B 407 2.99 -1.75 -7.33
N ARG B 408 2.90 -2.02 -8.62
CA ARG B 408 3.85 -2.88 -9.31
C ARG B 408 5.00 -2.08 -9.94
N ASP B 409 5.05 -0.78 -9.65
CA ASP B 409 6.13 0.06 -10.18
C ASP B 409 6.89 0.72 -9.02
N TRP B 410 8.14 0.31 -8.76
CA TRP B 410 8.88 0.93 -7.65
C TRP B 410 9.16 2.40 -7.86
N ASN B 411 9.03 2.87 -9.09
CA ASN B 411 9.26 4.27 -9.36
C ASN B 411 8.10 5.07 -8.80
N ASP B 412 6.93 4.44 -8.74
CA ASP B 412 5.76 5.12 -8.22
C ASP B 412 5.66 4.97 -6.71
N VAL B 413 6.02 3.79 -6.21
CA VAL B 413 5.96 3.53 -4.78
C VAL B 413 6.98 4.31 -3.99
N ILE B 414 8.22 4.34 -4.46
CA ILE B 414 9.26 5.09 -3.76
C ILE B 414 8.89 6.58 -3.79
N TRP B 415 8.37 7.04 -4.92
CA TRP B 415 7.94 8.42 -5.06
C TRP B 415 6.95 8.76 -3.96
N ALA B 416 5.93 7.91 -3.80
CA ALA B 416 4.89 8.07 -2.78
C ALA B 416 5.48 8.07 -1.37
N ILE B 417 6.35 7.09 -1.14
CA ILE B 417 7.02 6.93 0.13
C ILE B 417 7.84 8.15 0.47
N THR B 418 8.65 8.60 -0.48
CA THR B 418 9.50 9.73 -0.21
C THR B 418 8.84 11.10 -0.26
N THR B 419 7.73 11.26 -0.98
CA THR B 419 7.07 12.58 -1.08
C THR B 419 5.84 12.83 -0.20
N ARG B 420 5.29 11.78 0.39
CA ARG B 420 4.07 11.88 1.19
C ARG B 420 4.20 11.31 2.60
N MSE B 421 5.42 11.03 3.01
CA MSE B 421 5.66 10.46 4.31
C MSE B 421 6.55 11.24 5.26
O MSE B 421 7.31 12.14 4.87
CB MSE B 421 6.28 9.06 4.17
CG MSE B 421 5.30 7.92 4.19
SE MSE B 421 6.22 6.20 4.32
CE MSE B 421 6.31 6.03 6.24
N ASP B 422 6.44 10.87 6.53
CA ASP B 422 7.23 11.40 7.63
C ASP B 422 7.44 10.17 8.49
N PRO B 423 8.60 9.53 8.37
CA PRO B 423 8.96 8.32 9.13
C PRO B 423 8.25 8.23 10.47
N ALA B 424 8.46 9.27 11.29
CA ALA B 424 7.86 9.33 12.61
C ALA B 424 6.39 8.92 12.64
N ARG B 425 5.47 9.80 12.23
CA ARG B 425 4.06 9.44 12.32
C ARG B 425 3.40 8.56 11.29
N ASP B 426 4.12 8.19 10.24
CA ASP B 426 3.49 7.40 9.20
C ASP B 426 3.90 5.97 9.18
N THR B 427 4.59 5.58 10.24
CA THR B 427 5.03 4.21 10.34
C THR B 427 4.41 3.58 11.54
N VAL B 428 3.84 2.40 11.30
CA VAL B 428 3.19 1.61 12.31
C VAL B 428 4.05 0.39 12.59
N LEU B 429 4.50 0.25 13.83
CA LEU B 429 5.34 -0.87 14.20
C LEU B 429 4.64 -1.72 15.24
N VAL B 430 4.11 -2.87 14.86
CA VAL B 430 3.42 -3.71 15.81
C VAL B 430 4.38 -4.84 16.24
N GLU B 431 4.59 -5.01 17.53
CA GLU B 431 5.54 -6.01 18.02
C GLU B 431 4.94 -7.32 18.48
N ASN B 432 5.81 -8.29 18.73
CA ASN B 432 5.41 -9.61 19.22
C ASN B 432 4.22 -10.20 18.49
N THR B 433 4.38 -10.37 17.20
CA THR B 433 3.33 -10.93 16.39
C THR B 433 3.83 -12.23 15.78
N PRO B 434 2.89 -13.01 15.21
CA PRO B 434 3.27 -14.28 14.60
C PRO B 434 3.95 -14.10 13.25
N ILE B 435 5.05 -14.82 13.02
CA ILE B 435 5.74 -14.73 11.75
C ILE B 435 6.41 -16.06 11.40
N ASP B 436 6.70 -16.25 10.11
CA ASP B 436 7.32 -17.47 9.59
C ASP B 436 8.32 -18.08 10.58
N TYR B 437 8.08 -19.33 10.96
CA TYR B 437 8.92 -20.02 11.91
C TYR B 437 10.33 -20.14 11.39
N LEU B 438 10.46 -20.09 10.06
CA LEU B 438 11.75 -20.22 9.38
C LEU B 438 12.40 -18.90 9.06
N ASP B 439 11.78 -17.79 9.47
CA ASP B 439 12.36 -16.50 9.20
C ASP B 439 13.38 -16.17 10.30
N PHE B 440 14.64 -16.45 10.03
CA PHE B 440 15.68 -16.21 11.01
C PHE B 440 15.90 -14.76 11.33
N ALA B 441 15.19 -13.85 10.67
CA ALA B 441 15.41 -12.45 10.97
C ALA B 441 14.65 -12.01 12.22
N SER B 442 13.59 -12.72 12.58
CA SER B 442 12.83 -12.33 13.76
C SER B 442 13.64 -12.66 14.98
N PRO B 443 13.47 -11.90 16.06
CA PRO B 443 14.22 -12.15 17.29
C PRO B 443 14.00 -13.55 17.87
N VAL B 444 12.82 -14.10 17.65
CA VAL B 444 12.48 -15.41 18.16
C VAL B 444 11.75 -16.20 17.10
N SER B 445 11.92 -17.51 17.13
CA SER B 445 11.27 -18.34 16.14
C SER B 445 9.76 -18.30 16.21
N GLY B 446 9.16 -17.86 15.12
CA GLY B 446 7.73 -17.80 15.04
C GLY B 446 7.13 -16.55 15.62
N LEU B 447 7.96 -15.65 16.14
CA LEU B 447 7.43 -14.42 16.72
C LEU B 447 8.35 -13.27 16.35
N GLY B 448 7.78 -12.13 15.97
CA GLY B 448 8.59 -11.00 15.60
C GLY B 448 7.73 -9.77 15.40
N SER B 449 8.16 -8.84 14.57
CA SER B 449 7.37 -7.63 14.35
C SER B 449 7.09 -7.32 12.90
N LYS B 450 6.05 -6.51 12.69
CA LYS B 450 5.65 -6.08 11.36
C LYS B 450 5.65 -4.56 11.30
N MSE B 451 5.88 -4.04 10.10
CA MSE B 451 5.92 -2.60 9.88
C MSE B 451 4.94 -2.13 8.82
O MSE B 451 4.93 -2.67 7.72
CB MSE B 451 7.31 -2.19 9.44
CG MSE B 451 7.43 -0.74 9.07
SE MSE B 451 9.25 -0.35 8.56
CE MSE B 451 9.94 0.06 10.33
N GLY B 452 4.15 -1.13 9.15
CA GLY B 452 3.20 -0.61 8.18
C GLY B 452 3.66 0.76 7.67
N LEU B 453 3.56 1.00 6.37
CA LEU B 453 3.96 2.30 5.84
C LEU B 453 2.78 3.01 5.21
N ASP B 454 2.39 4.13 5.80
CA ASP B 454 1.28 4.90 5.27
C ASP B 454 1.84 5.98 4.37
N ALA B 455 1.96 5.65 3.09
CA ALA B 455 2.49 6.58 2.12
C ALA B 455 1.37 7.21 1.31
N THR B 456 0.19 7.36 1.92
CA THR B 456 -0.96 7.97 1.23
C THR B 456 -0.93 9.49 1.42
N ASN B 457 -1.68 10.22 0.61
CA ASN B 457 -1.73 11.68 0.77
C ASN B 457 -2.35 11.98 2.13
N LYS B 458 -1.68 12.75 2.98
CA LYS B 458 -2.26 13.05 4.29
C LYS B 458 -3.35 14.12 4.20
N TRP B 459 -4.44 13.92 4.92
CA TRP B 459 -5.59 14.82 4.92
C TRP B 459 -5.59 15.76 6.13
N PRO B 460 -6.49 16.76 6.16
CA PRO B 460 -6.59 17.72 7.25
C PRO B 460 -6.37 17.24 8.67
N GLY B 461 -6.87 16.07 9.02
CA GLY B 461 -6.62 15.61 10.39
C GLY B 461 -5.18 15.15 10.65
N GLU B 462 -4.60 14.50 9.64
CA GLU B 462 -3.27 13.94 9.70
C GLU B 462 -2.16 14.96 9.56
N THR B 463 -2.31 15.87 8.60
CA THR B 463 -1.30 16.92 8.44
C THR B 463 -2.02 18.21 8.71
N GLN B 464 -1.26 19.18 9.15
CA GLN B 464 -1.82 20.45 9.47
C GLN B 464 -1.18 21.50 8.54
N ARG B 465 -0.87 21.09 7.31
CA ARG B 465 -0.28 22.04 6.36
C ARG B 465 -0.70 21.81 4.91
N GLU B 466 -0.30 22.70 4.01
CA GLU B 466 -0.71 22.60 2.60
C GLU B 466 -0.09 21.49 1.76
N TRP B 467 -0.82 20.38 1.62
CA TRP B 467 -0.33 19.26 0.85
C TRP B 467 -0.08 19.73 -0.55
N GLY B 468 0.73 18.97 -1.29
CA GLY B 468 1.05 19.39 -2.63
C GLY B 468 0.15 18.89 -3.72
N ARG B 469 0.00 19.69 -4.77
CA ARG B 469 -0.83 19.31 -5.92
C ARG B 469 0.08 18.71 -7.00
N PRO B 470 -0.13 17.42 -7.33
CA PRO B 470 0.68 16.74 -8.34
C PRO B 470 0.65 17.39 -9.71
N ILE B 471 1.77 17.28 -10.41
CA ILE B 471 1.89 17.84 -11.75
C ILE B 471 1.23 16.88 -12.73
N LYS B 472 0.09 17.29 -13.27
CA LYS B 472 -0.65 16.49 -14.22
C LYS B 472 -0.52 17.17 -15.58
N LYS B 473 -0.28 16.40 -16.64
CA LYS B 473 -0.15 16.98 -17.98
C LYS B 473 -1.47 16.96 -18.74
N ASP B 474 -1.75 18.03 -19.50
CA ASP B 474 -3.00 18.05 -20.26
C ASP B 474 -2.89 17.16 -21.49
N PRO B 475 -3.91 16.34 -21.70
CA PRO B 475 -4.01 15.39 -22.81
C PRO B 475 -3.85 15.98 -24.21
N ASP B 476 -4.32 17.20 -24.42
CA ASP B 476 -4.21 17.84 -25.73
C ASP B 476 -2.77 17.94 -26.23
N VAL B 477 -1.85 18.22 -25.32
CA VAL B 477 -0.45 18.31 -25.72
C VAL B 477 0.15 16.91 -25.83
N VAL B 478 -0.36 15.98 -25.02
CA VAL B 478 0.14 14.61 -25.05
C VAL B 478 -0.28 13.96 -26.37
N ALA B 479 -1.54 14.19 -26.74
CA ALA B 479 -2.11 13.66 -27.97
C ALA B 479 -1.34 14.18 -29.18
N HIS B 480 -1.03 15.47 -29.14
CA HIS B 480 -0.31 16.12 -30.22
C HIS B 480 1.04 15.52 -30.54
N ILE B 481 1.92 15.37 -29.56
CA ILE B 481 3.21 14.81 -29.92
C ILE B 481 3.05 13.33 -30.16
N ASP B 482 1.93 12.79 -29.72
CA ASP B 482 1.66 11.37 -29.96
C ASP B 482 1.58 11.16 -31.47
N ALA B 483 0.85 12.04 -32.14
CA ALA B 483 0.68 12.00 -33.59
C ALA B 483 1.90 12.50 -34.34
N ILE B 484 2.83 13.10 -33.61
CA ILE B 484 4.04 13.65 -34.20
C ILE B 484 5.26 12.82 -33.85
N TRP B 485 5.16 12.05 -32.78
CA TRP B 485 6.26 11.24 -32.31
C TRP B 485 7.06 10.51 -33.39
N ASP B 486 6.37 9.84 -34.30
CA ASP B 486 7.05 9.12 -35.37
C ASP B 486 7.83 10.09 -36.24
N GLU B 487 7.16 11.13 -36.72
CA GLU B 487 7.81 12.14 -37.55
C GLU B 487 9.12 12.54 -36.88
N LEU B 488 9.07 12.89 -35.60
CA LEU B 488 10.29 13.27 -34.88
C LEU B 488 11.12 12.00 -34.76
N ALA B 489 12.00 11.76 -35.74
CA ALA B 489 12.84 10.56 -35.71
C ALA B 489 13.83 10.60 -34.57
N ILE B 490 13.36 10.81 -33.34
CA ILE B 490 14.25 10.89 -32.19
C ILE B 490 15.14 9.66 -32.04
N PHE B 491 14.54 8.48 -32.12
CA PHE B 491 15.27 7.23 -31.97
C PHE B 491 15.36 6.42 -33.28
N ASN B 492 14.53 6.78 -34.25
CA ASN B 492 14.55 6.09 -35.54
C ASN B 492 15.86 6.37 -36.27
N LYS C 5 -44.10 -14.75 15.43
CA LYS C 5 -45.19 -14.81 16.44
C LYS C 5 -46.05 -13.54 16.51
N TYR C 6 -45.67 -12.51 15.75
CA TYR C 6 -46.44 -11.27 15.75
C TYR C 6 -46.27 -10.56 14.42
N ASN C 7 -47.24 -9.71 14.07
CA ASN C 7 -47.20 -8.96 12.82
C ASN C 7 -47.76 -7.56 12.99
N ASP C 8 -47.24 -6.83 13.98
CA ASP C 8 -47.70 -5.46 14.26
C ASP C 8 -47.20 -4.98 15.63
N LEU C 9 -46.45 -3.88 15.64
CA LEU C 9 -45.91 -3.33 16.89
C LEU C 9 -46.98 -3.27 17.97
N ARG C 10 -48.13 -2.74 17.57
CA ARG C 10 -49.27 -2.60 18.47
C ARG C 10 -49.69 -3.96 19.05
N ASP C 11 -49.57 -5.03 18.27
CA ASP C 11 -49.97 -6.33 18.79
C ASP C 11 -48.78 -7.05 19.44
N PHE C 12 -47.60 -6.45 19.29
CA PHE C 12 -46.38 -6.98 19.89
C PHE C 12 -46.44 -6.74 21.39
N LEU C 13 -46.94 -5.57 21.79
CA LEU C 13 -47.04 -5.26 23.22
C LEU C 13 -47.89 -6.32 23.90
N THR C 14 -48.81 -6.90 23.16
CA THR C 14 -49.68 -7.94 23.71
C THR C 14 -48.84 -9.14 24.16
N LEU C 15 -47.80 -9.45 23.38
CA LEU C 15 -46.90 -10.56 23.72
C LEU C 15 -46.16 -10.24 25.01
N LEU C 16 -45.60 -9.03 25.06
CA LEU C 16 -44.84 -8.59 26.23
C LEU C 16 -45.72 -8.49 27.45
N GLU C 17 -46.91 -7.92 27.27
CA GLU C 17 -47.81 -7.76 28.39
C GLU C 17 -48.24 -9.11 28.95
N GLN C 18 -48.53 -10.08 28.08
CA GLN C 18 -48.96 -11.38 28.57
C GLN C 18 -47.81 -12.16 29.20
N GLN C 19 -46.61 -11.58 29.14
CA GLN C 19 -45.41 -12.19 29.73
C GLN C 19 -44.95 -11.35 30.91
N GLY C 20 -45.70 -10.31 31.21
CA GLY C 20 -45.38 -9.42 32.31
C GLY C 20 -44.23 -8.48 32.02
N GLU C 21 -43.95 -8.24 30.74
CA GLU C 21 -42.86 -7.36 30.36
C GLU C 21 -43.32 -6.04 29.78
N LEU C 22 -44.41 -5.51 30.31
CA LEU C 22 -44.93 -4.25 29.82
C LEU C 22 -45.90 -3.70 30.85
N LYS C 23 -45.45 -2.69 31.59
CA LYS C 23 -46.24 -2.05 32.63
C LYS C 23 -46.99 -0.83 32.12
N ARG C 24 -48.24 -0.70 32.58
CA ARG C 24 -49.11 0.40 32.20
C ARG C 24 -49.09 1.48 33.30
N ILE C 25 -48.47 2.60 33.00
CA ILE C 25 -48.40 3.69 33.95
C ILE C 25 -49.60 4.61 33.78
N THR C 26 -50.47 4.60 34.79
CA THR C 26 -51.66 5.43 34.77
C THR C 26 -51.34 6.83 35.24
N LEU C 27 -50.56 6.94 36.32
CA LEU C 27 -50.22 8.25 36.86
C LEU C 27 -49.71 9.21 35.80
N PRO C 28 -50.07 10.49 35.91
CA PRO C 28 -49.61 11.48 34.93
C PRO C 28 -48.11 11.72 35.05
N VAL C 29 -47.41 11.47 33.95
CA VAL C 29 -45.98 11.66 33.91
C VAL C 29 -45.71 12.66 32.79
N ASP C 30 -44.73 13.52 33.01
CA ASP C 30 -44.40 14.53 32.04
C ASP C 30 -43.42 13.96 31.02
N PRO C 31 -43.71 14.09 29.72
CA PRO C 31 -42.80 13.56 28.71
C PRO C 31 -41.50 14.39 28.71
N HIS C 32 -41.53 15.47 29.49
CA HIS C 32 -40.38 16.36 29.66
C HIS C 32 -39.51 15.83 30.78
N LEU C 33 -38.46 15.12 30.38
CA LEU C 33 -37.49 14.50 31.26
C LEU C 33 -37.99 13.67 32.46
N GLU C 34 -39.28 13.75 32.78
CA GLU C 34 -39.79 12.92 33.89
C GLU C 34 -39.93 11.47 33.43
N ILE C 35 -40.23 11.25 32.16
CA ILE C 35 -40.38 9.89 31.65
C ILE C 35 -39.01 9.22 31.55
N THR C 36 -38.02 9.99 31.13
CA THR C 36 -36.68 9.46 31.00
C THR C 36 -36.19 8.91 32.33
N GLU C 37 -36.42 9.65 33.41
CA GLU C 37 -35.98 9.24 34.74
C GLU C 37 -36.64 7.93 35.15
N ILE C 38 -37.93 7.82 34.87
CA ILE C 38 -38.64 6.61 35.20
C ILE C 38 -38.04 5.44 34.44
N ALA C 39 -37.84 5.62 33.14
CA ALA C 39 -37.29 4.55 32.32
C ALA C 39 -35.84 4.25 32.66
N ASP C 40 -35.08 5.27 33.01
CA ASP C 40 -33.68 5.06 33.32
C ASP C 40 -33.51 4.20 34.59
N ARG C 41 -34.49 4.25 35.48
CA ARG C 41 -34.45 3.47 36.70
C ARG C 41 -34.93 2.06 36.42
N THR C 42 -36.10 1.96 35.79
CA THR C 42 -36.65 0.65 35.48
C THR C 42 -35.70 -0.11 34.56
N LEU C 43 -34.90 0.61 33.78
CA LEU C 43 -33.96 -0.07 32.90
C LEU C 43 -32.76 -0.59 33.70
N ARG C 44 -32.25 0.23 34.61
CA ARG C 44 -31.11 -0.16 35.40
C ARG C 44 -31.35 -1.44 36.16
N ALA C 45 -32.61 -1.74 36.43
CA ALA C 45 -32.97 -2.94 37.18
C ALA C 45 -33.80 -3.95 36.37
N GLY C 46 -33.40 -4.23 35.14
CA GLY C 46 -34.16 -5.18 34.35
C GLY C 46 -35.43 -4.51 33.89
N GLY C 47 -36.41 -4.44 34.79
CA GLY C 47 -37.66 -3.77 34.49
C GLY C 47 -38.37 -4.07 33.18
N PRO C 48 -39.70 -4.03 33.19
CA PRO C 48 -40.48 -4.30 31.99
C PRO C 48 -40.53 -3.09 31.08
N ALA C 49 -41.33 -3.18 30.03
CA ALA C 49 -41.45 -2.05 29.12
C ALA C 49 -42.41 -1.09 29.82
N LEU C 50 -42.28 0.19 29.53
CA LEU C 50 -43.14 1.15 30.16
C LEU C 50 -44.10 1.72 29.11
N LEU C 51 -45.36 1.85 29.49
CA LEU C 51 -46.35 2.42 28.58
C LEU C 51 -47.12 3.46 29.36
N PHE C 52 -46.73 4.71 29.20
CA PHE C 52 -47.41 5.77 29.92
C PHE C 52 -48.68 6.14 29.18
N GLU C 53 -49.80 5.63 29.69
CA GLU C 53 -51.10 5.89 29.09
C GLU C 53 -51.56 7.30 29.42
N ASN C 54 -50.95 7.91 30.43
CA ASN C 54 -51.33 9.24 30.83
C ASN C 54 -50.21 10.27 30.75
N PRO C 55 -49.84 10.69 29.54
CA PRO C 55 -48.77 11.68 29.40
C PRO C 55 -49.26 13.06 29.84
N LYS C 56 -48.49 13.73 30.69
CA LYS C 56 -48.87 15.06 31.17
C LYS C 56 -49.04 16.07 30.05
N GLY C 57 -50.27 16.56 29.92
CA GLY C 57 -50.57 17.55 28.92
C GLY C 57 -50.74 17.02 27.51
N TYR C 58 -50.75 15.71 27.32
CA TYR C 58 -50.94 15.20 25.98
C TYR C 58 -52.06 14.21 25.91
N SER C 59 -52.51 13.94 24.69
CA SER C 59 -53.60 13.02 24.45
C SER C 59 -53.18 11.57 24.26
N MSE C 60 -52.30 11.32 23.28
CA MSE C 60 -51.83 9.96 23.01
C MSE C 60 -50.75 9.51 23.97
O MSE C 60 -49.91 10.30 24.38
CB MSE C 60 -51.31 9.86 21.57
CG MSE C 60 -50.08 10.67 21.29
SE MSE C 60 -49.49 10.40 19.46
CE MSE C 60 -50.17 12.04 18.67
N PRO C 61 -50.73 8.20 24.30
CA PRO C 61 -49.77 7.60 25.21
C PRO C 61 -48.38 7.38 24.62
N VAL C 62 -47.38 7.24 25.48
CA VAL C 62 -46.02 7.01 25.02
C VAL C 62 -45.45 5.69 25.53
N LEU C 63 -44.67 5.06 24.67
CA LEU C 63 -44.04 3.80 24.96
C LEU C 63 -42.53 4.00 25.10
N CYS C 64 -41.96 3.56 26.21
CA CYS C 64 -40.53 3.72 26.39
C CYS C 64 -39.86 2.47 26.96
N ASN C 65 -38.54 2.46 26.96
CA ASN C 65 -37.81 1.33 27.50
C ASN C 65 -38.26 0.01 26.90
N LEU C 66 -38.83 0.05 25.71
CA LEU C 66 -39.30 -1.17 25.04
C LEU C 66 -38.16 -2.15 24.80
N PHE C 67 -36.96 -1.60 24.70
CA PHE C 67 -35.76 -2.40 24.48
C PHE C 67 -34.83 -2.18 25.67
N GLY C 68 -35.37 -2.36 26.87
CA GLY C 68 -34.61 -2.18 28.09
C GLY C 68 -33.88 -3.42 28.56
N THR C 69 -34.27 -4.57 28.00
CA THR C 69 -33.65 -5.85 28.32
C THR C 69 -33.15 -6.48 27.04
N PRO C 70 -32.03 -7.20 27.11
CA PRO C 70 -31.49 -7.84 25.91
C PRO C 70 -32.50 -8.87 25.39
N LYS C 71 -33.30 -9.42 26.30
CA LYS C 71 -34.33 -10.40 25.95
C LYS C 71 -35.38 -9.76 25.05
N ARG C 72 -35.91 -8.62 25.47
CA ARG C 72 -36.93 -7.96 24.65
C ARG C 72 -36.41 -7.64 23.26
N VAL C 73 -35.13 -7.26 23.14
CA VAL C 73 -34.60 -6.93 21.82
C VAL C 73 -34.57 -8.20 20.97
N ALA C 74 -34.39 -9.33 21.63
CA ALA C 74 -34.35 -10.62 20.96
C ALA C 74 -35.73 -10.94 20.37
N MSE C 75 -36.76 -10.86 21.21
CA MSE C 75 -38.13 -11.12 20.79
C MSE C 75 -38.57 -10.11 19.75
O MSE C 75 -39.47 -10.37 18.95
CB MSE C 75 -39.07 -11.05 21.99
CG MSE C 75 -38.78 -12.12 23.01
SE MSE C 75 -39.47 -11.67 24.74
CE MSE C 75 -41.34 -12.10 24.44
N GLY C 76 -37.93 -8.95 19.77
CA GLY C 76 -38.26 -7.91 18.81
C GLY C 76 -37.84 -8.39 17.44
N MSE C 77 -37.07 -9.48 17.40
CA MSE C 77 -36.61 -10.05 16.14
C MSE C 77 -37.07 -11.48 16.01
O MSE C 77 -36.35 -12.33 15.49
CB MSE C 77 -35.10 -9.98 16.04
CG MSE C 77 -34.56 -8.58 16.02
SE MSE C 77 -32.64 -8.51 15.85
CE MSE C 77 -32.56 -7.81 14.05
N GLY C 78 -38.27 -11.74 16.51
CA GLY C 78 -38.84 -13.07 16.44
C GLY C 78 -38.23 -14.07 17.40
N GLN C 79 -36.92 -13.96 17.62
CA GLN C 79 -36.22 -14.88 18.52
C GLN C 79 -36.91 -15.03 19.87
N GLU C 80 -36.84 -16.24 20.39
CA GLU C 80 -37.46 -16.57 21.66
C GLU C 80 -36.39 -16.77 22.74
N ASP C 81 -35.18 -16.31 22.45
CA ASP C 81 -34.04 -16.42 23.36
C ASP C 81 -32.89 -15.54 22.90
N VAL C 82 -32.30 -14.80 23.83
CA VAL C 82 -31.18 -13.91 23.52
C VAL C 82 -30.05 -14.64 22.80
N SER C 83 -29.98 -15.95 22.99
CA SER C 83 -28.95 -16.78 22.38
C SER C 83 -29.32 -17.11 20.94
N ALA C 84 -30.62 -17.20 20.68
CA ALA C 84 -31.14 -17.50 19.35
C ALA C 84 -30.64 -16.50 18.32
N LEU C 85 -30.16 -15.35 18.80
CA LEU C 85 -29.63 -14.31 17.93
C LEU C 85 -28.44 -14.82 17.12
N ARG C 86 -27.80 -15.84 17.66
CA ARG C 86 -26.64 -16.43 17.00
C ARG C 86 -27.06 -16.99 15.64
N GLU C 87 -28.32 -17.42 15.54
CA GLU C 87 -28.86 -17.98 14.30
C GLU C 87 -29.09 -16.87 13.28
N VAL C 88 -29.73 -15.79 13.71
CA VAL C 88 -30.00 -14.66 12.84
C VAL C 88 -28.71 -14.19 12.19
N GLY C 89 -27.62 -14.25 12.94
CA GLY C 89 -26.33 -13.82 12.41
C GLY C 89 -25.88 -14.76 11.30
N LYS C 90 -26.10 -16.05 11.51
CA LYS C 90 -25.74 -17.04 10.52
C LYS C 90 -26.57 -16.81 9.27
N LEU C 91 -27.86 -16.63 9.44
CA LEU C 91 -28.75 -16.39 8.32
C LEU C 91 -28.33 -15.12 7.59
N LEU C 92 -27.85 -14.16 8.35
CA LEU C 92 -27.43 -12.89 7.79
C LEU C 92 -26.23 -13.12 6.87
N ALA C 93 -25.31 -13.97 7.34
CA ALA C 93 -24.11 -14.31 6.58
C ALA C 93 -24.43 -15.11 5.33
N PHE C 94 -25.36 -16.06 5.48
CA PHE C 94 -25.78 -16.92 4.36
C PHE C 94 -26.36 -16.10 3.22
N LEU C 95 -26.52 -14.79 3.44
CA LEU C 95 -27.05 -13.91 2.39
C LEU C 95 -25.91 -13.16 1.69
N LYS C 96 -24.67 -13.54 2.03
CA LYS C 96 -23.48 -12.93 1.45
C LYS C 96 -23.51 -11.41 1.64
N LYS C 123 -45.32 -6.61 0.23
CA LYS C 123 -46.76 -6.73 0.14
C LYS C 123 -47.48 -5.41 0.41
N ARG C 124 -47.94 -4.75 -0.65
CA ARG C 124 -48.64 -3.46 -0.54
C ARG C 124 -50.14 -3.65 -0.24
N LEU C 125 -50.83 -2.56 0.06
CA LEU C 125 -52.26 -2.61 0.36
C LEU C 125 -52.91 -1.22 0.43
N ARG C 126 -54.24 -1.20 0.53
CA ARG C 126 -55.02 0.04 0.65
C ARG C 126 -56.00 -0.08 1.82
N GLY C 127 -56.02 0.93 2.68
CA GLY C 127 -56.89 0.91 3.84
C GLY C 127 -56.09 0.62 5.10
N ALA C 128 -54.77 0.69 4.96
CA ALA C 128 -53.86 0.44 6.07
C ALA C 128 -54.18 1.32 7.27
N PRO C 129 -53.94 0.81 8.50
CA PRO C 129 -54.20 1.53 9.74
C PRO C 129 -53.28 2.73 9.94
N CYS C 130 -52.09 2.62 9.36
CA CYS C 130 -51.08 3.68 9.43
C CYS C 130 -51.69 5.04 9.10
N GLN C 131 -52.58 5.08 8.12
CA GLN C 131 -53.18 6.35 7.76
C GLN C 131 -54.71 6.39 7.84
N GLN C 132 -55.25 6.21 9.05
CA GLN C 132 -56.69 6.26 9.25
C GLN C 132 -57.09 7.70 9.53
N LYS C 133 -56.08 8.56 9.76
CA LYS C 133 -56.29 9.98 10.04
C LYS C 133 -55.17 10.72 9.32
N ILE C 134 -55.43 11.94 8.87
CA ILE C 134 -54.40 12.68 8.14
C ILE C 134 -54.53 14.19 8.38
N VAL C 135 -53.47 14.93 8.11
CA VAL C 135 -53.47 16.38 8.28
C VAL C 135 -52.37 16.92 7.39
N SER C 136 -52.69 17.95 6.63
CA SER C 136 -51.69 18.52 5.74
C SER C 136 -51.79 20.02 5.67
N GLY C 137 -50.68 20.69 5.93
CA GLY C 137 -50.68 22.13 5.87
C GLY C 137 -50.36 22.79 7.20
N ASP C 138 -51.03 23.91 7.45
CA ASP C 138 -50.82 24.64 8.66
C ASP C 138 -51.50 23.88 9.79
N ASP C 139 -52.14 22.77 9.44
CA ASP C 139 -52.84 21.95 10.41
C ASP C 139 -52.01 20.75 10.89
N VAL C 140 -50.68 20.89 10.83
CA VAL C 140 -49.76 19.85 11.26
C VAL C 140 -49.58 19.85 12.77
N ASP C 141 -48.68 20.70 13.25
CA ASP C 141 -48.40 20.83 14.69
C ASP C 141 -47.82 19.59 15.36
N LEU C 142 -46.49 19.50 15.40
CA LEU C 142 -45.83 18.36 16.04
C LEU C 142 -45.84 18.55 17.54
N ASN C 143 -46.25 19.74 17.98
CA ASN C 143 -46.32 20.03 19.40
C ASN C 143 -47.45 19.25 20.05
N ARG C 144 -48.28 18.61 19.24
CA ARG C 144 -49.38 17.83 19.78
C ARG C 144 -48.95 16.40 20.14
N ILE C 145 -47.80 15.96 19.63
CA ILE C 145 -47.26 14.63 19.92
C ILE C 145 -46.40 14.70 21.20
N PRO C 146 -46.59 13.78 22.13
CA PRO C 146 -45.84 13.76 23.38
C PRO C 146 -44.34 13.48 23.23
N ILE C 147 -43.66 14.25 22.38
CA ILE C 147 -42.23 14.06 22.16
C ILE C 147 -41.45 14.29 23.46
N MSE C 148 -40.48 13.43 23.75
CA MSE C 148 -39.71 13.58 24.98
C MSE C 148 -38.57 14.59 24.95
O MSE C 148 -38.14 15.05 23.89
CB MSE C 148 -39.15 12.22 25.40
CG MSE C 148 -40.18 11.28 25.95
SE MSE C 148 -39.51 9.50 26.14
CE MSE C 148 -38.11 9.82 27.43
N THR C 149 -38.10 14.93 26.14
CA THR C 149 -36.96 15.83 26.32
C THR C 149 -36.20 15.10 27.42
N CYS C 150 -35.28 14.25 27.00
CA CYS C 150 -34.49 13.41 27.87
C CYS C 150 -33.78 14.06 29.02
N TRP C 151 -32.94 15.05 28.73
CA TRP C 151 -32.20 15.70 29.81
C TRP C 151 -32.49 17.17 29.99
N PRO C 152 -32.26 17.68 31.20
CA PRO C 152 -32.51 19.09 31.52
C PRO C 152 -31.84 20.14 30.62
N GLU C 153 -30.63 19.88 30.14
CA GLU C 153 -29.96 20.87 29.31
C GLU C 153 -30.20 20.68 27.83
N ASP C 154 -31.15 19.84 27.46
CA ASP C 154 -31.40 19.63 26.04
C ASP C 154 -32.03 20.84 25.36
N ALA C 155 -31.62 21.11 24.13
CA ALA C 155 -32.10 22.26 23.38
C ALA C 155 -33.62 22.31 23.24
N ALA C 156 -34.26 21.16 23.11
CA ALA C 156 -35.71 21.08 22.95
C ALA C 156 -36.13 19.60 22.87
N PRO C 157 -37.41 19.32 22.54
CA PRO C 157 -37.84 17.93 22.44
C PRO C 157 -37.12 17.27 21.27
N LEU C 158 -37.01 15.95 21.32
CA LEU C 158 -36.32 15.20 20.28
C LEU C 158 -36.91 13.80 20.03
N ILE C 159 -37.31 13.56 18.77
CA ILE C 159 -37.87 12.28 18.34
C ILE C 159 -36.64 11.41 18.19
N THR C 160 -36.63 10.27 18.87
CA THR C 160 -35.46 9.42 18.85
C THR C 160 -35.59 8.09 18.13
N TRP C 161 -36.64 7.34 18.44
CA TRP C 161 -36.81 6.04 17.84
C TRP C 161 -37.75 6.00 16.62
N GLY C 162 -37.50 6.87 15.66
CA GLY C 162 -38.34 6.87 14.47
C GLY C 162 -37.70 6.10 13.32
N LEU C 163 -38.48 5.89 12.26
CA LEU C 163 -37.94 5.18 11.11
C LEU C 163 -37.89 6.13 9.91
N THR C 164 -36.74 6.74 9.65
CA THR C 164 -36.63 7.65 8.52
C THR C 164 -36.48 6.84 7.24
N VAL C 165 -37.31 7.12 6.25
CA VAL C 165 -37.24 6.42 4.96
C VAL C 165 -37.01 7.40 3.82
N THR C 166 -36.00 7.10 3.01
CA THR C 166 -35.65 7.96 1.89
C THR C 166 -35.19 7.13 0.69
N ARG C 167 -35.43 7.66 -0.51
CA ARG C 167 -35.04 6.98 -1.74
C ARG C 167 -34.02 7.81 -2.53
N GLY C 168 -33.11 7.11 -3.20
CA GLY C 168 -32.09 7.79 -3.99
C GLY C 168 -32.67 8.27 -5.31
N PRO C 169 -31.98 9.21 -5.98
CA PRO C 169 -32.45 9.75 -7.27
C PRO C 169 -32.43 8.73 -8.41
N HIS C 170 -31.29 8.09 -8.60
CA HIS C 170 -31.15 7.11 -9.67
C HIS C 170 -30.93 5.71 -9.12
N LYS C 171 -31.65 5.37 -8.05
CA LYS C 171 -31.55 4.05 -7.41
C LYS C 171 -32.89 3.34 -7.33
N GLU C 172 -32.88 2.13 -6.77
CA GLU C 172 -34.11 1.34 -6.67
C GLU C 172 -34.59 1.21 -5.22
N ARG C 173 -34.00 0.25 -4.50
CA ARG C 173 -34.35 0.00 -3.11
C ARG C 173 -34.25 1.31 -2.33
N GLN C 174 -35.18 1.53 -1.41
CA GLN C 174 -35.16 2.74 -0.61
C GLN C 174 -34.35 2.53 0.66
N ASN C 175 -33.66 3.58 1.09
CA ASN C 175 -32.82 3.52 2.29
C ASN C 175 -33.59 3.97 3.52
N LEU C 176 -33.42 3.24 4.61
CA LEU C 176 -34.09 3.59 5.86
C LEU C 176 -33.16 3.39 7.05
N GLY C 177 -33.10 4.40 7.91
CA GLY C 177 -32.27 4.38 9.10
C GLY C 177 -32.83 5.24 10.22
N ILE C 178 -32.31 5.07 11.44
CA ILE C 178 -32.79 5.84 12.59
C ILE C 178 -31.97 7.10 12.79
N TYR C 179 -32.66 8.25 12.85
CA TYR C 179 -31.97 9.53 13.04
C TYR C 179 -32.64 10.39 14.12
N ARG C 180 -31.82 11.13 14.86
CA ARG C 180 -32.29 12.02 15.91
C ARG C 180 -32.95 13.21 15.23
N GLN C 181 -34.16 13.54 15.68
CA GLN C 181 -34.86 14.67 15.09
C GLN C 181 -35.34 15.69 16.14
N GLN C 182 -34.67 16.83 16.20
CA GLN C 182 -35.00 17.90 17.13
C GLN C 182 -36.14 18.78 16.63
N LEU C 183 -37.12 19.03 17.50
CA LEU C 183 -38.29 19.86 17.20
C LEU C 183 -37.90 21.33 17.21
N ILE C 184 -38.13 22.03 16.11
CA ILE C 184 -37.78 23.45 16.06
C ILE C 184 -38.93 24.34 15.57
N GLY C 185 -40.09 23.72 15.38
CA GLY C 185 -41.27 24.43 14.92
C GLY C 185 -42.50 23.55 14.72
N LYS C 186 -43.67 24.16 14.66
CA LYS C 186 -44.92 23.43 14.49
C LYS C 186 -44.82 22.33 13.43
N ASN C 187 -44.06 22.60 12.35
CA ASN C 187 -43.92 21.63 11.26
C ASN C 187 -42.48 21.51 10.78
N LYS C 188 -41.54 21.79 11.66
CA LYS C 188 -40.12 21.71 11.31
C LYS C 188 -39.31 20.87 12.30
N LEU C 189 -38.52 19.94 11.75
CA LEU C 189 -37.65 19.05 12.53
C LEU C 189 -36.21 19.18 12.07
N ILE C 190 -35.29 18.50 12.75
CA ILE C 190 -33.90 18.54 12.35
C ILE C 190 -33.47 17.14 11.95
N MSE C 191 -33.02 16.99 10.73
CA MSE C 191 -32.58 15.70 10.23
C MSE C 191 -31.09 15.57 10.47
O MSE C 191 -30.28 16.29 9.87
CB MSE C 191 -32.91 15.59 8.74
CG MSE C 191 -32.72 14.22 8.14
SE MSE C 191 -33.82 12.87 8.94
CE MSE C 191 -35.47 13.25 7.99
N ARG C 192 -30.70 14.64 11.34
CA ARG C 192 -29.31 14.43 11.71
C ARG C 192 -28.67 13.19 11.08
N TRP C 193 -27.84 13.41 10.06
CA TRP C 193 -27.16 12.33 9.37
C TRP C 193 -25.68 12.28 9.69
N LEU C 194 -25.33 11.56 10.74
CA LEU C 194 -23.92 11.44 11.15
C LEU C 194 -23.00 10.92 10.07
N SER C 195 -23.54 10.04 9.23
CA SER C 195 -22.75 9.45 8.16
C SER C 195 -23.43 9.67 6.82
N HIS C 196 -22.63 9.58 5.76
CA HIS C 196 -23.12 9.74 4.40
C HIS C 196 -23.74 8.43 3.96
N ARG C 197 -24.30 7.69 4.92
CA ARG C 197 -24.93 6.42 4.62
C ARG C 197 -26.43 6.63 4.44
N GLY C 198 -27.01 5.89 3.51
CA GLY C 198 -28.44 6.00 3.26
C GLY C 198 -28.92 7.44 3.20
N GLY C 199 -29.59 7.86 4.26
CA GLY C 199 -30.12 9.21 4.30
C GLY C 199 -29.23 10.26 3.68
N ALA C 200 -28.17 10.62 4.37
CA ALA C 200 -27.24 11.63 3.89
C ALA C 200 -26.83 11.37 2.44
N LEU C 201 -26.58 10.11 2.11
CA LEU C 201 -26.17 9.72 0.76
C LEU C 201 -27.25 10.08 -0.25
N ASP C 202 -28.45 9.58 -0.03
CA ASP C 202 -29.57 9.85 -0.92
C ASP C 202 -29.78 11.36 -1.09
N TYR C 203 -29.53 12.12 -0.03
CA TYR C 203 -29.67 13.56 -0.08
C TYR C 203 -28.66 14.16 -1.03
N GLN C 204 -27.38 13.85 -0.82
CA GLN C 204 -26.31 14.36 -1.66
C GLN C 204 -26.54 14.04 -3.13
N GLU C 205 -26.69 12.76 -3.45
CA GLU C 205 -26.92 12.32 -4.82
C GLU C 205 -28.14 12.99 -5.43
N TRP C 206 -29.03 13.51 -4.58
CA TRP C 206 -30.21 14.20 -5.06
C TRP C 206 -29.90 15.67 -5.18
N CYS C 207 -28.94 16.16 -4.40
CA CYS C 207 -28.59 17.57 -4.48
C CYS C 207 -27.85 17.76 -5.79
N ALA C 208 -27.43 16.64 -6.37
CA ALA C 208 -26.71 16.65 -7.63
C ALA C 208 -27.75 16.43 -8.75
N ALA C 209 -28.37 15.25 -8.77
CA ALA C 209 -29.39 14.96 -9.78
C ALA C 209 -30.70 15.60 -9.34
N HIS C 210 -31.33 16.37 -10.22
CA HIS C 210 -32.59 17.05 -9.90
C HIS C 210 -32.35 18.22 -8.95
N PRO C 211 -31.37 19.09 -9.26
CA PRO C 211 -31.00 20.26 -8.45
C PRO C 211 -32.18 21.13 -8.04
N GLY C 212 -32.02 21.81 -6.89
CA GLY C 212 -33.07 22.69 -6.39
C GLY C 212 -34.29 21.94 -5.88
N GLU C 213 -34.72 20.94 -6.65
CA GLU C 213 -35.87 20.13 -6.30
C GLU C 213 -35.83 19.73 -4.81
N ARG C 214 -36.97 19.79 -4.15
CA ARG C 214 -37.04 19.42 -2.75
C ARG C 214 -36.68 17.95 -2.62
N PHE C 215 -36.50 17.50 -1.39
CA PHE C 215 -36.15 16.11 -1.12
C PHE C 215 -37.26 15.38 -0.40
N PRO C 216 -37.93 14.46 -1.11
CA PRO C 216 -39.04 13.67 -0.54
C PRO C 216 -38.58 12.85 0.66
N VAL C 217 -39.08 13.19 1.85
CA VAL C 217 -38.71 12.45 3.06
C VAL C 217 -39.95 12.06 3.87
N SER C 218 -39.82 10.94 4.58
CA SER C 218 -40.88 10.42 5.43
C SER C 218 -40.26 9.60 6.56
N VAL C 219 -40.85 9.73 7.75
CA VAL C 219 -40.39 9.07 8.96
C VAL C 219 -41.56 8.30 9.58
N ALA C 220 -41.34 7.05 9.93
CA ALA C 220 -42.39 6.24 10.52
C ALA C 220 -42.13 5.92 12.00
N LEU C 221 -43.06 6.40 12.85
CA LEU C 221 -43.01 6.19 14.30
C LEU C 221 -43.86 5.00 14.67
N GLY C 222 -43.65 4.47 15.86
CA GLY C 222 -44.43 3.33 16.30
C GLY C 222 -44.41 2.17 15.32
N ALA C 223 -43.29 2.01 14.63
CA ALA C 223 -43.15 0.94 13.63
C ALA C 223 -42.88 -0.43 14.23
N ASP C 224 -43.16 -1.45 13.43
CA ASP C 224 -42.93 -2.83 13.82
C ASP C 224 -41.48 -2.96 14.33
N PRO C 225 -41.29 -3.53 15.53
CA PRO C 225 -39.94 -3.69 16.09
C PRO C 225 -39.01 -4.51 15.20
N ALA C 226 -39.58 -5.47 14.48
CA ALA C 226 -38.83 -6.33 13.56
C ALA C 226 -38.43 -5.57 12.29
N THR C 227 -39.07 -4.42 12.06
CA THR C 227 -38.75 -3.63 10.89
C THR C 227 -37.67 -2.60 11.19
N ILE C 228 -37.84 -1.91 12.31
CA ILE C 228 -36.89 -0.89 12.76
C ILE C 228 -35.60 -1.54 13.20
N LEU C 229 -35.69 -2.67 13.90
CA LEU C 229 -34.50 -3.36 14.34
C LEU C 229 -33.74 -3.85 13.11
N GLY C 230 -34.41 -3.80 11.96
CA GLY C 230 -33.78 -4.23 10.73
C GLY C 230 -32.95 -3.13 10.10
N ALA C 231 -33.28 -1.89 10.42
CA ALA C 231 -32.59 -0.71 9.89
C ALA C 231 -31.16 -0.59 10.43
N VAL C 232 -30.88 -1.31 11.52
CA VAL C 232 -29.56 -1.30 12.15
C VAL C 232 -28.90 -2.68 12.10
N THR C 233 -29.38 -3.52 11.19
CA THR C 233 -28.87 -4.87 11.03
C THR C 233 -28.40 -5.08 9.59
N PRO C 234 -27.25 -4.51 9.22
CA PRO C 234 -26.73 -4.66 7.85
C PRO C 234 -26.27 -6.08 7.53
N SER C 240 -33.57 -5.04 -0.09
CA SER C 240 -34.81 -4.70 0.60
C SER C 240 -34.78 -5.01 2.09
N GLU C 241 -34.80 -3.97 2.93
CA GLU C 241 -34.78 -4.14 4.38
C GLU C 241 -36.09 -4.68 4.92
N TYR C 242 -37.21 -4.22 4.35
CA TYR C 242 -38.53 -4.70 4.76
C TYR C 242 -38.56 -6.20 4.62
N ALA C 243 -37.65 -6.71 3.80
CA ALA C 243 -37.55 -8.13 3.55
C ALA C 243 -37.05 -8.85 4.78
N PHE C 244 -35.84 -8.50 5.22
CA PHE C 244 -35.23 -9.12 6.39
C PHE C 244 -36.21 -9.06 7.56
N ALA C 245 -37.04 -8.02 7.57
CA ALA C 245 -38.04 -7.84 8.61
C ALA C 245 -38.99 -9.04 8.72
N GLY C 246 -39.86 -9.23 7.73
CA GLY C 246 -40.78 -10.34 7.77
C GLY C 246 -40.07 -11.68 7.86
N LEU C 247 -38.78 -11.66 7.55
CA LEU C 247 -37.94 -12.85 7.57
C LEU C 247 -37.39 -13.06 8.98
N LEU C 248 -37.96 -12.32 9.93
CA LEU C 248 -37.55 -12.39 11.33
C LEU C 248 -38.74 -12.75 12.21
N ARG C 249 -39.87 -12.09 12.00
CA ARG C 249 -41.07 -12.39 12.79
C ARG C 249 -41.90 -13.54 12.22
N GLY C 250 -41.64 -13.89 10.96
CA GLY C 250 -42.38 -14.97 10.32
C GLY C 250 -43.44 -14.47 9.36
N THR C 251 -44.29 -13.57 9.85
CA THR C 251 -45.36 -12.97 9.07
C THR C 251 -44.85 -11.95 8.05
N LYS C 252 -45.37 -12.02 6.84
CA LYS C 252 -44.96 -11.11 5.77
C LYS C 252 -45.00 -9.65 6.24
N THR C 253 -44.26 -8.81 5.53
CA THR C 253 -44.16 -7.40 5.86
C THR C 253 -45.06 -6.53 4.96
N GLU C 254 -46.11 -5.95 5.55
CA GLU C 254 -47.06 -5.08 4.84
C GLU C 254 -46.38 -3.77 4.46
N VAL C 255 -47.07 -2.90 3.73
CA VAL C 255 -46.47 -1.62 3.34
C VAL C 255 -47.47 -0.77 2.58
N VAL C 256 -47.38 0.55 2.71
CA VAL C 256 -48.30 1.44 2.02
C VAL C 256 -47.56 2.65 1.46
N LYS C 257 -48.09 3.22 0.37
CA LYS C 257 -47.48 4.39 -0.24
C LYS C 257 -47.79 5.62 0.58
N CYS C 258 -46.82 6.52 0.66
CA CYS C 258 -47.04 7.74 1.38
C CYS C 258 -48.07 8.57 0.64
N ILE C 259 -48.65 9.55 1.31
CA ILE C 259 -49.67 10.42 0.73
C ILE C 259 -49.04 11.70 0.18
N SER C 260 -47.76 11.65 -0.20
CA SER C 260 -47.10 12.83 -0.71
C SER C 260 -45.90 12.47 -1.53
N ASN C 261 -45.62 11.16 -1.64
CA ASN C 261 -44.48 10.70 -2.42
C ASN C 261 -44.50 9.20 -2.63
N ASP C 262 -43.64 8.72 -3.54
CA ASP C 262 -43.56 7.30 -3.86
C ASP C 262 -42.76 6.50 -2.85
N LEU C 263 -42.68 7.03 -1.63
CA LEU C 263 -41.95 6.33 -0.59
C LEU C 263 -42.88 5.38 0.12
N GLU C 264 -42.45 4.12 0.21
CA GLU C 264 -43.24 3.08 0.86
C GLU C 264 -42.84 2.93 2.32
N VAL C 265 -43.81 3.08 3.21
CA VAL C 265 -43.59 2.96 4.64
C VAL C 265 -44.44 1.84 5.22
N PRO C 266 -44.03 1.28 6.37
CA PRO C 266 -44.83 0.20 6.97
C PRO C 266 -46.26 0.66 7.23
N ALA C 267 -47.21 -0.15 6.80
CA ALA C 267 -48.62 0.18 6.97
C ALA C 267 -49.16 -0.02 8.38
N SER C 268 -48.36 -0.58 9.28
CA SER C 268 -48.83 -0.80 10.65
C SER C 268 -48.22 0.20 11.63
N ALA C 269 -47.47 1.17 11.11
CA ALA C 269 -46.86 2.18 11.95
C ALA C 269 -47.98 2.98 12.62
N GLU C 270 -47.73 3.44 13.84
CA GLU C 270 -48.73 4.20 14.56
C GLU C 270 -48.90 5.55 13.88
N ILE C 271 -47.78 6.21 13.59
CA ILE C 271 -47.85 7.51 12.94
C ILE C 271 -46.71 7.73 11.95
N VAL C 272 -47.03 8.40 10.86
CA VAL C 272 -46.04 8.69 9.83
C VAL C 272 -45.97 10.20 9.59
N LEU C 273 -44.75 10.71 9.45
CA LEU C 273 -44.57 12.12 9.18
C LEU C 273 -44.01 12.23 7.78
N GLU C 274 -44.78 12.81 6.87
CA GLU C 274 -44.34 12.96 5.50
C GLU C 274 -43.98 14.41 5.25
N GLY C 275 -42.90 14.62 4.51
CA GLY C 275 -42.46 15.97 4.22
C GLY C 275 -41.30 16.00 3.25
N TYR C 276 -40.51 17.07 3.30
CA TYR C 276 -39.36 17.23 2.41
C TYR C 276 -38.23 18.02 3.07
N ILE C 277 -37.15 18.21 2.32
CA ILE C 277 -36.00 18.96 2.79
C ILE C 277 -35.59 19.98 1.73
N GLU C 278 -35.66 21.27 2.07
CA GLU C 278 -35.27 22.34 1.14
C GLU C 278 -33.77 22.46 1.12
N GLN C 279 -33.15 22.16 -0.02
CA GLN C 279 -31.69 22.24 -0.13
C GLN C 279 -31.22 23.62 0.33
N GLY C 280 -30.07 23.64 0.98
CA GLY C 280 -29.52 24.90 1.47
C GLY C 280 -30.13 25.32 2.79
N GLU C 281 -31.34 24.82 3.10
CA GLU C 281 -31.99 25.18 4.35
C GLU C 281 -31.53 24.26 5.48
N THR C 282 -30.89 24.84 6.49
CA THR C 282 -30.40 24.07 7.61
C THR C 282 -30.60 24.88 8.89
N ALA C 283 -30.44 24.22 10.03
CA ALA C 283 -30.58 24.86 11.33
C ALA C 283 -29.58 24.26 12.32
N PRO C 284 -29.20 25.03 13.34
CA PRO C 284 -28.25 24.56 14.35
C PRO C 284 -28.94 23.60 15.33
N GLU C 285 -28.58 22.33 15.30
CA GLU C 285 -29.20 21.37 16.22
C GLU C 285 -28.64 21.61 17.63
N GLY C 286 -29.30 22.49 18.40
CA GLY C 286 -28.86 22.82 19.75
C GLY C 286 -28.37 21.58 20.49
N PRO C 287 -27.69 21.75 21.63
CA PRO C 287 -27.13 20.66 22.44
C PRO C 287 -28.05 19.57 23.02
N TYR C 288 -27.59 18.31 22.95
CA TYR C 288 -28.34 17.14 23.46
C TYR C 288 -27.40 16.18 24.17
N GLY C 289 -27.93 15.38 25.08
CA GLY C 289 -27.09 14.42 25.78
C GLY C 289 -27.20 13.10 25.03
N ASP C 290 -26.09 12.58 24.51
CA ASP C 290 -26.21 11.31 23.79
C ASP C 290 -25.83 10.10 24.61
N HIS C 291 -25.65 8.97 23.91
CA HIS C 291 -25.32 7.69 24.49
C HIS C 291 -23.96 7.63 25.20
N THR C 292 -23.17 8.71 25.09
CA THR C 292 -21.86 8.78 25.71
C THR C 292 -21.93 9.33 27.12
N GLY C 293 -23.11 9.85 27.48
CA GLY C 293 -23.32 10.40 28.81
C GLY C 293 -22.91 11.85 28.97
N TYR C 294 -22.62 12.51 27.85
CA TYR C 294 -22.21 13.91 27.84
C TYR C 294 -23.12 14.61 26.85
N TYR C 295 -22.98 15.93 26.73
CA TYR C 295 -23.78 16.70 25.79
C TYR C 295 -22.94 16.97 24.56
N ASN C 296 -23.41 16.56 23.39
CA ASN C 296 -22.65 16.84 22.19
C ASN C 296 -22.92 18.32 21.92
N GLU C 297 -21.95 19.03 21.35
CA GLU C 297 -22.14 20.43 21.11
C GLU C 297 -22.96 20.69 19.85
N VAL C 298 -23.42 21.94 19.69
CA VAL C 298 -24.23 22.34 18.56
C VAL C 298 -23.61 22.12 17.19
N ASP C 299 -24.47 21.92 16.20
CA ASP C 299 -24.01 21.68 14.85
C ASP C 299 -25.22 21.83 13.94
N SER C 300 -25.00 22.24 12.70
CA SER C 300 -26.10 22.41 11.78
C SER C 300 -26.36 21.18 10.94
N PHE C 301 -27.63 20.89 10.74
CA PHE C 301 -28.03 19.75 9.96
C PHE C 301 -29.26 20.14 9.15
N PRO C 302 -29.52 19.41 8.07
CA PRO C 302 -30.67 19.67 7.20
C PRO C 302 -31.97 19.72 7.99
N VAL C 303 -32.81 20.70 7.69
CA VAL C 303 -34.09 20.84 8.36
C VAL C 303 -35.17 20.11 7.57
N PHE C 304 -35.96 19.31 8.28
CA PHE C 304 -37.03 18.51 7.71
C PHE C 304 -38.36 19.25 7.88
N THR C 305 -39.02 19.55 6.77
CA THR C 305 -40.30 20.24 6.80
C THR C 305 -41.43 19.23 6.68
N VAL C 306 -42.28 19.15 7.71
CA VAL C 306 -43.39 18.20 7.67
C VAL C 306 -44.67 18.83 7.17
N THR C 307 -45.28 18.18 6.18
CA THR C 307 -46.51 18.66 5.57
C THR C 307 -47.66 17.76 5.98
N HIS C 308 -47.52 16.47 5.73
CA HIS C 308 -48.56 15.53 6.09
C HIS C 308 -48.18 14.72 7.33
N ILE C 309 -49.20 14.39 8.12
CA ILE C 309 -49.02 13.59 9.31
C ILE C 309 -50.19 12.63 9.40
N THR C 310 -49.97 11.41 8.91
CA THR C 310 -51.00 10.38 8.97
C THR C 310 -50.73 9.59 10.25
N GLN C 311 -51.71 8.83 10.71
CA GLN C 311 -51.57 8.06 11.93
C GLN C 311 -52.78 7.19 12.19
N ARG C 312 -52.60 6.16 13.02
CA ARG C 312 -53.70 5.25 13.35
C ARG C 312 -54.62 5.91 14.36
N GLU C 313 -55.80 5.34 14.50
CA GLU C 313 -56.76 5.82 15.47
C GLU C 313 -56.20 5.36 16.82
N ASP C 314 -56.23 6.25 17.81
CA ASP C 314 -55.72 5.93 19.14
C ASP C 314 -54.22 5.58 19.04
N ALA C 315 -53.51 6.31 18.19
CA ALA C 315 -52.09 6.09 17.98
C ALA C 315 -51.29 6.31 19.26
N ILE C 316 -50.17 5.61 19.39
CA ILE C 316 -49.31 5.75 20.56
C ILE C 316 -47.95 6.21 20.07
N TYR C 317 -47.24 6.96 20.90
CA TYR C 317 -45.92 7.45 20.51
C TYR C 317 -44.80 6.64 21.13
N HIS C 318 -44.03 5.94 20.30
CA HIS C 318 -42.91 5.12 20.77
C HIS C 318 -41.58 5.85 20.69
N SER C 319 -40.93 6.00 21.85
CA SER C 319 -39.65 6.68 21.94
C SER C 319 -38.70 6.05 22.97
N THR C 320 -37.41 6.33 22.82
CA THR C 320 -36.37 5.85 23.74
C THR C 320 -35.61 7.06 24.28
N TYR C 321 -34.58 6.79 25.06
CA TYR C 321 -33.78 7.87 25.65
C TYR C 321 -32.32 7.44 25.61
N THR C 322 -31.41 8.42 25.56
CA THR C 322 -29.97 8.17 25.54
C THR C 322 -29.34 8.87 26.72
N GLY C 323 -28.09 8.52 26.99
CA GLY C 323 -27.37 9.15 28.09
C GLY C 323 -26.41 8.17 28.69
N ARG C 324 -25.83 8.53 29.83
CA ARG C 324 -24.88 7.66 30.52
C ARG C 324 -25.33 6.20 30.43
N PRO C 325 -24.55 5.37 29.73
CA PRO C 325 -24.89 3.96 29.58
C PRO C 325 -24.89 3.22 30.92
N PRO C 326 -25.69 2.15 31.04
CA PRO C 326 -26.59 1.59 30.03
C PRO C 326 -27.85 2.40 29.75
N ASP C 327 -28.36 2.24 28.53
CA ASP C 327 -29.58 2.89 28.04
C ASP C 327 -30.07 2.07 26.84
N GLU C 328 -31.32 2.24 26.44
CA GLU C 328 -31.88 1.47 25.33
C GLU C 328 -30.90 1.17 24.22
N PRO C 329 -30.30 2.22 23.62
CA PRO C 329 -29.35 1.93 22.55
C PRO C 329 -28.28 0.93 23.01
N ALA C 330 -27.59 1.24 24.11
CA ALA C 330 -26.56 0.34 24.63
C ALA C 330 -27.08 -1.09 24.77
N VAL C 331 -28.31 -1.23 25.28
CA VAL C 331 -28.94 -2.52 25.48
C VAL C 331 -29.25 -3.16 24.14
N LEU C 332 -29.37 -2.33 23.11
CA LEU C 332 -29.65 -2.80 21.76
C LEU C 332 -28.36 -3.30 21.14
N GLY C 333 -27.27 -2.59 21.41
CA GLY C 333 -25.99 -3.00 20.87
C GLY C 333 -25.59 -4.32 21.47
N VAL C 334 -25.73 -4.45 22.78
CA VAL C 334 -25.35 -5.69 23.45
C VAL C 334 -26.13 -6.83 22.82
N ALA C 335 -27.34 -6.54 22.36
CA ALA C 335 -28.17 -7.55 21.74
C ALA C 335 -27.75 -7.73 20.29
N LEU C 336 -27.87 -6.69 19.48
CA LEU C 336 -27.51 -6.84 18.08
C LEU C 336 -26.12 -7.41 17.87
N ASN C 337 -25.13 -6.96 18.64
CA ASN C 337 -23.78 -7.49 18.44
C ASN C 337 -23.75 -9.02 18.42
N GLU C 338 -24.63 -9.65 19.20
CA GLU C 338 -24.68 -11.11 19.23
C GLU C 338 -24.88 -11.70 17.85
N VAL C 339 -25.42 -10.92 16.91
CA VAL C 339 -25.62 -11.47 15.58
C VAL C 339 -24.32 -11.40 14.78
N PHE C 340 -23.44 -10.47 15.11
CA PHE C 340 -22.17 -10.34 14.39
C PHE C 340 -21.14 -11.38 14.83
N VAL C 341 -21.33 -11.92 16.03
CA VAL C 341 -20.39 -12.91 16.55
C VAL C 341 -20.15 -14.04 15.54
N PRO C 342 -21.23 -14.65 15.04
CA PRO C 342 -21.09 -15.74 14.08
C PRO C 342 -20.41 -15.24 12.82
N ILE C 343 -20.73 -14.02 12.42
CA ILE C 343 -20.08 -13.51 11.23
C ILE C 343 -18.60 -13.38 11.50
N LEU C 344 -18.27 -13.00 12.72
CA LEU C 344 -16.87 -12.83 13.11
C LEU C 344 -16.15 -14.17 13.20
N GLN C 345 -16.74 -15.11 13.94
CA GLN C 345 -16.17 -16.44 14.11
C GLN C 345 -15.98 -17.14 12.78
N LYS C 346 -16.87 -16.84 11.84
CA LYS C 346 -16.76 -17.47 10.55
C LYS C 346 -15.41 -17.09 9.96
N GLN C 347 -14.93 -15.89 10.28
CA GLN C 347 -13.66 -15.39 9.77
C GLN C 347 -12.48 -15.75 10.66
N PHE C 348 -12.72 -15.83 11.97
CA PHE C 348 -11.71 -16.19 12.95
C PHE C 348 -12.31 -17.25 13.85
N PRO C 349 -12.26 -18.50 13.40
CA PRO C 349 -12.80 -19.61 14.19
C PRO C 349 -12.19 -19.68 15.58
N GLU C 350 -11.05 -19.04 15.81
CA GLU C 350 -10.45 -19.10 17.14
C GLU C 350 -11.24 -18.31 18.19
N ILE C 351 -11.98 -17.30 17.72
CA ILE C 351 -12.83 -16.48 18.58
C ILE C 351 -13.86 -17.37 19.27
N VAL C 352 -13.86 -17.39 20.60
CA VAL C 352 -14.83 -18.20 21.33
C VAL C 352 -15.99 -17.33 21.80
N ASP C 353 -15.70 -16.05 22.06
CA ASP C 353 -16.70 -15.11 22.51
C ASP C 353 -16.20 -13.71 22.18
N PHE C 354 -17.15 -12.84 21.86
CA PHE C 354 -16.86 -11.46 21.52
C PHE C 354 -17.89 -10.59 22.22
N TYR C 355 -17.46 -9.81 23.21
CA TYR C 355 -18.40 -8.97 23.94
C TYR C 355 -17.93 -7.53 24.09
N LEU C 356 -18.88 -6.60 23.94
CA LEU C 356 -18.62 -5.17 24.08
C LEU C 356 -19.55 -4.63 25.16
N PRO C 357 -19.09 -4.60 26.41
CA PRO C 357 -19.90 -4.10 27.53
C PRO C 357 -20.48 -2.70 27.33
N PRO C 358 -21.72 -2.49 27.80
CA PRO C 358 -22.40 -1.20 27.67
C PRO C 358 -21.59 -0.07 28.32
N GLU C 359 -21.00 -0.32 29.48
CA GLU C 359 -20.19 0.69 30.15
C GLU C 359 -19.33 1.42 29.13
N GLY C 360 -18.92 0.69 28.09
CA GLY C 360 -18.07 1.27 27.06
C GLY C 360 -18.88 1.87 25.94
N CYS C 361 -20.13 2.20 26.26
CA CYS C 361 -21.05 2.77 25.30
C CYS C 361 -21.41 1.71 24.28
N SER C 362 -21.14 0.46 24.66
CA SER C 362 -21.43 -0.69 23.84
C SER C 362 -20.69 -0.73 22.49
N TYR C 363 -19.53 -0.10 22.42
CA TYR C 363 -18.76 -0.14 21.20
C TYR C 363 -17.34 0.36 21.35
N ARG C 364 -17.05 1.09 22.41
CA ARG C 364 -15.71 1.60 22.59
C ARG C 364 -14.74 0.59 23.20
N LEU C 365 -15.27 -0.36 23.97
CA LEU C 365 -14.43 -1.37 24.60
C LEU C 365 -14.92 -2.73 24.13
N ALA C 366 -14.00 -3.56 23.67
CA ALA C 366 -14.36 -4.88 23.19
C ALA C 366 -13.48 -5.94 23.84
N VAL C 367 -14.12 -6.96 24.39
CA VAL C 367 -13.39 -8.06 25.02
C VAL C 367 -13.57 -9.29 24.17
N VAL C 368 -12.45 -9.94 23.83
CA VAL C 368 -12.46 -11.14 22.98
C VAL C 368 -11.74 -12.32 23.61
N THR C 369 -12.37 -13.50 23.58
CA THR C 369 -11.76 -14.72 24.13
C THR C 369 -11.50 -15.68 22.99
N ILE C 370 -10.31 -16.26 22.95
CA ILE C 370 -9.97 -17.18 21.88
C ILE C 370 -9.22 -18.42 22.32
N LYS C 371 -9.21 -19.43 21.44
CA LYS C 371 -8.45 -20.64 21.72
C LYS C 371 -7.08 -20.38 21.08
N LYS C 372 -6.13 -19.93 21.90
CA LYS C 372 -4.81 -19.60 21.40
C LYS C 372 -4.15 -20.82 20.76
N GLN C 373 -3.66 -20.64 19.54
CA GLN C 373 -3.00 -21.72 18.80
C GLN C 373 -1.51 -21.47 18.51
N TYR C 374 -1.03 -20.26 18.77
CA TYR C 374 0.38 -19.96 18.51
C TYR C 374 0.80 -18.62 19.09
N ALA C 375 2.10 -18.49 19.34
CA ALA C 375 2.64 -17.26 19.89
C ALA C 375 2.29 -16.05 19.02
N GLY C 376 1.85 -14.99 19.69
CA GLY C 376 1.47 -13.78 19.02
C GLY C 376 0.09 -13.86 18.44
N HIS C 377 -0.60 -14.98 18.65
CA HIS C 377 -1.94 -15.13 18.10
C HIS C 377 -2.90 -13.99 18.44
N ALA C 378 -2.82 -13.50 19.67
CA ALA C 378 -3.67 -12.42 20.11
C ALA C 378 -3.57 -11.19 19.21
N LYS C 379 -2.35 -10.89 18.77
CA LYS C 379 -2.12 -9.73 17.93
C LYS C 379 -2.92 -9.82 16.63
N ARG C 380 -3.21 -11.02 16.19
CA ARG C 380 -3.97 -11.16 14.97
C ARG C 380 -5.45 -10.88 15.20
N VAL C 381 -6.01 -11.28 16.33
CA VAL C 381 -7.43 -10.99 16.53
C VAL C 381 -7.64 -9.50 16.77
N MSE C 382 -6.60 -8.83 17.29
CA MSE C 382 -6.68 -7.38 17.53
C MSE C 382 -6.93 -6.70 16.19
O MSE C 382 -7.94 -6.00 16.01
CB MSE C 382 -5.35 -6.87 18.10
CG MSE C 382 -5.33 -6.78 19.59
SE MSE C 382 -3.59 -6.41 20.34
CE MSE C 382 -3.54 -7.84 21.67
N MSE C 383 -6.01 -6.93 15.27
CA MSE C 383 -6.05 -6.41 13.90
C MSE C 383 -7.39 -6.75 13.27
O MSE C 383 -7.95 -5.95 12.53
CB MSE C 383 -4.95 -7.04 13.05
CG MSE C 383 -3.58 -7.11 13.68
SE MSE C 383 -2.56 -5.49 13.56
CE MSE C 383 -3.46 -4.48 14.95
N GLY C 384 -7.85 -7.97 13.53
CA GLY C 384 -9.10 -8.43 12.97
C GLY C 384 -10.24 -7.52 13.40
N VAL C 385 -10.43 -7.41 14.70
CA VAL C 385 -11.48 -6.57 15.23
C VAL C 385 -11.38 -5.17 14.66
N TRP C 386 -10.18 -4.62 14.63
CA TRP C 386 -10.03 -3.27 14.12
C TRP C 386 -10.22 -3.07 12.63
N SER C 387 -10.12 -4.13 11.83
CA SER C 387 -10.26 -3.97 10.38
C SER C 387 -11.41 -4.73 9.74
N PHE C 388 -11.69 -5.92 10.26
CA PHE C 388 -12.75 -6.79 9.74
C PHE C 388 -14.10 -6.14 9.49
N LEU C 389 -14.91 -5.97 10.54
CA LEU C 389 -16.22 -5.35 10.39
C LEU C 389 -16.12 -3.84 10.61
N ARG C 390 -16.87 -3.07 9.83
CA ARG C 390 -16.82 -1.63 9.95
C ARG C 390 -17.48 -1.19 11.24
N GLN C 391 -18.36 -2.02 11.79
CA GLN C 391 -19.03 -1.66 13.02
C GLN C 391 -18.19 -1.99 14.25
N PHE C 392 -16.89 -2.19 14.05
CA PHE C 392 -16.00 -2.49 15.17
C PHE C 392 -14.65 -1.84 14.99
N MSE C 393 -14.48 -1.15 13.87
CA MSE C 393 -13.21 -0.49 13.60
C MSE C 393 -13.05 0.81 14.36
O MSE C 393 -12.08 1.54 14.15
CB MSE C 393 -13.08 -0.22 12.11
CG MSE C 393 -14.21 0.62 11.52
SE MSE C 393 -13.76 1.49 9.84
CE MSE C 393 -14.41 3.29 10.25
N TYR C 394 -13.99 1.13 15.24
CA TYR C 394 -13.92 2.36 16.02
C TYR C 394 -13.70 2.13 17.52
N THR C 395 -13.73 0.87 17.93
CA THR C 395 -13.54 0.54 19.33
C THR C 395 -12.07 0.75 19.62
N LYS C 396 -11.76 1.65 20.55
CA LYS C 396 -10.38 1.99 20.88
C LYS C 396 -9.71 1.11 21.93
N PHE C 397 -10.46 0.18 22.51
CA PHE C 397 -9.93 -0.73 23.51
C PHE C 397 -10.39 -2.16 23.15
N VAL C 398 -9.42 -3.07 23.04
CA VAL C 398 -9.69 -4.47 22.73
C VAL C 398 -8.86 -5.34 23.66
N ILE C 399 -9.52 -6.12 24.48
CA ILE C 399 -8.83 -7.00 25.41
C ILE C 399 -8.90 -8.43 24.86
N VAL C 400 -7.77 -9.10 24.72
CA VAL C 400 -7.81 -10.47 24.24
C VAL C 400 -7.49 -11.40 25.38
N CYS C 401 -8.34 -12.40 25.59
CA CYS C 401 -8.17 -13.37 26.67
C CYS C 401 -8.37 -14.79 26.18
N ASP C 402 -8.00 -15.77 27.01
CA ASP C 402 -8.15 -17.17 26.62
C ASP C 402 -9.57 -17.68 26.75
N ASP C 403 -9.80 -18.92 26.33
CA ASP C 403 -11.15 -19.49 26.40
C ASP C 403 -11.66 -19.79 27.82
N ASP C 404 -10.77 -19.81 28.81
CA ASP C 404 -11.19 -20.06 30.20
C ASP C 404 -11.68 -18.80 30.92
N VAL C 405 -11.74 -17.70 30.18
CA VAL C 405 -12.21 -16.43 30.72
C VAL C 405 -13.56 -16.11 30.12
N ASN C 406 -14.47 -15.68 30.97
CA ASN C 406 -15.81 -15.31 30.54
C ASN C 406 -15.74 -13.83 30.15
N ALA C 407 -15.80 -13.54 28.85
CA ALA C 407 -15.71 -12.16 28.38
C ALA C 407 -16.76 -11.27 29.03
N ARG C 408 -17.83 -11.86 29.55
CA ARG C 408 -18.88 -11.05 30.13
C ARG C 408 -18.79 -10.79 31.63
N ASP C 409 -17.74 -11.29 32.27
CA ASP C 409 -17.57 -11.10 33.70
C ASP C 409 -16.23 -10.43 34.03
N TRP C 410 -16.26 -9.16 34.44
CA TRP C 410 -15.04 -8.43 34.78
C TRP C 410 -14.14 -9.11 35.81
N ASN C 411 -14.70 -9.97 36.64
CA ASN C 411 -13.90 -10.67 37.62
C ASN C 411 -12.92 -11.56 36.87
N ASP C 412 -13.37 -12.13 35.75
CA ASP C 412 -12.51 -12.98 34.94
C ASP C 412 -11.51 -12.14 34.16
N VAL C 413 -11.99 -11.14 33.42
CA VAL C 413 -11.14 -10.25 32.61
C VAL C 413 -10.10 -9.52 33.46
N ILE C 414 -10.56 -8.83 34.49
CA ILE C 414 -9.64 -8.13 35.37
C ILE C 414 -8.59 -9.11 35.93
N TRP C 415 -9.05 -10.33 36.23
CA TRP C 415 -8.17 -11.36 36.77
C TRP C 415 -7.09 -11.76 35.75
N ALA C 416 -7.50 -11.98 34.52
CA ALA C 416 -6.55 -12.34 33.47
C ALA C 416 -5.62 -11.17 33.24
N ILE C 417 -6.19 -9.99 33.07
CA ILE C 417 -5.36 -8.83 32.83
C ILE C 417 -4.29 -8.63 33.88
N THR C 418 -4.60 -8.92 35.13
CA THR C 418 -3.61 -8.71 36.16
C THR C 418 -2.69 -9.90 36.48
N THR C 419 -2.96 -11.07 35.88
CA THR C 419 -2.10 -12.23 36.15
C THR C 419 -1.41 -12.82 34.94
N ARG C 420 -1.79 -12.38 33.75
CA ARG C 420 -1.20 -12.93 32.54
C ARG C 420 -0.63 -11.84 31.68
N MSE C 421 -0.30 -10.71 32.27
CA MSE C 421 0.15 -9.62 31.43
C MSE C 421 1.25 -8.71 31.99
O MSE C 421 1.34 -8.48 33.20
CB MSE C 421 -1.11 -8.80 31.10
CG MSE C 421 -0.97 -7.70 30.10
SE MSE C 421 -2.60 -6.65 29.87
CE MSE C 421 -3.89 -8.06 29.70
N ASP C 422 2.10 -8.23 31.08
CA ASP C 422 3.14 -7.28 31.44
C ASP C 422 2.80 -6.07 30.61
N PRO C 423 2.37 -4.98 31.27
CA PRO C 423 1.99 -3.77 30.53
C PRO C 423 2.86 -3.47 29.30
N ALA C 424 4.11 -3.10 29.54
CA ALA C 424 5.05 -2.77 28.47
C ALA C 424 5.04 -3.69 27.25
N ARG C 425 5.38 -4.95 27.46
CA ARG C 425 5.48 -5.86 26.33
C ARG C 425 4.20 -6.49 25.82
N ASP C 426 3.12 -6.33 26.59
CA ASP C 426 1.84 -6.92 26.20
C ASP C 426 0.78 -5.96 25.71
N THR C 427 1.07 -4.67 25.80
CA THR C 427 0.10 -3.68 25.34
C THR C 427 0.50 -3.28 23.92
N VAL C 428 -0.48 -3.07 23.06
CA VAL C 428 -0.22 -2.66 21.69
C VAL C 428 -0.87 -1.29 21.49
N LEU C 429 -0.04 -0.29 21.19
CA LEU C 429 -0.52 1.06 20.97
C LEU C 429 -0.35 1.41 19.51
N VAL C 430 -1.45 1.78 18.86
CA VAL C 430 -1.38 2.16 17.45
C VAL C 430 -2.12 3.48 17.36
N GLU C 431 -1.42 4.52 16.90
CA GLU C 431 -2.01 5.85 16.80
C GLU C 431 -2.31 6.36 15.40
N ASN C 432 -2.94 7.52 15.32
CA ASN C 432 -3.28 8.08 14.04
C ASN C 432 -4.27 7.20 13.31
N THR C 433 -5.12 6.53 14.08
CA THR C 433 -6.14 5.65 13.52
C THR C 433 -7.44 6.42 13.42
N PRO C 434 -8.41 5.90 12.66
CA PRO C 434 -9.68 6.61 12.54
C PRO C 434 -10.61 6.43 13.72
N ILE C 435 -11.04 7.52 14.35
CA ILE C 435 -11.98 7.37 15.46
C ILE C 435 -13.15 8.33 15.31
N ASP C 436 -14.24 7.98 15.98
CA ASP C 436 -15.47 8.77 15.97
C ASP C 436 -15.18 10.28 16.05
N TYR C 437 -15.58 11.03 15.03
CA TYR C 437 -15.28 12.46 15.02
C TYR C 437 -15.90 13.23 16.17
N LEU C 438 -16.73 12.56 16.95
CA LEU C 438 -17.39 13.18 18.08
C LEU C 438 -16.72 12.83 19.42
N ASP C 439 -15.79 11.88 19.40
CA ASP C 439 -15.08 11.48 20.61
C ASP C 439 -14.06 12.54 20.98
N PHE C 440 -14.42 13.42 21.90
CA PHE C 440 -13.53 14.50 22.29
C PHE C 440 -12.23 14.12 22.99
N ALA C 441 -12.11 12.89 23.45
CA ALA C 441 -10.90 12.45 24.15
C ALA C 441 -9.72 12.23 23.22
N SER C 442 -9.97 12.20 21.92
CA SER C 442 -8.89 12.00 20.96
C SER C 442 -8.21 13.32 20.73
N PRO C 443 -6.92 13.28 20.35
CA PRO C 443 -6.16 14.50 20.11
C PRO C 443 -6.82 15.44 19.10
N VAL C 444 -7.33 14.90 17.99
CA VAL C 444 -8.00 15.76 17.01
C VAL C 444 -9.22 15.05 16.51
N SER C 445 -10.20 15.81 16.04
CA SER C 445 -11.44 15.24 15.56
C SER C 445 -11.25 14.25 14.43
N GLY C 446 -11.92 13.10 14.56
CA GLY C 446 -11.82 12.08 13.54
C GLY C 446 -10.59 11.20 13.63
N LEU C 447 -9.59 11.64 14.41
CA LEU C 447 -8.35 10.89 14.55
C LEU C 447 -8.01 10.54 15.99
N GLY C 448 -7.40 9.38 16.21
CA GLY C 448 -7.03 8.97 17.55
C GLY C 448 -6.17 7.71 17.57
N SER C 449 -5.92 7.19 18.77
CA SER C 449 -5.12 5.98 18.91
C SER C 449 -5.94 4.86 19.49
N LYS C 450 -5.50 3.63 19.27
CA LYS C 450 -6.17 2.44 19.78
C LYS C 450 -5.15 1.66 20.59
N MSE C 451 -5.64 1.00 21.62
CA MSE C 451 -4.80 0.23 22.52
C MSE C 451 -5.34 -1.18 22.63
O MSE C 451 -6.48 -1.39 23.06
CB MSE C 451 -4.80 0.86 23.91
CG MSE C 451 -4.29 -0.07 24.99
SE MSE C 451 -4.62 0.55 26.79
CE MSE C 451 -2.83 1.17 27.20
N GLY C 452 -4.53 -2.15 22.23
CA GLY C 452 -4.95 -3.54 22.32
C GLY C 452 -4.09 -4.19 23.38
N LEU C 453 -4.69 -4.91 24.33
CA LEU C 453 -3.90 -5.57 25.35
C LEU C 453 -4.36 -7.01 25.51
N ASP C 454 -3.46 -7.97 25.37
CA ASP C 454 -3.92 -9.34 25.56
C ASP C 454 -3.45 -9.95 26.88
N ALA C 455 -4.42 -10.51 27.57
CA ALA C 455 -4.19 -11.19 28.84
C ALA C 455 -4.06 -12.68 28.58
N THR C 456 -3.82 -13.07 27.33
CA THR C 456 -3.68 -14.49 26.99
C THR C 456 -2.45 -15.11 27.63
N ASN C 457 -2.55 -16.38 28.00
CA ASN C 457 -1.41 -17.09 28.61
C ASN C 457 -0.23 -17.01 27.63
N LYS C 458 0.94 -16.62 28.11
CA LYS C 458 2.07 -16.52 27.21
C LYS C 458 2.78 -17.85 26.96
N TRP C 459 2.97 -18.19 25.68
CA TRP C 459 3.63 -19.43 25.25
C TRP C 459 5.12 -19.22 25.16
N PRO C 460 5.91 -20.32 25.16
CA PRO C 460 7.36 -20.15 25.07
C PRO C 460 7.69 -19.33 23.83
N GLY C 461 8.57 -18.34 23.98
CA GLY C 461 8.92 -17.47 22.88
C GLY C 461 8.39 -16.09 23.22
N GLU C 462 7.22 -16.08 23.86
CA GLU C 462 6.59 -14.85 24.30
C GLU C 462 7.10 -14.60 25.70
N THR C 463 7.61 -15.67 26.33
CA THR C 463 8.14 -15.57 27.68
C THR C 463 9.15 -16.66 27.96
N GLN C 464 10.17 -16.34 28.74
CA GLN C 464 11.16 -17.34 29.07
C GLN C 464 10.85 -17.93 30.44
N ARG C 465 9.87 -17.33 31.12
CA ARG C 465 9.47 -17.78 32.45
C ARG C 465 8.56 -18.99 32.47
N GLU C 466 8.45 -19.62 33.64
CA GLU C 466 7.57 -20.76 33.78
C GLU C 466 6.20 -20.17 34.05
N TRP C 467 5.29 -20.31 33.09
CA TRP C 467 3.95 -19.78 33.25
C TRP C 467 3.19 -20.60 34.27
N GLY C 468 2.30 -19.95 34.99
CA GLY C 468 1.53 -20.63 36.01
C GLY C 468 0.44 -21.58 35.55
N ARG C 469 0.20 -22.63 36.32
CA ARG C 469 -0.87 -23.56 35.99
C ARG C 469 -1.99 -23.05 36.86
N PRO C 470 -3.18 -22.85 36.29
CA PRO C 470 -4.35 -22.36 37.01
C PRO C 470 -5.01 -23.36 37.97
N ILE C 471 -5.36 -22.88 39.15
CA ILE C 471 -6.03 -23.76 40.09
C ILE C 471 -7.36 -24.15 39.48
N LYS C 472 -7.61 -25.46 39.40
CA LYS C 472 -8.86 -25.95 38.87
C LYS C 472 -9.50 -26.81 39.96
N LYS C 473 -10.80 -26.61 40.17
CA LYS C 473 -11.55 -27.33 41.19
C LYS C 473 -11.71 -28.83 40.89
N ASP C 474 -11.95 -29.63 41.93
CA ASP C 474 -12.13 -31.05 41.71
C ASP C 474 -13.62 -31.32 41.53
N PRO C 475 -14.01 -31.67 40.29
CA PRO C 475 -15.40 -31.95 39.88
C PRO C 475 -16.15 -32.87 40.85
N ASP C 476 -15.45 -33.84 41.43
CA ASP C 476 -16.06 -34.76 42.38
C ASP C 476 -16.48 -34.00 43.63
N VAL C 477 -15.60 -33.11 44.08
CA VAL C 477 -15.86 -32.31 45.26
C VAL C 477 -17.05 -31.38 44.97
N VAL C 478 -17.01 -30.71 43.82
CA VAL C 478 -18.09 -29.81 43.45
C VAL C 478 -19.43 -30.56 43.51
N ALA C 479 -19.55 -31.62 42.70
CA ALA C 479 -20.77 -32.42 42.63
C ALA C 479 -21.27 -32.87 44.00
N HIS C 480 -20.35 -33.38 44.81
CA HIS C 480 -20.70 -33.84 46.12
C HIS C 480 -21.32 -32.73 46.94
N ILE C 481 -20.67 -31.56 46.94
CA ILE C 481 -21.19 -30.43 47.70
C ILE C 481 -22.45 -29.86 47.05
N ASP C 482 -22.58 -30.05 45.73
CA ASP C 482 -23.77 -29.57 45.07
C ASP C 482 -24.98 -30.28 45.67
N ALA C 483 -24.82 -31.56 45.99
CA ALA C 483 -25.89 -32.36 46.56
C ALA C 483 -26.19 -31.94 47.98
N ILE C 484 -25.13 -31.91 48.76
CA ILE C 484 -25.17 -31.55 50.17
C ILE C 484 -25.50 -30.09 50.44
N TRP C 485 -25.33 -29.23 49.44
CA TRP C 485 -25.57 -27.80 49.60
C TRP C 485 -26.88 -27.40 50.26
N ASP C 486 -27.96 -28.03 49.84
CA ASP C 486 -29.27 -27.74 50.37
C ASP C 486 -29.38 -28.22 51.80
N GLU C 487 -28.77 -29.36 52.08
CA GLU C 487 -28.81 -29.93 53.42
C GLU C 487 -27.95 -29.13 54.38
N LEU C 488 -26.92 -28.46 53.85
CA LEU C 488 -26.01 -27.67 54.67
C LEU C 488 -26.72 -26.47 55.26
N ALA C 489 -27.67 -25.94 54.49
CA ALA C 489 -28.48 -24.79 54.90
C ALA C 489 -27.63 -23.69 55.55
N ILE C 490 -26.59 -23.28 54.86
CA ILE C 490 -25.73 -22.23 55.40
C ILE C 490 -26.43 -20.89 55.33
N PHE C 491 -27.19 -20.68 54.26
CA PHE C 491 -27.93 -19.44 54.06
C PHE C 491 -29.32 -19.51 54.68
OH2 1PE D . 16.14 17.73 -6.59
C12 1PE D . 16.91 18.06 -7.70
C22 1PE D . 18.37 17.79 -7.39
OH3 1PE D . 19.10 18.13 -8.56
C13 1PE D . 21.18 18.34 -9.74
C23 1PE D . 20.49 17.94 -8.43
OH4 1PE D . 21.43 19.76 -9.83
C14 1PE D . 20.64 21.11 -11.65
C24 1PE D . 20.38 20.62 -10.23
OH5 1PE D . 19.57 21.97 -11.98
C15 1PE D . 18.30 22.54 -13.88
C25 1PE D . 19.70 22.48 -13.29
OH6 1PE D . 17.62 23.68 -13.37
C16 1PE D . 16.20 23.76 -11.51
C26 1PE D . 16.29 23.40 -12.98
OH7 1PE D . 16.09 25.17 -11.40
C1 EDO E . 26.36 -14.78 9.91
O1 EDO E . 26.51 -13.76 8.91
C2 EDO E . 26.20 -16.26 9.45
O2 EDO E . 25.77 -16.47 8.10
OH2 1PE F . -7.67 21.43 1.91
C12 1PE F . -6.67 20.71 1.21
C22 1PE F . -6.56 21.20 -0.22
OH3 1PE F . -5.55 20.44 -0.87
C13 1PE F . -4.24 19.95 -2.86
C23 1PE F . -5.34 20.81 -2.23
OH4 1PE F . -4.58 18.57 -2.86
C14 1PE F . -4.36 17.18 -0.92
C24 1PE F . -3.69 17.66 -2.20
OH5 1PE F . -4.86 15.89 -1.17
C15 1PE F . -6.85 14.84 -0.41
C25 1PE F . -5.49 15.37 0.00
OH6 1PE F . -7.72 14.95 0.70
C16 1PE F . -9.21 16.67 1.22
C26 1PE F . -8.99 15.46 0.35
OH7 1PE F . -8.42 17.73 0.69
OH2 1PE G . -1.62 -29.11 26.31
C12 1PE G . -1.52 -27.70 26.23
C22 1PE G . -0.16 -27.32 25.70
OH3 1PE G . -0.05 -25.90 25.62
C13 1PE G . 1.28 -23.93 25.08
C23 1PE G . 1.21 -25.45 25.13
OH4 1PE G . 1.22 -23.33 26.37
C14 1PE G . -0.29 -23.31 28.25
C24 1PE G . -0.05 -22.82 26.82
OH5 1PE G . 0.52 -22.56 29.15
C15 1PE G . 1.68 -23.08 31.20
C25 1PE G . 0.33 -22.97 30.51
OH6 1PE G . 1.74 -24.30 31.93
C16 1PE G . 2.78 -26.38 31.55
C26 1PE G . 3.01 -24.92 31.87
OH7 1PE G . 3.72 -26.76 30.56
C1 EDO H . -29.32 1.51 17.48
O1 EDO H . -29.49 2.86 17.95
C2 EDO H . -28.23 0.61 18.13
O2 EDO H . -27.18 1.26 18.85
C1 EDO I . -16.45 -20.02 29.53
O1 EDO I . -17.25 -19.00 30.14
C2 EDO I . -15.41 -20.75 30.40
O2 EDO I . -15.01 -20.06 31.58
#